data_3T63
#
_entry.id   3T63
#
_cell.length_a   128.119
_cell.length_b   140.618
_cell.length_c   167.879
_cell.angle_alpha   90.000
_cell.angle_beta   90.000
_cell.angle_gamma   90.000
#
_symmetry.space_group_name_H-M   'I 2 2 2'
#
loop_
_entity.id
_entity.type
_entity.pdbx_description
1 polymer 'Protocatechuate 3,4-dioxygenase alpha chain'
2 polymer 'Protocatechuate 3,4-dioxygenase beta chain'
3 non-polymer BETA-MERCAPTOETHANOL
4 non-polymer GLYCEROL
5 non-polymer 'SULFATE ION'
6 non-polymer 'FE (III) ION'
7 water water
#
loop_
_entity_poly.entity_id
_entity_poly.type
_entity_poly.pdbx_seq_one_letter_code
_entity_poly.pdbx_strand_id
1 'polypeptide(L)'
;PIELLPETPSQTAGPYVHIGLALEAAGNPTRDQEIWNRLAKPDAPGEHILLLGQVYDGNGHLVRDSFLEVWQADANGEYQ
DAYNLENAFNSFGRTATTFDAGEWTLHTVKPGVVNNAAGVPMAPHINISLFARGINIHLHTRLYFDDEAQANAKCPVLNL
IEQPQRRETLIAKRCEVDGKTAYRFDIRIQGEGETVFFDF
;
A,B,C
2 'polypeptide(L)'
;PAQDNSRFVIRDRNWHPKALTPDYKTSIARSPRQALVSIPQSISETTGPNFSHLGFGAHDHDLLLNFNNGGLPIGERIIV
AGRVVDQYGKPVPNTLVEMWQANAGGRYRHKNDRYLAPLDPNFGGVGRCLTDSDGYYSFRTIKPGPAPWRNGPNDWRPAH
IYFGISGPSIATKLITQLYFEGDPLIPMCPIVKSIANPEAVQQLIAKLDMNNANPMDCLAYRFDIVLRGQRKTHFENC
;
M,N,O
#
loop_
_chem_comp.id
_chem_comp.type
_chem_comp.name
_chem_comp.formula
BME non-polymer BETA-MERCAPTOETHANOL 'C2 H6 O S'
FE non-polymer 'FE (III) ION' 'Fe 3'
GOL non-polymer GLYCEROL 'C3 H8 O3'
SO4 non-polymer 'SULFATE ION' 'O4 S -2'
#
# COMPACT_ATOMS: atom_id res chain seq x y z
N PRO A 1 -29.10 -0.26 -10.37
CA PRO A 1 -29.23 -1.72 -10.36
C PRO A 1 -29.93 -2.15 -9.11
N ILE A 2 -30.23 -3.44 -9.00
CA ILE A 2 -30.88 -3.98 -7.81
C ILE A 2 -29.86 -4.06 -6.68
N GLU A 3 -30.17 -3.39 -5.58
CA GLU A 3 -29.28 -3.39 -4.42
C GLU A 3 -30.04 -4.00 -3.28
N LEU A 4 -29.55 -5.13 -2.76
CA LEU A 4 -30.15 -5.81 -1.62
C LEU A 4 -29.76 -5.15 -0.31
N LEU A 5 -30.27 -5.66 0.80
CA LEU A 5 -29.75 -5.19 2.09
C LEU A 5 -28.27 -5.49 2.12
N PRO A 6 -27.43 -4.56 2.58
CA PRO A 6 -26.01 -4.92 2.69
C PRO A 6 -25.76 -5.93 3.80
N GLU A 7 -24.79 -6.82 3.57
CA GLU A 7 -24.36 -7.78 4.59
C GLU A 7 -23.75 -7.04 5.80
N THR A 8 -23.98 -7.52 7.00
CA THR A 8 -23.25 -7.01 8.18
C THR A 8 -21.74 -7.12 7.92
N PRO A 9 -20.98 -6.02 8.14
CA PRO A 9 -19.55 -6.11 7.87
C PRO A 9 -18.81 -6.93 8.92
N SER A 10 -17.80 -7.65 8.46
CA SER A 10 -16.90 -8.41 9.33
C SER A 10 -16.06 -7.51 10.23
N GLN A 11 -15.64 -8.06 11.36
CA GLN A 11 -14.59 -7.45 12.19
C GLN A 11 -13.70 -8.58 12.67
N THR A 12 -12.50 -8.22 13.08
CA THR A 12 -11.57 -9.22 13.63
C THR A 12 -12.19 -9.98 14.81
N ALA A 13 -11.83 -11.25 14.91
CA ALA A 13 -12.27 -12.06 16.05
C ALA A 13 -11.50 -11.68 17.31
N GLY A 14 -10.39 -10.94 17.15
CA GLY A 14 -9.68 -10.39 18.31
C GLY A 14 -8.80 -11.38 19.05
N PRO A 15 -8.00 -10.88 19.99
CA PRO A 15 -7.06 -11.74 20.69
C PRO A 15 -7.74 -12.69 21.68
N TYR A 16 -8.99 -12.43 22.03
CA TYR A 16 -9.68 -13.23 23.06
C TYR A 16 -10.77 -14.13 22.47
N VAL A 17 -10.67 -14.39 21.17
CA VAL A 17 -11.62 -15.27 20.48
C VAL A 17 -11.85 -16.60 21.20
N HIS A 18 -10.80 -17.13 21.83
CA HIS A 18 -10.93 -18.45 22.42
C HIS A 18 -11.91 -18.44 23.60
N ILE A 19 -12.08 -17.31 24.28
CA ILE A 19 -13.00 -17.34 25.42
C ILE A 19 -14.44 -17.58 24.93
N GLY A 20 -14.75 -17.17 23.71
CA GLY A 20 -16.07 -17.38 23.14
C GLY A 20 -16.22 -18.67 22.34
N LEU A 21 -15.15 -19.10 21.67
CA LEU A 21 -15.27 -20.16 20.67
C LEU A 21 -14.32 -21.33 20.87
N ALA A 22 -13.46 -21.22 21.87
CA ALA A 22 -12.48 -22.31 22.14
C ALA A 22 -12.18 -22.34 23.62
N LEU A 23 -13.19 -22.71 24.39
CA LEU A 23 -13.17 -22.50 25.83
C LEU A 23 -12.02 -23.27 26.49
N GLU A 24 -11.89 -24.55 26.15
CA GLU A 24 -10.80 -25.39 26.69
C GLU A 24 -9.42 -24.86 26.28
N ALA A 25 -9.28 -24.41 25.04
CA ALA A 25 -8.04 -23.78 24.57
C ALA A 25 -7.74 -22.46 25.31
N ALA A 26 -8.80 -21.79 25.79
CA ALA A 26 -8.67 -20.54 26.54
C ALA A 26 -8.28 -20.80 27.99
N GLY A 27 -8.32 -22.06 28.40
CA GLY A 27 -8.08 -22.43 29.81
C GLY A 27 -9.23 -22.08 30.74
N ASN A 28 -10.43 -21.91 30.18
CA ASN A 28 -11.64 -21.58 30.94
C ASN A 28 -12.55 -22.80 31.06
N PRO A 29 -13.50 -22.78 32.02
CA PRO A 29 -14.41 -23.92 32.15
C PRO A 29 -15.23 -24.11 30.89
N THR A 30 -15.49 -25.37 30.55
CA THR A 30 -16.30 -25.71 29.39
C THR A 30 -17.74 -25.97 29.79
N ARG A 31 -18.63 -25.93 28.80
CA ARG A 31 -20.03 -26.29 29.00
C ARG A 31 -20.18 -27.78 28.71
N ASP A 32 -21.37 -28.34 28.90
CA ASP A 32 -21.56 -29.79 28.69
C ASP A 32 -21.23 -30.21 27.26
N GLN A 33 -21.62 -29.38 26.29
CA GLN A 33 -21.37 -29.70 24.89
C GLN A 33 -20.59 -28.57 24.24
N GLU A 34 -19.45 -28.93 23.66
CA GLU A 34 -18.59 -27.99 22.92
C GLU A 34 -18.31 -28.50 21.52
N ILE A 35 -18.21 -27.56 20.58
CA ILE A 35 -17.84 -27.84 19.18
C ILE A 35 -16.31 -27.77 19.11
N TRP A 36 -15.66 -28.92 18.90
CA TRP A 36 -14.21 -28.92 18.96
C TRP A 36 -13.58 -29.76 17.84
N ASN A 37 -12.43 -30.38 18.09
CA ASN A 37 -11.50 -30.79 17.03
C ASN A 37 -11.54 -32.28 16.70
N ARG A 38 -12.49 -33.00 17.28
CA ARG A 38 -12.65 -34.42 17.00
C ARG A 38 -13.87 -34.64 16.12
N LEU A 39 -13.66 -34.60 14.81
CA LEU A 39 -14.74 -34.82 13.87
C LEU A 39 -15.18 -36.27 13.81
N ALA A 40 -14.23 -37.19 14.04
CA ALA A 40 -14.53 -38.62 13.96
C ALA A 40 -14.26 -39.32 15.28
N LYS A 41 -15.24 -40.09 15.75
CA LYS A 41 -15.03 -41.06 16.81
C LYS A 41 -14.43 -42.32 16.18
N PRO A 42 -13.80 -43.20 16.99
CA PRO A 42 -13.19 -44.42 16.46
C PRO A 42 -14.08 -45.25 15.51
N ASP A 43 -15.38 -45.22 15.78
N ASP A 43 -15.38 -45.31 15.79
CA ASP A 43 -16.42 -45.98 15.07
CA ASP A 43 -16.30 -46.09 14.97
C ASP A 43 -16.85 -45.39 13.70
C ASP A 43 -16.48 -45.58 13.54
N ALA A 44 -16.23 -44.28 13.31
CA ALA A 44 -16.50 -43.68 12.01
C ALA A 44 -15.87 -44.50 10.88
N PRO A 45 -16.62 -44.74 9.78
CA PRO A 45 -16.01 -45.39 8.63
C PRO A 45 -14.99 -44.48 7.94
N GLY A 46 -14.02 -45.09 7.25
CA GLY A 46 -12.99 -44.34 6.55
C GLY A 46 -11.61 -44.45 7.16
N GLU A 47 -10.64 -43.78 6.54
N GLU A 47 -10.64 -43.76 6.54
CA GLU A 47 -9.26 -43.77 7.01
CA GLU A 47 -9.27 -43.77 7.01
C GLU A 47 -9.10 -42.70 8.07
C GLU A 47 -9.11 -42.70 8.07
N HIS A 48 -8.87 -43.11 9.31
CA HIS A 48 -8.63 -42.16 10.41
C HIS A 48 -7.30 -41.46 10.31
N ILE A 49 -7.33 -40.14 10.42
CA ILE A 49 -6.16 -39.32 10.22
C ILE A 49 -6.06 -38.22 11.26
N LEU A 50 -4.83 -37.86 11.60
CA LEU A 50 -4.50 -36.68 12.40
C LEU A 50 -4.06 -35.57 11.45
N LEU A 51 -4.62 -34.37 11.64
CA LEU A 51 -4.16 -33.19 10.93
C LEU A 51 -3.55 -32.25 11.93
N LEU A 52 -2.47 -31.58 11.52
CA LEU A 52 -1.81 -30.64 12.41
C LEU A 52 -1.14 -29.54 11.60
N GLY A 53 -0.91 -28.40 12.24
CA GLY A 53 -0.25 -27.33 11.52
C GLY A 53 0.08 -26.16 12.39
N GLN A 54 0.93 -25.29 11.86
CA GLN A 54 1.25 -24.03 12.48
C GLN A 54 0.92 -22.90 11.51
N VAL A 55 0.72 -21.70 12.07
CA VAL A 55 0.29 -20.53 11.28
C VAL A 55 1.32 -19.45 11.48
N TYR A 56 1.75 -18.84 10.37
CA TYR A 56 2.83 -17.85 10.40
C TYR A 56 2.40 -16.53 9.83
N ASP A 57 2.89 -15.43 10.39
CA ASP A 57 2.64 -14.11 9.85
C ASP A 57 3.68 -13.73 8.80
N GLY A 58 3.59 -12.51 8.30
CA GLY A 58 4.42 -12.08 7.19
C GLY A 58 5.88 -11.88 7.57
N ASN A 59 6.18 -11.89 8.86
CA ASN A 59 7.57 -11.83 9.30
C ASN A 59 8.12 -13.21 9.62
N GLY A 60 7.33 -14.23 9.35
CA GLY A 60 7.76 -15.59 9.62
C GLY A 60 7.57 -16.02 11.05
N HIS A 61 6.81 -15.26 11.84
CA HIS A 61 6.60 -15.57 13.24
C HIS A 61 5.29 -16.31 13.50
N LEU A 62 5.32 -17.19 14.48
CA LEU A 62 4.14 -17.97 14.82
C LEU A 62 2.97 -17.11 15.24
N VAL A 63 1.79 -17.48 14.76
CA VAL A 63 0.52 -16.90 15.19
C VAL A 63 -0.01 -17.78 16.31
N ARG A 64 -0.01 -17.25 17.53
CA ARG A 64 -0.29 -18.05 18.69
C ARG A 64 -1.66 -17.77 19.27
N ASP A 65 -2.55 -17.25 18.43
CA ASP A 65 -3.88 -16.86 18.88
C ASP A 65 -4.90 -17.08 17.78
N SER A 66 -4.58 -18.00 16.86
CA SER A 66 -5.51 -18.25 15.75
C SER A 66 -6.67 -19.18 16.12
N PHE A 67 -7.73 -19.08 15.33
CA PHE A 67 -8.88 -19.91 15.50
C PHE A 67 -9.27 -20.42 14.10
N LEU A 68 -9.49 -21.73 13.97
CA LEU A 68 -9.77 -22.35 12.67
C LEU A 68 -11.07 -23.09 12.72
N GLU A 69 -11.88 -22.92 11.67
CA GLU A 69 -13.09 -23.73 11.49
C GLU A 69 -12.93 -24.57 10.24
N VAL A 70 -13.33 -25.84 10.32
CA VAL A 70 -13.15 -26.75 9.19
C VAL A 70 -14.47 -27.41 8.79
N TRP A 71 -14.60 -27.72 7.50
CA TRP A 71 -15.80 -28.31 6.96
C TRP A 71 -15.34 -29.27 5.88
N GLN A 72 -15.72 -30.55 6.02
CA GLN A 72 -15.24 -31.59 5.09
C GLN A 72 -16.30 -32.65 4.86
N ALA A 73 -16.22 -33.34 3.72
CA ALA A 73 -17.10 -34.49 3.48
C ALA A 73 -16.68 -35.67 4.36
N ASP A 74 -17.62 -36.58 4.56
CA ASP A 74 -17.29 -37.88 5.14
C ASP A 74 -16.50 -38.73 4.12
N ALA A 75 -16.21 -39.97 4.48
CA ALA A 75 -15.39 -40.83 3.62
C ALA A 75 -16.04 -41.18 2.27
N ASN A 76 -17.37 -41.06 2.21
CA ASN A 76 -18.16 -41.27 0.98
C ASN A 76 -18.22 -40.03 0.06
N GLY A 77 -17.67 -38.90 0.53
CA GLY A 77 -17.76 -37.66 -0.22
C GLY A 77 -19.11 -36.98 -0.05
N GLU A 78 -19.74 -37.19 1.12
CA GLU A 78 -21.01 -36.53 1.44
C GLU A 78 -20.84 -35.61 2.63
N TYR A 79 -21.46 -34.44 2.57
CA TYR A 79 -21.38 -33.48 3.65
C TYR A 79 -22.48 -33.75 4.66
N GLN A 80 -22.10 -33.83 5.93
CA GLN A 80 -23.06 -34.14 6.98
C GLN A 80 -23.34 -32.89 7.81
N ASP A 81 -24.49 -32.26 7.55
CA ASP A 81 -24.80 -30.99 8.21
C ASP A 81 -25.53 -31.12 9.55
N ALA A 82 -26.01 -32.31 9.89
CA ALA A 82 -26.76 -32.47 11.13
C ALA A 82 -25.79 -32.66 12.30
N TYR A 83 -25.34 -31.55 12.85
CA TYR A 83 -24.30 -31.56 13.86
C TYR A 83 -24.79 -32.12 15.19
N ASN A 84 -24.09 -33.11 15.72
CA ASN A 84 -24.50 -33.73 16.98
C ASN A 84 -23.31 -34.43 17.59
N LEU A 85 -23.04 -34.15 18.87
CA LEU A 85 -21.93 -34.80 19.56
C LEU A 85 -22.06 -36.32 19.69
N GLU A 86 -23.27 -36.83 19.48
CA GLU A 86 -23.52 -38.29 19.50
C GLU A 86 -23.09 -38.97 18.20
N ASN A 87 -22.91 -38.18 17.14
CA ASN A 87 -22.55 -38.73 15.83
C ASN A 87 -21.15 -39.33 15.85
N ALA A 88 -20.98 -40.48 15.18
CA ALA A 88 -19.64 -41.02 14.95
C ALA A 88 -18.81 -40.10 14.06
N PHE A 89 -19.47 -39.33 13.20
CA PHE A 89 -18.77 -38.35 12.37
C PHE A 89 -19.56 -37.06 12.23
N ASN A 90 -18.86 -35.93 12.35
CA ASN A 90 -19.39 -34.62 11.99
C ASN A 90 -18.49 -33.99 10.93
N SER A 91 -19.10 -33.33 9.96
CA SER A 91 -18.38 -32.65 8.90
C SER A 91 -17.73 -31.34 9.34
N PHE A 92 -18.14 -30.82 10.51
CA PHE A 92 -17.66 -29.53 10.99
C PHE A 92 -16.83 -29.69 12.24
N GLY A 93 -15.77 -28.87 12.36
CA GLY A 93 -15.07 -28.81 13.65
C GLY A 93 -14.31 -27.51 13.82
N ARG A 94 -13.70 -27.38 14.99
CA ARG A 94 -12.96 -26.17 15.35
C ARG A 94 -11.64 -26.58 15.97
N THR A 95 -10.62 -25.76 15.77
CA THR A 95 -9.34 -25.90 16.48
C THR A 95 -8.71 -24.52 16.67
N ALA A 96 -7.55 -24.48 17.31
CA ALA A 96 -6.95 -23.21 17.66
C ALA A 96 -5.46 -23.39 17.87
N THR A 97 -4.74 -22.28 17.71
CA THR A 97 -3.36 -22.18 18.21
C THR A 97 -3.37 -21.21 19.41
N THR A 98 -2.58 -21.55 20.42
CA THR A 98 -2.54 -20.81 21.69
C THR A 98 -1.10 -20.61 22.14
N PHE A 99 -0.91 -19.84 23.21
CA PHE A 99 0.43 -19.61 23.73
C PHE A 99 1.07 -20.92 24.19
N ASP A 100 0.27 -21.79 24.80
CA ASP A 100 0.77 -23.08 25.32
C ASP A 100 0.88 -24.15 24.24
N ALA A 101 0.05 -24.04 23.20
CA ALA A 101 0.00 -25.01 22.11
C ALA A 101 -0.10 -24.32 20.77
N GLY A 102 1.05 -24.02 20.18
CA GLY A 102 1.11 -23.23 18.95
C GLY A 102 0.77 -24.02 17.69
N GLU A 103 0.64 -25.34 17.84
CA GLU A 103 0.34 -26.23 16.73
C GLU A 103 -1.07 -26.78 16.91
N TRP A 104 -1.99 -26.41 16.02
CA TRP A 104 -3.35 -26.93 16.10
C TRP A 104 -3.41 -28.39 15.66
N THR A 105 -4.42 -29.10 16.13
CA THR A 105 -4.69 -30.47 15.69
C THR A 105 -6.16 -30.72 15.40
N LEU A 106 -6.42 -31.71 14.54
CA LEU A 106 -7.77 -32.19 14.24
C LEU A 106 -7.71 -33.68 14.13
N HIS A 107 -8.76 -34.35 14.58
CA HIS A 107 -8.88 -35.82 14.52
C HIS A 107 -10.07 -36.15 13.67
N THR A 108 -9.83 -36.74 12.51
CA THR A 108 -10.88 -36.87 11.52
C THR A 108 -10.68 -38.10 10.65
N VAL A 109 -11.45 -38.21 9.57
CA VAL A 109 -11.22 -39.22 8.53
C VAL A 109 -10.92 -38.49 7.23
N LYS A 110 -10.22 -39.14 6.32
CA LYS A 110 -9.96 -38.52 5.03
C LYS A 110 -11.26 -38.36 4.24
N PRO A 111 -11.54 -37.15 3.75
CA PRO A 111 -12.77 -36.97 2.99
C PRO A 111 -12.75 -37.67 1.64
N GLY A 112 -13.91 -38.15 1.23
CA GLY A 112 -14.09 -38.66 -0.11
C GLY A 112 -14.20 -37.55 -1.15
N VAL A 113 -14.25 -37.98 -2.41
CA VAL A 113 -14.33 -37.07 -3.56
C VAL A 113 -15.73 -36.47 -3.66
N VAL A 114 -15.73 -35.18 -3.93
CA VAL A 114 -16.92 -34.37 -4.17
C VAL A 114 -16.82 -33.73 -5.57
N ASN A 115 -17.89 -33.78 -6.38
CA ASN A 115 -17.88 -33.05 -7.67
C ASN A 115 -18.15 -31.57 -7.48
N ASN A 116 -17.55 -30.76 -8.36
CA ASN A 116 -17.95 -29.34 -8.44
C ASN A 116 -19.34 -29.23 -9.10
N ALA A 117 -19.83 -28.00 -9.27
CA ALA A 117 -21.21 -27.81 -9.73
C ALA A 117 -21.37 -28.29 -11.17
N ALA A 118 -20.26 -28.33 -11.91
CA ALA A 118 -20.26 -28.76 -13.31
C ALA A 118 -20.06 -30.28 -13.46
N GLY A 119 -19.98 -31.01 -12.34
CA GLY A 119 -19.83 -32.46 -12.34
C GLY A 119 -18.41 -32.98 -12.48
N VAL A 120 -17.42 -32.09 -12.30
CA VAL A 120 -16.01 -32.46 -12.40
C VAL A 120 -15.47 -32.78 -11.00
N PRO A 121 -14.84 -33.96 -10.81
CA PRO A 121 -14.44 -34.33 -9.44
C PRO A 121 -13.33 -33.43 -8.87
N MET A 122 -13.55 -32.95 -7.64
CA MET A 122 -12.51 -32.23 -6.92
C MET A 122 -11.65 -33.22 -6.16
N ALA A 123 -10.36 -32.91 -6.02
CA ALA A 123 -9.51 -33.79 -5.21
C ALA A 123 -9.95 -33.71 -3.74
N PRO A 124 -9.69 -34.75 -2.92
CA PRO A 124 -10.09 -34.71 -1.51
C PRO A 124 -9.58 -33.44 -0.82
N HIS A 125 -10.46 -32.73 -0.10
CA HIS A 125 -10.03 -31.49 0.55
C HIS A 125 -10.80 -31.22 1.82
N ILE A 126 -10.17 -30.44 2.69
N ILE A 126 -10.21 -30.43 2.69
CA ILE A 126 -10.79 -29.87 3.88
CA ILE A 126 -10.93 -29.91 3.86
C ILE A 126 -10.98 -28.38 3.61
C ILE A 126 -10.98 -28.40 3.73
N ASN A 127 -12.19 -27.84 3.83
CA ASN A 127 -12.37 -26.37 3.75
C ASN A 127 -12.01 -25.75 5.09
N ILE A 128 -11.20 -24.71 5.06
CA ILE A 128 -10.73 -24.05 6.28
C ILE A 128 -11.07 -22.55 6.28
N SER A 129 -11.55 -22.05 7.41
CA SER A 129 -11.67 -20.62 7.62
C SER A 129 -10.80 -20.22 8.81
N LEU A 130 -9.95 -19.24 8.60
CA LEU A 130 -8.95 -18.81 9.58
C LEU A 130 -9.30 -17.43 10.14
N PHE A 131 -9.35 -17.33 11.46
CA PHE A 131 -9.66 -16.12 12.20
C PHE A 131 -8.54 -15.80 13.19
N ALA A 132 -8.30 -14.53 13.47
CA ALA A 132 -7.33 -14.13 14.51
C ALA A 132 -7.33 -12.63 14.67
N ARG A 133 -6.78 -12.16 15.78
CA ARG A 133 -6.38 -10.76 15.85
C ARG A 133 -5.57 -10.38 14.60
N GLY A 134 -5.85 -9.20 14.07
CA GLY A 134 -5.18 -8.71 12.88
C GLY A 134 -5.79 -9.15 11.57
N ILE A 135 -6.72 -10.11 11.62
CA ILE A 135 -7.44 -10.61 10.44
C ILE A 135 -8.84 -10.03 10.45
N ASN A 136 -9.09 -9.06 9.58
CA ASN A 136 -10.35 -8.31 9.65
C ASN A 136 -11.56 -9.06 9.13
N ILE A 137 -11.33 -9.87 8.09
CA ILE A 137 -12.33 -10.79 7.58
C ILE A 137 -11.59 -12.13 7.42
N HIS A 138 -12.24 -13.20 7.85
CA HIS A 138 -11.58 -14.52 7.83
C HIS A 138 -11.08 -14.93 6.45
N LEU A 139 -10.02 -15.72 6.47
CA LEU A 139 -9.38 -16.18 5.26
C LEU A 139 -9.83 -17.60 4.97
N HIS A 140 -10.25 -17.84 3.73
CA HIS A 140 -10.69 -19.18 3.31
C HIS A 140 -9.55 -19.89 2.61
N THR A 141 -9.33 -21.16 2.95
CA THR A 141 -8.37 -21.94 2.20
C THR A 141 -8.82 -23.38 2.11
N ARG A 142 -8.04 -24.23 1.45
CA ARG A 142 -8.35 -25.65 1.39
C ARG A 142 -7.08 -26.41 1.69
N LEU A 143 -7.24 -27.49 2.45
CA LEU A 143 -6.17 -28.45 2.71
C LEU A 143 -6.41 -29.65 1.79
N TYR A 144 -5.45 -29.87 0.90
CA TYR A 144 -5.40 -31.07 0.05
C TYR A 144 -4.27 -31.97 0.58
N PHE A 145 -4.14 -33.18 0.00
CA PHE A 145 -3.25 -34.21 0.57
C PHE A 145 -2.18 -34.65 -0.43
N ASP A 146 -0.94 -34.78 0.04
CA ASP A 146 0.16 -35.11 -0.88
C ASP A 146 0.15 -36.54 -1.38
N ASP A 147 -0.65 -37.39 -0.74
CA ASP A 147 -0.86 -38.77 -1.20
C ASP A 147 -2.03 -38.88 -2.20
N GLU A 148 -2.48 -37.71 -2.67
CA GLU A 148 -3.50 -37.63 -3.72
C GLU A 148 -2.98 -36.85 -4.94
N ALA A 149 -1.69 -36.94 -5.24
CA ALA A 149 -1.09 -36.09 -6.28
C ALA A 149 -1.80 -36.20 -7.64
N GLN A 150 -2.19 -37.41 -8.04
CA GLN A 150 -2.84 -37.56 -9.36
C GLN A 150 -4.21 -36.88 -9.39
N ALA A 151 -4.99 -37.01 -8.32
CA ALA A 151 -6.28 -36.32 -8.23
C ALA A 151 -6.09 -34.81 -8.12
N ASN A 152 -5.08 -34.38 -7.36
CA ASN A 152 -4.83 -32.94 -7.18
C ASN A 152 -4.51 -32.29 -8.52
N ALA A 153 -3.78 -33.00 -9.37
CA ALA A 153 -3.35 -32.44 -10.65
C ALA A 153 -4.53 -32.09 -11.57
N LYS A 154 -5.66 -32.77 -11.37
CA LYS A 154 -6.86 -32.57 -12.18
C LYS A 154 -7.96 -31.83 -11.44
N CYS A 155 -7.70 -31.39 -10.21
CA CYS A 155 -8.76 -30.71 -9.46
C CYS A 155 -9.14 -29.38 -10.12
N PRO A 156 -10.45 -29.18 -10.40
CA PRO A 156 -10.80 -27.92 -11.08
C PRO A 156 -10.66 -26.69 -10.21
N VAL A 157 -10.64 -26.87 -8.89
CA VAL A 157 -10.38 -25.74 -8.00
C VAL A 157 -8.87 -25.44 -7.96
N LEU A 158 -8.01 -26.43 -7.76
CA LEU A 158 -6.58 -26.13 -7.82
C LEU A 158 -6.17 -25.52 -9.16
N ASN A 159 -6.85 -25.93 -10.23
CA ASN A 159 -6.48 -25.45 -11.55
C ASN A 159 -6.91 -24.01 -11.84
N LEU A 160 -7.71 -23.43 -10.95
CA LEU A 160 -8.04 -21.99 -11.01
C LEU A 160 -6.94 -21.11 -10.45
N ILE A 161 -5.97 -21.73 -9.77
CA ILE A 161 -4.79 -21.03 -9.28
C ILE A 161 -3.82 -21.00 -10.46
N GLU A 162 -3.53 -19.80 -10.96
CA GLU A 162 -2.87 -19.65 -12.26
C GLU A 162 -1.48 -20.25 -12.26
N GLN A 163 -0.77 -20.10 -11.15
CA GLN A 163 0.62 -20.56 -11.04
C GLN A 163 0.79 -21.88 -10.33
N PRO A 164 1.38 -22.87 -11.00
CA PRO A 164 1.58 -24.16 -10.35
C PRO A 164 2.33 -24.07 -9.00
N GLN A 165 3.30 -23.17 -8.88
CA GLN A 165 4.03 -23.00 -7.65
C GLN A 165 3.09 -22.67 -6.47
N ARG A 166 2.08 -21.84 -6.72
CA ARG A 166 1.14 -21.49 -5.64
C ARG A 166 0.20 -22.63 -5.25
N ARG A 167 -0.12 -23.53 -6.19
CA ARG A 167 -0.92 -24.71 -5.83
C ARG A 167 -0.26 -25.56 -4.76
N GLU A 168 1.08 -25.58 -4.75
CA GLU A 168 1.82 -26.37 -3.77
C GLU A 168 1.55 -25.93 -2.33
N THR A 169 1.14 -24.67 -2.15
CA THR A 169 0.89 -24.16 -0.80
C THR A 169 -0.31 -24.81 -0.14
N LEU A 170 -1.13 -25.50 -0.93
CA LEU A 170 -2.35 -26.12 -0.41
C LEU A 170 -2.21 -27.62 -0.17
N ILE A 171 -0.99 -28.15 -0.32
CA ILE A 171 -0.80 -29.60 -0.26
C ILE A 171 -0.19 -30.01 1.07
N ALA A 172 -0.97 -30.65 1.92
CA ALA A 172 -0.48 -31.12 3.23
C ALA A 172 0.46 -32.32 3.07
N LYS A 173 1.44 -32.43 3.96
CA LYS A 173 2.46 -33.47 3.86
C LYS A 173 2.19 -34.62 4.82
N ARG A 174 2.06 -35.82 4.24
CA ARG A 174 1.81 -37.04 5.02
C ARG A 174 3.03 -37.47 5.81
N CYS A 175 2.76 -37.85 7.06
CA CYS A 175 3.78 -38.33 8.01
C CYS A 175 3.12 -39.44 8.85
N GLU A 176 3.89 -40.02 9.78
CA GLU A 176 3.31 -40.92 10.76
C GLU A 176 3.52 -40.28 12.12
N VAL A 177 2.49 -40.26 12.96
CA VAL A 177 2.61 -39.72 14.31
C VAL A 177 2.11 -40.76 15.29
N ASP A 178 3.02 -41.23 16.15
CA ASP A 178 2.75 -42.36 17.06
C ASP A 178 1.97 -43.49 16.37
N GLY A 179 2.49 -43.95 15.23
CA GLY A 179 1.91 -45.05 14.47
C GLY A 179 0.60 -44.77 13.75
N LYS A 180 0.21 -43.50 13.67
CA LYS A 180 -1.02 -43.13 12.99
C LYS A 180 -0.73 -42.18 11.83
N THR A 181 -1.47 -42.32 10.74
CA THR A 181 -1.33 -41.44 9.58
C THR A 181 -1.70 -40.01 9.97
N ALA A 182 -0.82 -39.09 9.61
CA ALA A 182 -1.00 -37.69 9.91
C ALA A 182 -0.60 -36.86 8.68
N TYR A 183 -1.13 -35.63 8.59
CA TYR A 183 -0.64 -34.69 7.59
C TYR A 183 -0.40 -33.35 8.25
N ARG A 184 0.71 -32.71 7.91
CA ARG A 184 0.99 -31.34 8.32
C ARG A 184 0.52 -30.35 7.28
N PHE A 185 -0.26 -29.37 7.75
CA PHE A 185 -0.68 -28.26 6.88
C PHE A 185 -0.37 -26.93 7.53
N ASP A 186 0.78 -26.35 7.19
CA ASP A 186 1.16 -25.04 7.69
C ASP A 186 0.57 -23.95 6.80
N ILE A 187 0.19 -22.83 7.42
CA ILE A 187 -0.36 -21.69 6.71
C ILE A 187 0.56 -20.50 6.88
N ARG A 188 0.89 -19.84 5.77
CA ARG A 188 1.68 -18.61 5.77
C ARG A 188 0.75 -17.50 5.28
N ILE A 189 0.43 -16.58 6.16
CA ILE A 189 -0.61 -15.60 5.84
C ILE A 189 -0.12 -14.61 4.78
N GLN A 190 1.20 -14.34 4.78
CA GLN A 190 1.76 -13.26 4.00
C GLN A 190 3.21 -13.52 3.63
N GLY A 191 3.57 -13.19 2.39
CA GLY A 191 4.97 -13.17 2.00
C GLY A 191 5.45 -14.45 1.35
N GLU A 192 6.68 -14.86 1.67
CA GLU A 192 7.28 -16.04 1.03
C GLU A 192 6.43 -17.27 1.33
N GLY A 193 6.05 -17.99 0.28
CA GLY A 193 5.24 -19.18 0.43
C GLY A 193 3.81 -18.88 0.86
N GLU A 194 3.36 -17.65 0.63
CA GLU A 194 2.01 -17.27 1.07
C GLU A 194 0.97 -18.28 0.60
N THR A 195 0.15 -18.73 1.55
CA THR A 195 -0.90 -19.71 1.27
C THR A 195 -1.96 -19.11 0.38
N VAL A 196 -2.43 -19.88 -0.60
CA VAL A 196 -3.54 -19.40 -1.42
C VAL A 196 -4.81 -19.26 -0.57
N PHE A 197 -5.47 -18.10 -0.71
CA PHE A 197 -6.76 -17.86 -0.05
C PHE A 197 -7.82 -17.63 -1.11
N PHE A 198 -9.03 -18.07 -0.82
CA PHE A 198 -10.13 -18.02 -1.81
C PHE A 198 -11.18 -16.98 -1.48
N ASP A 199 -11.87 -16.56 -2.53
CA ASP A 199 -13.13 -15.83 -2.39
C ASP A 199 -14.20 -16.66 -3.07
N PHE A 200 -15.37 -16.71 -2.45
CA PHE A 200 -16.52 -17.37 -3.05
C PHE A 200 -17.79 -16.89 -2.40
N PRO B 1 -16.22 15.06 21.58
CA PRO B 1 -15.10 14.99 22.53
C PRO B 1 -14.31 16.28 22.58
N ILE B 2 -13.41 16.36 23.56
CA ILE B 2 -12.55 17.53 23.70
C ILE B 2 -11.47 17.49 22.62
N GLU B 3 -11.42 18.52 21.78
CA GLU B 3 -10.44 18.61 20.71
C GLU B 3 -9.60 19.84 20.96
N LEU B 4 -8.31 19.62 21.19
CA LEU B 4 -7.40 20.73 21.44
C LEU B 4 -6.99 21.36 20.12
N LEU B 5 -6.18 22.41 20.19
CA LEU B 5 -5.55 22.92 18.97
C LEU B 5 -4.77 21.78 18.31
N PRO B 6 -4.89 21.59 16.99
CA PRO B 6 -4.06 20.57 16.36
C PRO B 6 -2.58 20.95 16.36
N GLU B 7 -1.72 19.95 16.51
CA GLU B 7 -0.28 20.17 16.43
C GLU B 7 0.07 20.59 14.99
N THR B 8 1.07 21.45 14.85
CA THR B 8 1.61 21.74 13.52
C THR B 8 2.08 20.44 12.86
N PRO B 9 1.66 20.17 11.61
CA PRO B 9 2.09 18.91 11.00
C PRO B 9 3.55 18.91 10.59
N SER B 10 4.18 17.73 10.72
CA SER B 10 5.55 17.53 10.29
C SER B 10 5.70 17.60 8.76
N GLN B 11 6.90 17.93 8.32
CA GLN B 11 7.30 17.77 6.91
C GLN B 11 8.73 17.25 6.91
N THR B 12 9.13 16.65 5.80
CA THR B 12 10.51 16.18 5.67
C THR B 12 11.53 17.30 5.93
N ALA B 13 12.67 16.93 6.52
CA ALA B 13 13.78 17.87 6.72
C ALA B 13 14.49 18.17 5.40
N GLY B 14 14.25 17.35 4.36
CA GLY B 14 14.78 17.58 3.02
C GLY B 14 16.26 17.27 2.88
N PRO B 15 16.75 17.28 1.62
CA PRO B 15 18.13 16.87 1.37
C PRO B 15 19.13 17.94 1.81
N TYR B 16 18.66 19.14 2.12
CA TYR B 16 19.55 20.27 2.47
C TYR B 16 19.46 20.63 3.95
N VAL B 17 19.00 19.67 4.75
CA VAL B 17 18.88 19.82 6.20
C VAL B 17 20.17 20.34 6.83
N HIS B 18 21.31 19.95 6.24
N HIS B 18 21.32 19.98 6.24
CA HIS B 18 22.59 20.31 6.81
CA HIS B 18 22.62 20.39 6.78
C HIS B 18 22.87 21.84 6.73
C HIS B 18 22.80 21.89 6.80
N ILE B 19 22.25 22.58 5.80
CA ILE B 19 22.37 24.04 5.76
CA ILE B 19 22.34 24.06 5.75
C ILE B 19 21.98 24.64 7.10
N GLY B 20 20.92 24.10 7.70
CA GLY B 20 20.37 24.67 8.90
C GLY B 20 20.88 24.04 10.18
N LEU B 21 21.20 22.74 10.12
CA LEU B 21 21.42 21.94 11.34
C LEU B 21 22.77 21.23 11.42
N ALA B 22 23.55 21.27 10.33
CA ALA B 22 24.84 20.59 10.27
C ALA B 22 25.75 21.36 9.31
N LEU B 23 26.08 22.59 9.69
CA LEU B 23 26.63 23.58 8.76
C LEU B 23 27.90 23.17 8.02
N GLU B 24 28.83 22.59 8.74
CA GLU B 24 30.05 22.13 8.11
C GLU B 24 29.78 21.14 6.95
N ALA B 25 28.85 20.21 7.20
CA ALA B 25 28.50 19.16 6.25
C ALA B 25 27.87 19.70 4.97
N ALA B 26 27.20 20.84 5.08
CA ALA B 26 26.61 21.50 3.92
C ALA B 26 27.71 22.10 3.04
N GLY B 27 28.91 22.17 3.61
CA GLY B 27 30.05 22.86 2.99
C GLY B 27 30.15 24.31 3.42
N ASN B 28 29.55 24.66 4.56
CA ASN B 28 29.39 26.05 4.89
C ASN B 28 30.15 26.47 6.16
N PRO B 29 30.46 27.77 6.26
CA PRO B 29 31.08 28.28 7.48
C PRO B 29 30.20 28.05 8.70
N THR B 30 30.83 27.74 9.83
CA THR B 30 30.10 27.58 11.08
C THR B 30 30.01 28.87 11.88
N ARG B 31 29.08 28.90 12.82
CA ARG B 31 28.94 30.02 13.73
C ARG B 31 29.83 29.73 14.93
N ASP B 32 30.00 30.71 15.81
N ASP B 32 29.95 30.70 15.83
CA ASP B 32 30.85 30.53 16.97
CA ASP B 32 30.81 30.57 16.99
C ASP B 32 30.46 29.25 17.73
C ASP B 32 30.46 29.38 17.89
N GLN B 33 29.17 29.09 18.00
CA GLN B 33 28.65 27.95 18.76
C GLN B 33 27.71 27.08 17.92
N GLU B 34 28.03 25.80 17.84
CA GLU B 34 27.22 24.83 17.12
C GLU B 34 26.90 23.64 18.01
N ILE B 35 25.68 23.11 17.85
CA ILE B 35 25.25 21.91 18.53
C ILE B 35 25.69 20.73 17.67
N TRP B 36 26.60 19.90 18.19
CA TRP B 36 27.14 18.85 17.33
C TRP B 36 27.36 17.56 18.09
N ASN B 37 28.40 16.80 17.71
CA ASN B 37 28.44 15.36 18.02
C ASN B 37 29.38 14.95 19.14
N ARG B 38 29.93 15.93 19.87
N ARG B 38 29.93 15.93 19.86
CA ARG B 38 30.82 15.62 20.99
CA ARG B 38 30.81 15.64 20.98
C ARG B 38 30.14 15.98 22.29
C ARG B 38 30.07 16.00 22.26
N LEU B 39 29.44 14.99 22.86
CA LEU B 39 28.61 15.20 24.05
C LEU B 39 29.47 15.33 25.29
N ALA B 40 30.63 14.68 25.27
CA ALA B 40 31.48 14.64 26.49
C ALA B 40 32.84 15.30 26.28
N LYS B 41 33.21 16.18 27.20
CA LYS B 41 34.57 16.70 27.26
C LYS B 41 35.41 15.56 27.81
N PRO B 42 36.74 15.59 27.55
CA PRO B 42 37.60 14.48 28.00
C PRO B 42 37.51 14.08 29.47
N ASP B 43 37.24 15.04 30.37
CA ASP B 43 37.14 14.69 31.79
C ASP B 43 35.71 14.54 32.35
N ALA B 44 34.73 14.35 31.47
CA ALA B 44 33.38 14.02 31.91
C ALA B 44 33.43 12.66 32.63
N PRO B 45 32.61 12.49 33.69
CA PRO B 45 32.60 11.20 34.36
C PRO B 45 32.10 10.07 33.46
N GLY B 46 32.56 8.86 33.71
CA GLY B 46 32.06 7.69 33.02
C GLY B 46 32.98 7.11 31.98
N GLU B 47 32.46 6.10 31.28
CA GLU B 47 33.21 5.37 30.27
C GLU B 47 33.04 6.05 28.91
N HIS B 48 34.12 6.61 28.40
CA HIS B 48 34.09 7.31 27.13
C HIS B 48 34.03 6.34 25.97
N ILE B 49 33.03 6.53 25.10
CA ILE B 49 32.78 5.64 23.97
C ILE B 49 32.50 6.42 22.69
N LEU B 50 32.82 5.78 21.57
CA LEU B 50 32.43 6.24 20.25
C LEU B 50 31.20 5.46 19.82
N LEU B 51 30.22 6.17 19.28
CA LEU B 51 29.09 5.51 18.63
C LEU B 51 29.20 5.83 17.14
N LEU B 52 28.88 4.86 16.30
CA LEU B 52 28.89 5.10 14.85
C LEU B 52 27.91 4.16 14.16
N GLY B 53 27.50 4.53 12.96
CA GLY B 53 26.56 3.70 12.23
C GLY B 53 26.29 4.21 10.85
N GLN B 54 25.64 3.36 10.08
CA GLN B 54 25.17 3.69 8.74
C GLN B 54 23.67 3.45 8.70
N VAL B 55 23.00 4.12 7.75
CA VAL B 55 21.54 4.09 7.67
C VAL B 55 21.18 3.58 6.27
N TYR B 56 20.28 2.60 6.23
CA TYR B 56 19.94 1.91 4.97
C TYR B 56 18.47 2.07 4.62
N ASP B 57 18.21 2.24 3.33
CA ASP B 57 16.82 2.27 2.86
C ASP B 57 16.31 0.87 2.54
N GLY B 58 15.08 0.78 2.05
CA GLY B 58 14.44 -0.50 1.79
C GLY B 58 15.05 -1.32 0.68
N ASN B 59 15.94 -0.73 -0.10
CA ASN B 59 16.67 -1.45 -1.14
C ASN B 59 18.04 -1.85 -0.69
N GLY B 60 18.37 -1.56 0.56
CA GLY B 60 19.69 -1.89 1.08
C GLY B 60 20.77 -0.88 0.74
N HIS B 61 20.37 0.31 0.28
CA HIS B 61 21.30 1.34 -0.11
C HIS B 61 21.46 2.38 0.98
N LEU B 62 22.68 2.91 1.10
CA LEU B 62 22.99 3.91 2.10
C LEU B 62 22.16 5.19 1.95
N VAL B 63 21.71 5.72 3.08
CA VAL B 63 21.04 7.00 3.14
C VAL B 63 22.12 7.99 3.52
N ARG B 64 22.61 8.73 2.54
N ARG B 64 22.57 8.75 2.52
CA ARG B 64 23.83 9.49 2.74
CA ARG B 64 23.75 9.62 2.61
C ARG B 64 23.55 10.86 3.32
C ARG B 64 23.40 11.09 2.83
N ASP B 65 22.27 11.24 3.31
N ASP B 65 22.23 11.32 3.42
CA ASP B 65 21.84 12.54 3.81
CA ASP B 65 21.80 12.68 3.68
C ASP B 65 21.04 12.46 5.13
C ASP B 65 21.00 12.74 4.96
N SER B 66 21.31 11.44 5.95
N SER B 66 21.21 11.76 5.84
CA SER B 66 20.66 11.36 7.26
CA SER B 66 20.45 11.68 7.09
C SER B 66 21.04 12.53 8.19
C SER B 66 21.03 12.47 8.22
N PHE B 67 20.14 12.85 9.12
CA PHE B 67 20.44 13.76 10.22
C PHE B 67 19.84 13.14 11.47
N LEU B 68 20.65 13.05 12.53
CA LEU B 68 20.24 12.36 13.76
C LEU B 68 20.37 13.26 14.96
N GLU B 69 19.38 13.22 15.83
CA GLU B 69 19.46 13.87 17.14
C GLU B 69 19.45 12.80 18.22
N VAL B 70 20.27 12.99 19.24
CA VAL B 70 20.35 12.02 20.32
C VAL B 70 20.15 12.66 21.67
N TRP B 71 19.61 11.87 22.61
CA TRP B 71 19.30 12.32 23.95
C TRP B 71 19.57 11.14 24.86
N GLN B 72 20.46 11.35 25.83
CA GLN B 72 20.86 10.24 26.71
C GLN B 72 21.18 10.74 28.11
N ALA B 73 21.03 9.85 29.09
CA ALA B 73 21.50 10.16 30.45
C ALA B 73 23.03 10.21 30.47
N ASP B 74 23.55 10.96 31.43
CA ASP B 74 25.00 10.93 31.71
C ASP B 74 25.36 9.61 32.39
N ALA B 75 26.63 9.45 32.75
CA ALA B 75 27.09 8.17 33.32
C ALA B 75 26.44 7.85 34.67
N ASN B 76 25.97 8.89 35.36
CA ASN B 76 25.29 8.77 36.63
C ASN B 76 23.77 8.66 36.50
N GLY B 77 23.27 8.45 35.27
CA GLY B 77 21.83 8.29 35.05
C GLY B 77 21.03 9.57 35.16
N GLU B 78 21.71 10.71 34.95
N GLU B 78 21.69 10.71 34.95
CA GLU B 78 21.09 12.04 35.00
CA GLU B 78 20.99 12.00 35.02
C GLU B 78 20.94 12.64 33.61
C GLU B 78 20.94 12.67 33.65
N TYR B 79 19.75 13.16 33.29
CA TYR B 79 19.59 13.90 32.04
C TYR B 79 20.00 15.35 32.24
N GLN B 80 21.04 15.77 31.52
CA GLN B 80 21.56 17.13 31.59
C GLN B 80 20.94 17.99 30.51
N ASP B 81 19.90 18.71 30.90
CA ASP B 81 19.13 19.52 29.95
C ASP B 81 19.59 20.96 29.73
N ALA B 82 20.48 21.48 30.58
CA ALA B 82 20.92 22.86 30.44
C ALA B 82 22.05 22.94 29.43
N TYR B 83 21.69 22.83 28.16
CA TYR B 83 22.66 22.73 27.10
C TYR B 83 23.67 23.87 27.11
N ASN B 84 24.95 23.53 27.02
CA ASN B 84 26.01 24.53 27.11
C ASN B 84 27.30 23.91 26.56
N LEU B 85 27.96 24.60 25.63
CA LEU B 85 29.19 24.06 25.06
C LEU B 85 30.32 23.95 26.08
N GLU B 86 30.16 24.62 27.21
CA GLU B 86 31.16 24.58 28.29
C GLU B 86 30.93 23.42 29.26
N ASN B 87 29.79 22.72 29.15
CA ASN B 87 29.48 21.60 30.03
C ASN B 87 30.47 20.48 29.83
N ALA B 88 30.86 19.83 30.92
CA ALA B 88 31.60 18.58 30.82
C ALA B 88 30.80 17.56 30.01
N PHE B 89 29.49 17.55 30.21
CA PHE B 89 28.64 16.60 29.48
C PHE B 89 27.35 17.26 29.05
N ASN B 90 26.98 17.03 27.78
CA ASN B 90 25.65 17.40 27.31
C ASN B 90 24.87 16.14 26.99
N SER B 91 23.64 16.05 27.50
CA SER B 91 22.78 14.90 27.19
C SER B 91 22.24 14.90 25.75
N PHE B 92 22.32 16.06 25.08
CA PHE B 92 21.84 16.21 23.71
C PHE B 92 22.97 16.35 22.72
N GLY B 93 22.80 15.77 21.54
CA GLY B 93 23.72 16.05 20.47
C GLY B 93 23.12 15.81 19.11
N ARG B 94 23.89 16.14 18.10
CA ARG B 94 23.49 15.98 16.69
C ARG B 94 24.61 15.35 15.89
N THR B 95 24.25 14.60 14.86
CA THR B 95 25.22 14.10 13.92
C THR B 95 24.55 13.90 12.57
N ALA B 96 25.32 13.49 11.57
CA ALA B 96 24.79 13.36 10.20
C ALA B 96 25.62 12.33 9.46
N THR B 97 25.04 11.71 8.44
CA THR B 97 25.89 10.78 7.70
C THR B 97 26.82 11.46 6.71
N THR B 98 28.09 11.05 6.66
N THR B 98 28.09 11.05 6.66
CA THR B 98 28.98 11.54 5.59
CA THR B 98 28.97 11.55 5.59
C THR B 98 28.38 11.16 4.24
C THR B 98 28.36 11.17 4.24
N PHE B 99 28.47 12.07 3.26
CA PHE B 99 27.90 11.82 1.93
C PHE B 99 28.64 10.73 1.16
N ASP B 100 29.95 10.64 1.33
CA ASP B 100 30.80 9.59 0.72
C ASP B 100 30.58 8.18 1.30
N ALA B 101 30.79 8.03 2.61
CA ALA B 101 30.73 6.70 3.26
C ALA B 101 29.38 6.40 3.94
N GLY B 102 28.56 7.45 4.08
CA GLY B 102 27.29 7.33 4.78
C GLY B 102 27.39 7.02 6.25
N GLU B 103 28.48 7.41 6.92
CA GLU B 103 28.67 7.00 8.33
C GLU B 103 28.57 8.19 9.29
N TRP B 104 27.76 8.07 10.34
CA TRP B 104 27.70 9.09 11.38
C TRP B 104 28.55 8.64 12.57
N THR B 105 29.01 9.61 13.35
CA THR B 105 29.73 9.32 14.60
C THR B 105 29.26 10.23 15.73
N LEU B 106 29.38 9.75 16.96
CA LEU B 106 29.04 10.50 18.17
C LEU B 106 30.09 10.17 19.20
N HIS B 107 30.55 11.18 19.94
CA HIS B 107 31.53 10.98 21.01
C HIS B 107 30.85 11.25 22.33
N THR B 108 30.76 10.25 23.18
CA THR B 108 29.95 10.35 24.39
C THR B 108 30.47 9.48 25.52
N VAL B 109 29.64 9.28 26.54
CA VAL B 109 29.90 8.28 27.58
C VAL B 109 28.76 7.28 27.60
N LYS B 110 29.01 6.08 28.12
CA LYS B 110 27.94 5.11 28.26
C LYS B 110 26.90 5.61 29.29
N PRO B 111 25.62 5.69 28.91
CA PRO B 111 24.64 6.24 29.82
C PRO B 111 24.35 5.31 31.00
N GLY B 112 24.12 5.93 32.15
CA GLY B 112 23.65 5.21 33.33
C GLY B 112 22.18 4.81 33.22
N VAL B 113 21.77 3.88 34.09
CA VAL B 113 20.41 3.38 34.15
C VAL B 113 19.44 4.44 34.71
N VAL B 114 18.30 4.57 34.04
CA VAL B 114 17.18 5.38 34.56
C VAL B 114 15.91 4.54 34.65
N ASN B 115 15.05 4.88 35.61
CA ASN B 115 13.79 4.15 35.80
C ASN B 115 12.69 4.69 34.91
N ASN B 116 11.79 3.79 34.50
CA ASN B 116 10.57 4.23 33.81
C ASN B 116 9.60 4.86 34.82
N ALA B 117 8.41 5.24 34.34
CA ALA B 117 7.51 6.00 35.20
C ALA B 117 6.93 5.14 36.34
N ALA B 118 6.95 3.81 36.16
CA ALA B 118 6.50 2.87 37.20
C ALA B 118 7.62 2.48 38.17
N GLY B 119 8.81 3.07 37.98
CA GLY B 119 9.96 2.81 38.85
C GLY B 119 10.80 1.59 38.48
N VAL B 120 10.57 1.05 37.29
CA VAL B 120 11.30 -0.14 36.82
C VAL B 120 12.51 0.32 36.01
N PRO B 121 13.70 -0.17 36.34
CA PRO B 121 14.90 0.25 35.60
C PRO B 121 14.86 -0.11 34.12
N MET B 122 15.28 0.84 33.30
CA MET B 122 15.43 0.59 31.86
C MET B 122 16.89 0.28 31.60
N ALA B 123 17.17 -0.55 30.60
CA ALA B 123 18.57 -0.83 30.30
C ALA B 123 19.21 0.44 29.74
N PRO B 124 20.54 0.59 29.85
CA PRO B 124 21.23 1.76 29.32
C PRO B 124 20.87 1.98 27.86
N HIS B 125 20.47 3.19 27.51
CA HIS B 125 20.03 3.46 26.13
C HIS B 125 20.26 4.90 25.72
N ILE B 126 20.33 5.11 24.41
N ILE B 126 20.37 5.08 24.39
CA ILE B 126 20.39 6.46 23.87
CA ILE B 126 20.41 6.38 23.74
C ILE B 126 19.19 6.63 22.95
C ILE B 126 19.06 6.53 23.06
N ASN B 127 18.39 7.66 23.23
CA ASN B 127 17.18 7.96 22.41
C ASN B 127 17.64 8.63 21.13
N ILE B 128 17.14 8.17 19.99
CA ILE B 128 17.54 8.70 18.67
C ILE B 128 16.30 9.14 17.89
N SER B 129 16.43 10.28 17.23
CA SER B 129 15.43 10.73 16.25
C SER B 129 16.13 10.90 14.91
N LEU B 130 15.60 10.24 13.88
CA LEU B 130 16.18 10.19 12.54
C LEU B 130 15.34 11.03 11.57
N PHE B 131 16.03 11.91 10.83
CA PHE B 131 15.43 12.83 9.84
C PHE B 131 16.17 12.67 8.51
N ALA B 132 15.47 12.84 7.40
CA ALA B 132 16.10 12.83 6.07
C ALA B 132 15.07 13.17 5.01
N ARG B 133 15.59 13.54 3.85
CA ARG B 133 14.81 13.47 2.61
C ARG B 133 14.06 12.13 2.57
N GLY B 134 12.78 12.19 2.22
CA GLY B 134 11.99 10.96 2.13
C GLY B 134 11.32 10.53 3.42
N ILE B 135 11.73 11.13 4.54
CA ILE B 135 11.14 10.81 5.85
C ILE B 135 10.22 11.97 6.24
N ASN B 136 8.91 11.73 6.20
CA ASN B 136 7.94 12.84 6.37
C ASN B 136 7.79 13.30 7.81
N ILE B 137 7.90 12.34 8.74
CA ILE B 137 7.95 12.64 10.17
C ILE B 137 9.08 11.79 10.76
N HIS B 138 9.89 12.39 11.61
CA HIS B 138 11.08 11.70 12.08
C HIS B 138 10.77 10.38 12.78
N LEU B 139 11.76 9.49 12.73
CA LEU B 139 11.62 8.15 13.27
C LEU B 139 12.33 8.09 14.61
N HIS B 140 11.63 7.61 15.63
CA HIS B 140 12.21 7.48 16.98
C HIS B 140 12.73 6.06 17.15
N THR B 141 13.93 5.93 17.70
CA THR B 141 14.41 4.61 18.09
C THR B 141 15.26 4.70 19.35
N ARG B 142 15.80 3.57 19.79
CA ARG B 142 16.71 3.54 20.92
C ARG B 142 17.89 2.66 20.56
N LEU B 143 19.07 3.09 20.99
CA LEU B 143 20.30 2.31 20.88
C LEU B 143 20.61 1.74 22.28
N TYR B 144 20.61 0.40 22.38
CA TYR B 144 21.01 -0.32 23.58
C TYR B 144 22.36 -1.00 23.30
N PHE B 145 22.95 -1.63 24.32
CA PHE B 145 24.34 -2.08 24.21
C PHE B 145 24.46 -3.57 24.36
N ASP B 146 25.23 -4.20 23.47
CA ASP B 146 25.29 -5.69 23.50
C ASP B 146 26.01 -6.27 24.72
N ASP B 147 26.74 -5.43 25.44
CA ASP B 147 27.39 -5.89 26.69
C ASP B 147 26.57 -5.57 27.94
N GLU B 148 25.27 -5.32 27.72
CA GLU B 148 24.32 -5.14 28.82
C GLU B 148 23.20 -6.17 28.69
N ALA B 149 23.55 -7.39 28.27
CA ALA B 149 22.53 -8.40 27.99
C ALA B 149 21.55 -8.62 29.14
N GLN B 150 22.06 -8.68 30.37
CA GLN B 150 21.19 -8.96 31.52
C GLN B 150 20.14 -7.84 31.71
N ALA B 151 20.62 -6.60 31.63
CA ALA B 151 19.72 -5.43 31.76
C ALA B 151 18.76 -5.39 30.59
N ASN B 152 19.27 -5.65 29.39
CA ASN B 152 18.43 -5.62 28.19
C ASN B 152 17.25 -6.57 28.30
N ALA B 153 17.52 -7.78 28.83
CA ALA B 153 16.51 -8.82 28.89
C ALA B 153 15.37 -8.43 29.84
N LYS B 154 15.66 -7.54 30.78
CA LYS B 154 14.67 -7.05 31.75
C LYS B 154 14.08 -5.67 31.44
N CYS B 155 14.51 -5.04 30.35
CA CYS B 155 14.06 -3.67 30.08
C CYS B 155 12.57 -3.66 29.77
N PRO B 156 11.79 -2.83 30.50
CA PRO B 156 10.36 -2.77 30.27
C PRO B 156 9.99 -2.16 28.91
N VAL B 157 10.91 -1.41 28.30
CA VAL B 157 10.67 -0.88 26.96
C VAL B 157 10.98 -1.92 25.89
N LEU B 158 12.13 -2.58 25.99
CA LEU B 158 12.44 -3.64 25.03
C LEU B 158 11.38 -4.73 25.06
N ASN B 159 10.83 -5.00 26.25
CA ASN B 159 9.84 -6.06 26.39
C ASN B 159 8.47 -5.73 25.84
N LEU B 160 8.27 -4.47 25.44
CA LEU B 160 7.04 -4.09 24.72
C LEU B 160 7.10 -4.43 23.23
N ILE B 161 8.29 -4.83 22.75
CA ILE B 161 8.44 -5.31 21.38
C ILE B 161 8.08 -6.79 21.41
N GLU B 162 7.01 -7.16 20.72
CA GLU B 162 6.42 -8.51 20.83
C GLU B 162 7.38 -9.62 20.43
N GLN B 163 8.20 -9.37 19.41
CA GLN B 163 9.10 -10.40 18.88
C GLN B 163 10.55 -10.25 19.28
N PRO B 164 11.13 -11.26 19.96
CA PRO B 164 12.57 -11.25 20.29
C PRO B 164 13.48 -10.88 19.12
N GLN B 165 13.17 -11.39 17.93
CA GLN B 165 13.98 -11.11 16.77
C GLN B 165 14.03 -9.60 16.48
N ARG B 166 12.92 -8.90 16.70
CA ARG B 166 12.90 -7.46 16.48
C ARG B 166 13.63 -6.69 17.57
N ARG B 167 13.63 -7.19 18.80
CA ARG B 167 14.39 -6.57 19.89
C ARG B 167 15.88 -6.49 19.51
N GLU B 168 16.37 -7.50 18.80
CA GLU B 168 17.79 -7.54 18.38
C GLU B 168 18.20 -6.34 17.51
N THR B 169 17.24 -5.73 16.81
CA THR B 169 17.57 -4.61 15.93
C THR B 169 18.02 -3.37 16.72
N LEU B 170 17.78 -3.36 18.03
CA LEU B 170 18.09 -2.17 18.85
C LEU B 170 19.36 -2.35 19.64
N ILE B 171 20.06 -3.47 19.40
CA ILE B 171 21.24 -3.77 20.22
C ILE B 171 22.52 -3.46 19.44
N ALA B 172 23.24 -2.41 19.89
CA ALA B 172 24.45 -1.95 19.20
C ALA B 172 25.58 -2.93 19.48
N LYS B 173 26.50 -3.08 18.53
CA LYS B 173 27.54 -4.10 18.62
C LYS B 173 28.86 -3.46 19.05
N ARG B 174 29.41 -3.95 20.16
CA ARG B 174 30.69 -3.45 20.65
C ARG B 174 31.78 -3.78 19.64
N CYS B 175 32.64 -2.80 19.41
CA CYS B 175 33.73 -2.93 18.47
C CYS B 175 34.83 -1.97 18.90
N GLU B 176 35.84 -1.80 18.06
CA GLU B 176 36.92 -0.87 18.36
C GLU B 176 37.28 -0.07 17.13
N VAL B 177 37.34 1.25 17.30
CA VAL B 177 37.67 2.16 16.23
C VAL B 177 38.91 2.90 16.67
N ASP B 178 40.00 2.79 15.90
N ASP B 178 39.97 2.80 15.87
CA ASP B 178 41.27 3.39 16.27
CA ASP B 178 41.30 3.33 16.21
C ASP B 178 41.76 2.86 17.61
C ASP B 178 41.75 2.85 17.59
N GLY B 179 41.38 1.62 17.93
CA GLY B 179 41.78 1.01 19.21
C GLY B 179 40.92 1.40 20.40
N LYS B 180 39.91 2.25 20.17
CA LYS B 180 39.08 2.76 21.26
C LYS B 180 37.71 2.09 21.28
N THR B 181 37.14 1.95 22.48
CA THR B 181 35.84 1.32 22.63
C THR B 181 34.79 2.06 21.83
N ALA B 182 34.05 1.30 21.04
CA ALA B 182 32.99 1.86 20.21
C ALA B 182 31.80 0.90 20.18
N TYR B 183 30.64 1.41 19.76
CA TYR B 183 29.51 0.52 19.46
C TYR B 183 28.95 0.97 18.12
N ARG B 184 28.69 -0.01 17.27
CA ARG B 184 28.09 0.26 15.96
C ARG B 184 26.60 0.04 16.03
N PHE B 185 25.85 1.01 15.55
CA PHE B 185 24.40 0.93 15.54
C PHE B 185 23.89 1.27 14.14
N ASP B 186 23.74 0.26 13.29
CA ASP B 186 23.17 0.50 11.96
C ASP B 186 21.66 0.53 12.05
N ILE B 187 21.06 1.38 11.24
CA ILE B 187 19.59 1.50 11.14
C ILE B 187 19.12 1.06 9.74
N ARG B 188 18.13 0.18 9.71
CA ARG B 188 17.53 -0.24 8.46
C ARG B 188 16.11 0.29 8.49
N ILE B 189 15.80 1.25 7.63
CA ILE B 189 14.51 1.94 7.69
C ILE B 189 13.38 1.00 7.30
N GLN B 190 13.66 0.08 6.36
CA GLN B 190 12.60 -0.67 5.72
C GLN B 190 13.10 -2.04 5.30
N GLY B 191 12.27 -3.05 5.56
CA GLY B 191 12.49 -4.39 5.00
C GLY B 191 13.26 -5.34 5.90
N GLU B 192 14.16 -6.12 5.30
CA GLU B 192 14.91 -7.12 6.06
C GLU B 192 15.73 -6.47 7.19
N GLY B 193 15.52 -6.94 8.41
CA GLY B 193 16.21 -6.42 9.59
C GLY B 193 15.73 -5.01 9.97
N GLU B 194 14.52 -4.66 9.56
CA GLU B 194 14.00 -3.30 9.81
C GLU B 194 14.11 -2.96 11.29
N THR B 195 14.69 -1.81 11.56
CA THR B 195 14.89 -1.33 12.93
C THR B 195 13.54 -1.00 13.57
N VAL B 196 13.34 -1.39 14.83
CA VAL B 196 12.15 -0.99 15.57
C VAL B 196 12.08 0.53 15.73
N PHE B 197 10.93 1.11 15.39
CA PHE B 197 10.73 2.54 15.62
C PHE B 197 9.55 2.69 16.55
N PHE B 198 9.63 3.71 17.40
CA PHE B 198 8.67 3.93 18.48
C PHE B 198 7.70 5.08 18.23
N ASP B 199 6.53 4.96 18.84
CA ASP B 199 5.63 6.09 19.02
C ASP B 199 5.45 6.33 20.51
N PHE B 200 5.45 7.61 20.89
CA PHE B 200 5.19 7.99 22.26
C PHE B 200 4.76 9.45 22.28
N PRO C 1 -4.41 28.21 -11.79
CA PRO C 1 -3.38 28.02 -12.82
C PRO C 1 -4.03 27.66 -14.15
N ILE C 2 -3.24 27.66 -15.22
CA ILE C 2 -3.71 27.24 -16.53
C ILE C 2 -3.90 25.72 -16.58
N GLU C 3 -5.12 25.30 -16.90
CA GLU C 3 -5.46 23.90 -16.96
C GLU C 3 -5.89 23.57 -18.37
N LEU C 4 -5.14 22.69 -19.03
CA LEU C 4 -5.47 22.30 -20.42
C LEU C 4 -6.57 21.25 -20.44
N LEU C 5 -7.01 20.84 -21.62
CA LEU C 5 -7.89 19.67 -21.71
C LEU C 5 -7.16 18.49 -21.07
N PRO C 6 -7.82 17.71 -20.20
CA PRO C 6 -7.12 16.53 -19.67
C PRO C 6 -6.87 15.47 -20.73
N GLU C 7 -5.72 14.81 -20.65
CA GLU C 7 -5.42 13.68 -21.52
C GLU C 7 -6.44 12.55 -21.27
N THR C 8 -6.81 11.86 -22.33
CA THR C 8 -7.59 10.63 -22.18
C THR C 8 -6.84 9.64 -21.28
N PRO C 9 -7.51 9.11 -20.23
CA PRO C 9 -6.76 8.24 -19.30
C PRO C 9 -6.48 6.87 -19.92
N SER C 10 -5.32 6.31 -19.58
CA SER C 10 -4.93 4.98 -19.99
C SER C 10 -5.79 3.89 -19.36
N GLN C 11 -5.85 2.75 -20.05
CA GLN C 11 -6.39 1.52 -19.45
C GLN C 11 -5.49 0.40 -19.88
N THR C 12 -5.58 -0.72 -19.16
CA THR C 12 -4.82 -1.92 -19.54
C THR C 12 -5.11 -2.35 -20.97
N ALA C 13 -4.07 -2.86 -21.63
CA ALA C 13 -4.26 -3.45 -22.97
C ALA C 13 -5.01 -4.79 -22.92
N GLY C 14 -5.09 -5.38 -21.72
CA GLY C 14 -5.86 -6.58 -21.49
C GLY C 14 -5.26 -7.85 -22.06
N PRO C 15 -5.83 -9.01 -21.71
CA PRO C 15 -5.25 -10.31 -22.09
C PRO C 15 -5.33 -10.59 -23.59
N TYR C 16 -6.17 -9.85 -24.31
CA TYR C 16 -6.41 -10.13 -25.74
C TYR C 16 -5.80 -9.09 -26.67
N VAL C 17 -4.83 -8.35 -26.16
CA VAL C 17 -4.14 -7.28 -26.90
C VAL C 17 -3.62 -7.78 -28.26
N HIS C 18 -3.20 -9.04 -28.31
CA HIS C 18 -2.61 -9.54 -29.54
C HIS C 18 -3.63 -9.60 -30.67
N ILE C 19 -4.92 -9.77 -30.37
CA ILE C 19 -5.88 -9.81 -31.48
C ILE C 19 -5.95 -8.48 -32.25
N GLY C 20 -5.71 -7.38 -31.55
CA GLY C 20 -5.66 -6.07 -32.19
C GLY C 20 -4.31 -5.65 -32.72
N LEU C 21 -3.24 -6.10 -32.05
CA LEU C 21 -1.91 -5.48 -32.25
C LEU C 21 -0.79 -6.46 -32.57
N ALA C 22 -1.09 -7.75 -32.49
CA ALA C 22 -0.08 -8.79 -32.77
C ALA C 22 -0.78 -10.00 -33.34
N LEU C 23 -1.31 -9.82 -34.55
CA LEU C 23 -2.26 -10.77 -35.09
C LEU C 23 -1.64 -12.16 -35.30
N GLU C 24 -0.46 -12.21 -35.91
CA GLU C 24 0.27 -13.47 -36.07
C GLU C 24 0.56 -14.15 -34.73
N ALA C 25 1.00 -13.34 -33.75
CA ALA C 25 1.25 -13.83 -32.39
C ALA C 25 -0.03 -14.36 -31.71
N ALA C 26 -1.19 -13.82 -32.10
CA ALA C 26 -2.50 -14.27 -31.59
C ALA C 26 -2.96 -15.54 -32.29
N GLY C 27 -2.20 -15.98 -33.29
CA GLY C 27 -2.57 -17.13 -34.11
C GLY C 27 -3.79 -16.87 -34.98
N ASN C 28 -4.06 -15.58 -35.24
CA ASN C 28 -5.19 -15.17 -36.08
C ASN C 28 -4.70 -14.78 -37.47
N PRO C 29 -5.60 -14.77 -38.48
CA PRO C 29 -5.15 -14.37 -39.82
C PRO C 29 -4.63 -12.94 -39.86
N THR C 30 -3.58 -12.72 -40.65
CA THR C 30 -3.02 -11.39 -40.79
C THR C 30 -3.53 -10.63 -42.02
N ARG C 31 -3.39 -9.31 -41.98
CA ARG C 31 -3.72 -8.48 -43.12
C ARG C 31 -2.48 -8.40 -44.01
N ASP C 32 -2.60 -7.74 -45.16
CA ASP C 32 -1.47 -7.64 -46.10
C ASP C 32 -0.22 -7.00 -45.47
N GLN C 33 -0.41 -5.92 -44.70
CA GLN C 33 0.70 -5.23 -44.06
C GLN C 33 0.50 -5.22 -42.55
N GLU C 34 1.51 -5.72 -41.84
CA GLU C 34 1.52 -5.72 -40.38
C GLU C 34 2.78 -5.06 -39.85
N ILE C 35 2.64 -4.37 -38.72
CA ILE C 35 3.76 -3.79 -37.99
C ILE C 35 4.29 -4.86 -37.04
N TRP C 36 5.50 -5.34 -37.29
CA TRP C 36 5.99 -6.45 -36.49
C TRP C 36 7.46 -6.29 -36.09
N ASN C 37 8.16 -7.41 -35.95
CA ASN C 37 9.41 -7.44 -35.16
C ASN C 37 10.72 -7.41 -35.96
N ARG C 38 10.59 -7.23 -37.27
CA ARG C 38 11.78 -7.11 -38.14
C ARG C 38 12.01 -5.67 -38.55
N LEU C 39 12.80 -4.96 -37.76
CA LEU C 39 13.08 -3.55 -38.03
C LEU C 39 14.05 -3.43 -39.22
N ALA C 40 14.94 -4.40 -39.36
CA ALA C 40 15.94 -4.35 -40.41
C ALA C 40 15.82 -5.55 -41.35
N LYS C 41 15.79 -5.25 -42.64
CA LYS C 41 15.97 -6.25 -43.69
C LYS C 41 17.48 -6.50 -43.82
N PRO C 42 17.88 -7.62 -44.44
CA PRO C 42 19.33 -7.92 -44.55
C PRO C 42 20.21 -6.79 -45.10
N ASP C 43 19.67 -5.98 -46.01
CA ASP C 43 20.43 -4.90 -46.66
C ASP C 43 20.69 -3.64 -45.84
N ALA C 44 20.08 -3.54 -44.67
CA ALA C 44 20.25 -2.35 -43.84
C ALA C 44 21.71 -2.18 -43.40
N PRO C 45 22.24 -0.95 -43.49
CA PRO C 45 23.57 -0.70 -42.93
C PRO C 45 23.60 -0.92 -41.43
N GLY C 46 24.78 -1.25 -40.92
CA GLY C 46 25.01 -1.41 -39.49
C GLY C 46 25.15 -2.84 -39.05
N GLU C 47 25.30 -3.04 -37.75
CA GLU C 47 25.55 -4.35 -37.21
C GLU C 47 24.24 -5.06 -36.92
N HIS C 48 23.95 -6.13 -37.66
CA HIS C 48 22.70 -6.86 -37.48
C HIS C 48 22.70 -7.68 -36.20
N ILE C 49 21.66 -7.48 -35.39
CA ILE C 49 21.58 -8.12 -34.08
C ILE C 49 20.19 -8.71 -33.82
N LEU C 50 20.19 -9.80 -33.07
CA LEU C 50 18.96 -10.39 -32.55
C LEU C 50 18.80 -9.96 -31.10
N LEU C 51 17.63 -9.43 -30.77
CA LEU C 51 17.30 -9.13 -29.38
C LEU C 51 16.23 -10.10 -28.90
N LEU C 52 16.31 -10.48 -27.64
CA LEU C 52 15.37 -11.44 -27.08
C LEU C 52 15.22 -11.22 -25.57
N GLY C 53 14.10 -11.63 -25.01
CA GLY C 53 13.92 -11.48 -23.59
C GLY C 53 12.65 -12.12 -23.07
N GLN C 54 12.61 -12.24 -21.74
CA GLN C 54 11.44 -12.70 -21.03
C GLN C 54 11.03 -11.63 -20.05
N VAL C 55 9.76 -11.64 -19.65
CA VAL C 55 9.16 -10.62 -18.76
C VAL C 55 8.63 -11.36 -17.56
N TYR C 56 8.97 -10.87 -16.37
CA TYR C 56 8.61 -11.53 -15.12
C TYR C 56 7.77 -10.62 -14.24
N ASP C 57 6.82 -11.22 -13.52
CA ASP C 57 6.03 -10.48 -12.55
C ASP C 57 6.72 -10.46 -11.18
N GLY C 58 6.04 -9.89 -10.18
CA GLY C 58 6.62 -9.73 -8.84
C GLY C 58 6.82 -11.02 -8.06
N ASN C 59 6.26 -12.13 -8.55
CA ASN C 59 6.44 -13.42 -7.94
C ASN C 59 7.49 -14.23 -8.69
N GLY C 60 8.15 -13.58 -9.64
CA GLY C 60 9.16 -14.24 -10.45
C GLY C 60 8.60 -15.14 -11.54
N HIS C 61 7.31 -15.00 -11.86
CA HIS C 61 6.68 -15.86 -12.86
C HIS C 61 6.59 -15.18 -14.21
N LEU C 62 6.72 -15.97 -15.27
CA LEU C 62 6.70 -15.43 -16.63
C LEU C 62 5.39 -14.73 -16.97
N VAL C 63 5.52 -13.61 -17.67
CA VAL C 63 4.36 -12.87 -18.19
C VAL C 63 4.23 -13.33 -19.64
N ARG C 64 3.15 -14.07 -19.91
CA ARG C 64 2.99 -14.78 -21.17
C ARG C 64 1.97 -14.12 -22.08
N ASP C 65 1.71 -12.84 -21.82
CA ASP C 65 0.73 -12.10 -22.60
C ASP C 65 1.18 -10.65 -22.78
N SER C 66 2.50 -10.43 -22.73
CA SER C 66 3.10 -9.09 -22.91
CA SER C 66 2.98 -9.07 -22.90
C SER C 66 3.04 -8.62 -24.36
N PHE C 67 2.98 -7.31 -24.54
CA PHE C 67 3.09 -6.69 -25.83
C PHE C 67 4.09 -5.55 -25.70
N LEU C 68 5.09 -5.53 -26.59
CA LEU C 68 6.16 -4.53 -26.53
C LEU C 68 6.25 -3.73 -27.80
N GLU C 69 6.43 -2.43 -27.64
CA GLU C 69 6.72 -1.53 -28.75
C GLU C 69 8.09 -0.94 -28.57
N VAL C 70 8.86 -0.82 -29.66
CA VAL C 70 10.24 -0.36 -29.61
C VAL C 70 10.48 0.76 -30.60
N TRP C 71 11.39 1.64 -30.25
CA TRP C 71 11.68 2.82 -31.05
C TRP C 71 13.19 3.04 -30.89
N GLN C 72 13.93 3.03 -32.01
CA GLN C 72 15.40 3.14 -31.93
C GLN C 72 15.97 3.89 -33.12
N ALA C 73 17.15 4.49 -32.95
CA ALA C 73 17.87 5.09 -34.07
C ALA C 73 18.41 4.02 -35.00
N ASP C 74 18.63 4.41 -36.26
CA ASP C 74 19.35 3.54 -37.20
C ASP C 74 20.83 3.47 -36.80
N ALA C 75 21.64 2.74 -37.56
CA ALA C 75 23.05 2.58 -37.19
C ALA C 75 23.82 3.91 -37.21
N ASN C 76 23.32 4.90 -37.95
CA ASN C 76 23.91 6.25 -38.00
C ASN C 76 23.39 7.22 -36.93
N GLY C 77 22.59 6.74 -35.99
CA GLY C 77 22.05 7.59 -34.92
C GLY C 77 20.92 8.53 -35.35
N GLU C 78 20.21 8.15 -36.41
CA GLU C 78 19.08 8.93 -36.90
C GLU C 78 17.77 8.15 -36.73
N TYR C 79 16.74 8.82 -36.20
CA TYR C 79 15.43 8.21 -36.08
C TYR C 79 14.69 8.33 -37.38
N GLN C 80 14.14 7.21 -37.85
CA GLN C 80 13.45 7.17 -39.13
C GLN C 80 11.95 7.01 -38.91
N ASP C 81 11.21 8.12 -39.03
CA ASP C 81 9.77 8.09 -38.72
C ASP C 81 8.85 7.71 -39.87
N ALA C 82 9.37 7.71 -41.09
CA ALA C 82 8.55 7.37 -42.26
C ALA C 82 8.38 5.85 -42.35
N TYR C 83 7.41 5.32 -41.61
CA TYR C 83 7.23 3.88 -41.51
C TYR C 83 6.74 3.32 -42.84
N ASN C 84 7.44 2.31 -43.35
CA ASN C 84 7.08 1.70 -44.63
C ASN C 84 7.67 0.31 -44.68
N LEU C 85 6.86 -0.69 -45.01
CA LEU C 85 7.34 -2.08 -45.06
C LEU C 85 8.36 -2.32 -46.17
N GLU C 86 8.47 -1.37 -47.09
CA GLU C 86 9.47 -1.43 -48.17
C GLU C 86 10.86 -0.97 -47.72
N ASN C 87 10.93 -0.26 -46.58
CA ASN C 87 12.19 0.27 -46.10
C ASN C 87 13.12 -0.86 -45.67
N ALA C 88 14.42 -0.69 -45.94
CA ALA C 88 15.41 -1.62 -45.42
C ALA C 88 15.51 -1.50 -43.90
N PHE C 89 15.20 -0.31 -43.38
CA PHE C 89 15.17 -0.11 -41.93
C PHE C 89 13.96 0.70 -41.49
N ASN C 90 13.31 0.25 -40.41
CA ASN C 90 12.32 1.07 -39.71
C ASN C 90 12.75 1.23 -38.26
N SER C 91 12.56 2.45 -37.73
CA SER C 91 12.92 2.74 -36.33
C SER C 91 11.91 2.15 -35.33
N PHE C 92 10.74 1.77 -35.82
CA PHE C 92 9.68 1.28 -34.95
C PHE C 92 9.40 -0.19 -35.18
N GLY C 93 9.10 -0.92 -34.12
CA GLY C 93 8.58 -2.27 -34.25
C GLY C 93 7.76 -2.73 -33.08
N ARG C 94 7.22 -3.93 -33.21
CA ARG C 94 6.37 -4.55 -32.19
C ARG C 94 6.81 -5.98 -32.00
N THR C 95 6.69 -6.46 -30.77
CA THR C 95 6.84 -7.87 -30.48
C THR C 95 5.94 -8.26 -29.31
N ALA C 96 5.98 -9.53 -28.90
CA ALA C 96 5.06 -10.04 -27.90
C ALA C 96 5.61 -11.29 -27.26
N THR C 97 5.15 -11.57 -26.04
CA THR C 97 5.31 -12.88 -25.43
C THR C 97 3.89 -13.49 -25.44
N THR C 98 3.84 -14.78 -25.73
CA THR C 98 2.61 -15.53 -25.83
C THR C 98 2.75 -16.84 -25.06
N PHE C 99 1.65 -17.58 -24.94
CA PHE C 99 1.65 -18.87 -24.27
C PHE C 99 2.58 -19.85 -24.99
N ASP C 100 2.59 -19.80 -26.32
CA ASP C 100 3.46 -20.71 -27.10
C ASP C 100 4.91 -20.26 -27.13
N ALA C 101 5.13 -18.94 -27.07
CA ALA C 101 6.45 -18.31 -27.22
C ALA C 101 6.65 -17.23 -26.18
N GLY C 102 7.12 -17.66 -25.02
CA GLY C 102 7.25 -16.77 -23.84
C GLY C 102 8.41 -15.79 -23.86
N GLU C 103 9.25 -15.93 -24.88
CA GLU C 103 10.43 -15.10 -25.09
C GLU C 103 10.23 -14.31 -26.38
N TRP C 104 10.11 -12.98 -26.25
CA TRP C 104 9.96 -12.14 -27.42
C TRP C 104 11.29 -12.06 -28.16
N THR C 105 11.22 -11.73 -29.45
CA THR C 105 12.40 -11.48 -30.27
C THR C 105 12.21 -10.25 -31.15
N LEU C 106 13.33 -9.61 -31.51
CA LEU C 106 13.39 -8.48 -32.43
C LEU C 106 14.57 -8.72 -33.34
N HIS C 107 14.41 -8.37 -34.62
CA HIS C 107 15.51 -8.43 -35.59
C HIS C 107 15.82 -7.03 -36.07
N THR C 108 17.00 -6.54 -35.71
CA THR C 108 17.32 -5.14 -35.90
C THR C 108 18.81 -4.90 -36.15
N VAL C 109 19.23 -3.64 -36.12
CA VAL C 109 20.65 -3.28 -36.10
C VAL C 109 20.92 -2.54 -34.80
N LYS C 110 22.19 -2.55 -34.36
CA LYS C 110 22.56 -1.77 -33.21
C LYS C 110 22.42 -0.28 -33.49
N PRO C 111 21.67 0.44 -32.64
CA PRO C 111 21.50 1.87 -32.88
C PRO C 111 22.77 2.69 -32.68
N GLY C 112 22.95 3.70 -33.51
CA GLY C 112 24.01 4.69 -33.32
C GLY C 112 23.71 5.63 -32.17
N VAL C 113 24.74 6.37 -31.77
CA VAL C 113 24.67 7.36 -30.69
C VAL C 113 23.83 8.59 -31.09
N VAL C 114 22.96 8.98 -30.16
CA VAL C 114 22.09 10.14 -30.29
C VAL C 114 22.36 11.11 -29.13
N ASN C 115 22.46 12.41 -29.41
CA ASN C 115 22.64 13.40 -28.35
C ASN C 115 21.32 13.73 -27.66
N ASN C 116 21.41 14.02 -26.35
CA ASN C 116 20.24 14.55 -25.64
C ASN C 116 19.99 16.02 -26.02
N ALA C 117 19.00 16.66 -25.41
CA ALA C 117 18.63 18.02 -25.79
C ALA C 117 19.71 19.05 -25.45
N ALA C 118 20.58 18.71 -24.51
CA ALA C 118 21.71 19.60 -24.13
C ALA C 118 22.98 19.32 -24.95
N GLY C 119 22.86 18.38 -25.88
CA GLY C 119 23.95 18.08 -26.80
C GLY C 119 24.93 17.05 -26.27
N VAL C 120 24.55 16.38 -25.18
CA VAL C 120 25.41 15.37 -24.55
C VAL C 120 25.06 13.99 -25.12
N PRO C 121 26.06 13.24 -25.59
CA PRO C 121 25.78 11.92 -26.19
C PRO C 121 25.14 10.93 -25.20
N MET C 122 24.09 10.24 -25.64
CA MET C 122 23.51 9.14 -24.87
C MET C 122 24.11 7.84 -25.36
N ALA C 123 24.22 6.85 -24.49
CA ALA C 123 24.75 5.53 -24.93
C ALA C 123 23.74 4.89 -25.88
N PRO C 124 24.21 4.01 -26.80
CA PRO C 124 23.24 3.39 -27.71
C PRO C 124 22.11 2.71 -26.94
N HIS C 125 20.86 2.96 -27.35
CA HIS C 125 19.71 2.42 -26.60
C HIS C 125 18.53 2.20 -27.50
N ILE C 126 17.69 1.26 -27.08
CA ILE C 126 16.38 1.06 -27.68
C ILE C 126 15.33 1.48 -26.65
N ASN C 127 14.40 2.34 -27.07
CA ASN C 127 13.27 2.73 -26.24
C ASN C 127 12.20 1.65 -26.29
N ILE C 128 11.69 1.23 -25.14
CA ILE C 128 10.70 0.17 -25.04
C ILE C 128 9.48 0.66 -24.24
N SER C 129 8.29 0.33 -24.76
CA SER C 129 7.04 0.49 -24.02
C SER C 129 6.38 -0.88 -23.84
N LEU C 130 6.05 -1.22 -22.59
CA LEU C 130 5.57 -2.54 -22.21
C LEU C 130 4.10 -2.44 -21.79
N PHE C 131 3.28 -3.29 -22.41
CA PHE C 131 1.82 -3.35 -22.17
C PHE C 131 1.42 -4.78 -21.82
N ALA C 132 0.39 -4.97 -20.99
CA ALA C 132 -0.12 -6.30 -20.67
C ALA C 132 -1.35 -6.19 -19.78
N ARG C 133 -2.11 -7.28 -19.72
CA ARG C 133 -3.07 -7.51 -18.63
C ARG C 133 -2.37 -7.15 -17.32
N GLY C 134 -3.04 -6.39 -16.46
CA GLY C 134 -2.47 -6.04 -15.15
C GLY C 134 -1.64 -4.77 -15.15
N ILE C 135 -1.32 -4.25 -16.33
CA ILE C 135 -0.53 -3.03 -16.48
C ILE C 135 -1.50 -1.92 -16.89
N ASN C 136 -1.81 -1.01 -15.99
CA ASN C 136 -2.86 0.00 -16.26
C ASN C 136 -2.42 1.12 -17.20
N ILE C 137 -1.15 1.50 -17.11
CA ILE C 137 -0.52 2.44 -18.04
C ILE C 137 0.82 1.82 -18.39
N HIS C 138 1.18 1.89 -19.66
CA HIS C 138 2.40 1.21 -20.11
C HIS C 138 3.65 1.71 -19.41
N LEU C 139 4.60 0.80 -19.32
CA LEU C 139 5.88 1.04 -18.66
C LEU C 139 6.95 1.34 -19.69
N HIS C 140 7.64 2.47 -19.51
CA HIS C 140 8.70 2.90 -20.42
C HIS C 140 10.04 2.41 -19.87
N THR C 141 10.86 1.80 -20.72
CA THR C 141 12.25 1.51 -20.30
C THR C 141 13.22 1.72 -21.45
N ARG C 142 14.51 1.47 -21.19
CA ARG C 142 15.51 1.51 -22.26
C ARG C 142 16.37 0.26 -22.17
N LEU C 143 16.71 -0.28 -23.33
CA LEU C 143 17.66 -1.38 -23.46
C LEU C 143 18.98 -0.78 -23.94
N TYR C 144 20.00 -0.90 -23.09
CA TYR C 144 21.38 -0.55 -23.41
C TYR C 144 22.19 -1.84 -23.61
N PHE C 145 23.45 -1.70 -24.01
CA PHE C 145 24.26 -2.86 -24.46
C PHE C 145 25.50 -3.06 -23.61
N ASP C 146 25.74 -4.30 -23.16
CA ASP C 146 26.86 -4.56 -22.23
C ASP C 146 28.24 -4.38 -22.82
N ASP C 147 28.29 -4.32 -24.15
CA ASP C 147 29.56 -4.05 -24.85
C ASP C 147 29.76 -2.57 -25.16
N GLU C 148 29.01 -1.71 -24.46
CA GLU C 148 29.15 -0.26 -24.58
C GLU C 148 29.42 0.34 -23.19
N ALA C 149 30.21 -0.38 -22.38
CA ALA C 149 30.44 0.04 -21.00
C ALA C 149 30.90 1.49 -20.86
N GLN C 150 31.82 1.91 -21.73
CA GLN C 150 32.37 3.27 -21.64
C GLN C 150 31.27 4.31 -21.88
N ALA C 151 30.50 4.14 -22.95
CA ALA C 151 29.36 5.02 -23.26
C ALA C 151 28.29 4.97 -22.17
N ASN C 152 27.95 3.77 -21.71
CA ASN C 152 26.95 3.60 -20.67
C ASN C 152 27.30 4.38 -19.40
N ALA C 153 28.58 4.35 -19.02
CA ALA C 153 29.02 5.04 -17.80
C ALA C 153 28.86 6.56 -17.86
N LYS C 154 28.89 7.09 -19.09
CA LYS C 154 28.76 8.52 -19.35
C LYS C 154 27.36 8.97 -19.82
N CYS C 155 26.41 8.04 -19.91
CA CYS C 155 25.09 8.39 -20.44
C CYS C 155 24.33 9.28 -19.47
N PRO C 156 23.90 10.48 -19.94
CA PRO C 156 23.21 11.41 -19.04
C PRO C 156 21.85 10.87 -18.57
N VAL C 157 21.28 9.90 -19.30
CA VAL C 157 20.03 9.28 -18.86
C VAL C 157 20.28 8.20 -17.80
N LEU C 158 21.22 7.28 -18.05
CA LEU C 158 21.58 6.31 -17.02
C LEU C 158 22.01 6.99 -15.72
N ASN C 159 22.68 8.13 -15.83
CA ASN C 159 23.18 8.82 -14.65
C ASN C 159 22.11 9.54 -13.82
N LEU C 160 20.88 9.62 -14.35
CA LEU C 160 19.75 10.08 -13.56
C LEU C 160 19.15 9.00 -12.64
N ILE C 161 19.58 7.76 -12.84
CA ILE C 161 19.22 6.68 -11.92
C ILE C 161 20.18 6.78 -10.73
N GLU C 162 19.65 7.11 -9.55
CA GLU C 162 20.48 7.47 -8.37
C GLU C 162 21.42 6.34 -7.93
N GLN C 163 20.94 5.11 -7.99
CA GLN C 163 21.71 3.94 -7.57
C GLN C 163 22.36 3.17 -8.70
N PRO C 164 23.70 3.05 -8.65
CA PRO C 164 24.41 2.27 -9.66
C PRO C 164 23.87 0.85 -9.91
N GLN C 165 23.43 0.17 -8.85
N GLN C 165 23.46 0.17 -8.85
CA GLN C 165 22.91 -1.19 -8.97
CA GLN C 165 22.91 -1.18 -8.95
C GLN C 165 21.59 -1.27 -9.74
C GLN C 165 21.72 -1.17 -9.92
N ARG C 166 20.87 -0.16 -9.80
CA ARG C 166 19.64 -0.12 -10.62
C ARG C 166 19.97 0.15 -12.09
N ARG C 167 21.06 0.87 -12.36
CA ARG C 167 21.49 1.08 -13.75
C ARG C 167 21.72 -0.27 -14.43
N GLU C 168 22.20 -1.26 -13.69
CA GLU C 168 22.54 -2.57 -14.27
C GLU C 168 21.31 -3.29 -14.85
N THR C 169 20.13 -2.92 -14.36
CA THR C 169 18.90 -3.55 -14.86
C THR C 169 18.61 -3.21 -16.32
N LEU C 170 19.26 -2.17 -16.85
CA LEU C 170 18.98 -1.70 -18.22
C LEU C 170 20.01 -2.16 -19.25
N ILE C 171 20.94 -3.00 -18.80
CA ILE C 171 22.05 -3.43 -19.66
C ILE C 171 21.83 -4.85 -20.19
N ALA C 172 21.60 -4.95 -21.49
CA ALA C 172 21.36 -6.23 -22.16
C ALA C 172 22.67 -7.03 -22.28
N LYS C 173 22.56 -8.35 -22.20
CA LYS C 173 23.73 -9.25 -22.17
C LYS C 173 24.00 -9.87 -23.54
N ARG C 174 25.18 -9.56 -24.09
CA ARG C 174 25.59 -10.10 -25.39
C ARG C 174 25.82 -11.60 -25.31
N CYS C 175 25.30 -12.30 -26.31
CA CYS C 175 25.45 -13.74 -26.49
C CYS C 175 25.54 -14.03 -28.00
N GLU C 176 25.58 -15.31 -28.33
CA GLU C 176 25.49 -15.73 -29.72
C GLU C 176 24.36 -16.75 -29.86
N VAL C 177 23.49 -16.54 -30.84
CA VAL C 177 22.39 -17.46 -31.12
C VAL C 177 22.50 -17.94 -32.57
N ASP C 178 22.76 -19.23 -32.74
CA ASP C 178 23.05 -19.83 -34.05
C ASP C 178 24.10 -19.05 -34.84
N GLY C 179 25.23 -18.78 -34.21
CA GLY C 179 26.33 -18.06 -34.85
C GLY C 179 26.14 -16.57 -35.06
N LYS C 180 24.96 -16.05 -34.72
CA LYS C 180 24.61 -14.63 -34.89
C LYS C 180 24.66 -13.86 -33.56
N THR C 181 25.11 -12.61 -33.61
CA THR C 181 25.16 -11.73 -32.43
C THR C 181 23.76 -11.49 -31.88
N ALA C 182 23.61 -11.69 -30.58
CA ALA C 182 22.34 -11.48 -29.90
C ALA C 182 22.56 -10.77 -28.58
N TYR C 183 21.50 -10.15 -28.06
CA TYR C 183 21.51 -9.66 -26.68
C TYR C 183 20.22 -10.07 -25.98
N ARG C 184 20.34 -10.50 -24.73
CA ARG C 184 19.17 -10.81 -23.91
C ARG C 184 18.86 -9.62 -23.04
N PHE C 185 17.60 -9.21 -23.03
CA PHE C 185 17.13 -8.16 -22.16
C PHE C 185 15.87 -8.61 -21.47
N ASP C 186 16.02 -9.17 -20.26
CA ASP C 186 14.87 -9.57 -19.43
C ASP C 186 14.37 -8.38 -18.63
N ILE C 187 13.07 -8.33 -18.41
CA ILE C 187 12.42 -7.26 -17.66
C ILE C 187 11.76 -7.87 -16.43
N ARG C 188 12.01 -7.27 -15.27
CA ARG C 188 11.37 -7.70 -14.02
C ARG C 188 10.48 -6.56 -13.59
N ILE C 189 9.17 -6.77 -13.65
CA ILE C 189 8.25 -5.66 -13.43
C ILE C 189 8.27 -5.19 -11.98
N GLN C 190 8.53 -6.13 -11.06
CA GLN C 190 8.34 -5.87 -9.65
C GLN C 190 9.27 -6.72 -8.80
N GLY C 191 9.86 -6.09 -7.78
CA GLY C 191 10.54 -6.83 -6.72
C GLY C 191 12.03 -6.95 -6.95
N GLU C 192 12.59 -8.13 -6.67
CA GLU C 192 14.03 -8.31 -6.79
C GLU C 192 14.49 -8.08 -8.23
N GLY C 193 15.50 -7.21 -8.41
CA GLY C 193 16.03 -6.88 -9.72
C GLY C 193 15.06 -6.09 -10.59
N GLU C 194 14.12 -5.41 -9.94
CA GLU C 194 13.09 -4.66 -10.68
C GLU C 194 13.74 -3.73 -11.70
N THR C 195 13.25 -3.82 -12.93
CA THR C 195 13.76 -3.02 -14.04
C THR C 195 13.42 -1.54 -13.82
N VAL C 196 14.38 -0.66 -14.09
CA VAL C 196 14.09 0.79 -14.02
C VAL C 196 13.03 1.14 -15.08
N PHE C 197 12.01 1.88 -14.67
CA PHE C 197 11.00 2.40 -15.60
C PHE C 197 11.03 3.92 -15.52
N PHE C 198 10.81 4.57 -16.67
CA PHE C 198 10.94 6.02 -16.76
C PHE C 198 9.60 6.74 -16.87
N ASP C 199 9.63 8.00 -16.47
CA ASP C 199 8.55 8.94 -16.79
C ASP C 199 9.15 10.05 -17.58
N PHE C 200 8.44 10.47 -18.63
CA PHE C 200 8.86 11.63 -19.41
C PHE C 200 7.65 12.19 -20.16
N PRO D 1 -27.77 -36.21 4.07
CA PRO D 1 -26.65 -35.29 3.89
C PRO D 1 -27.09 -33.99 3.24
N ALA D 2 -26.18 -33.02 3.17
CA ALA D 2 -26.47 -31.74 2.54
C ALA D 2 -26.44 -31.83 1.01
N GLN D 3 -27.13 -30.89 0.35
CA GLN D 3 -27.18 -30.83 -1.12
C GLN D 3 -26.77 -29.45 -1.58
N ASP D 4 -26.22 -29.39 -2.78
CA ASP D 4 -25.92 -28.13 -3.44
C ASP D 4 -27.16 -27.64 -4.17
N ASN D 5 -28.00 -26.90 -3.48
CA ASN D 5 -29.18 -26.38 -4.16
C ASN D 5 -29.34 -24.87 -4.05
N SER D 6 -28.38 -24.21 -3.43
N SER D 6 -28.36 -24.23 -3.41
CA SER D 6 -28.48 -22.76 -3.33
CA SER D 6 -28.40 -22.79 -3.16
C SER D 6 -27.18 -22.05 -3.69
C SER D 6 -27.16 -22.06 -3.68
N ARG D 7 -27.32 -20.77 -3.99
CA ARG D 7 -26.22 -19.87 -4.31
C ARG D 7 -26.32 -18.69 -3.36
N PHE D 8 -25.17 -18.16 -2.99
CA PHE D 8 -25.10 -17.00 -2.10
C PHE D 8 -24.55 -15.78 -2.79
N VAL D 9 -25.20 -14.64 -2.60
CA VAL D 9 -24.78 -13.39 -3.23
C VAL D 9 -23.30 -13.15 -2.92
N ILE D 10 -22.53 -12.75 -3.93
CA ILE D 10 -21.10 -12.52 -3.74
C ILE D 10 -20.83 -11.38 -2.75
N ARG D 11 -19.83 -11.55 -1.90
CA ARG D 11 -19.55 -10.52 -0.88
C ARG D 11 -19.02 -9.26 -1.53
N ASP D 12 -19.38 -8.14 -0.93
CA ASP D 12 -18.78 -6.86 -1.31
C ASP D 12 -17.59 -6.59 -0.39
N ARG D 13 -16.39 -6.89 -0.91
CA ARG D 13 -15.19 -6.75 -0.09
C ARG D 13 -14.64 -5.33 0.02
N ASN D 14 -15.39 -4.35 -0.50
CA ASN D 14 -15.18 -2.96 -0.11
C ASN D 14 -16.19 -2.45 0.91
N TRP D 15 -17.19 -3.28 1.24
CA TRP D 15 -18.15 -3.01 2.31
C TRP D 15 -17.58 -3.56 3.62
N HIS D 16 -17.21 -4.84 3.58
CA HIS D 16 -16.33 -5.39 4.61
C HIS D 16 -15.03 -4.62 4.72
N PRO D 17 -14.37 -4.72 5.89
CA PRO D 17 -13.01 -4.18 5.96
C PRO D 17 -12.05 -4.94 5.04
N LYS D 18 -11.12 -4.23 4.43
CA LYS D 18 -10.04 -4.86 3.68
C LYS D 18 -9.08 -5.56 4.65
N ALA D 19 -8.23 -6.43 4.11
CA ALA D 19 -7.23 -7.11 4.96
C ALA D 19 -6.21 -6.14 5.53
N LEU D 20 -5.64 -5.27 4.68
CA LEU D 20 -4.56 -4.40 5.12
C LEU D 20 -5.11 -3.03 5.52
N THR D 21 -5.15 -2.79 6.82
CA THR D 21 -5.68 -1.54 7.37
C THR D 21 -4.65 -1.09 8.41
N PRO D 22 -3.58 -0.42 7.96
CA PRO D 22 -2.39 -0.31 8.82
C PRO D 22 -2.56 0.41 10.16
N ASP D 23 -3.57 1.27 10.31
CA ASP D 23 -3.77 1.91 11.61
C ASP D 23 -4.16 0.89 12.66
N TYR D 24 -4.73 -0.24 12.22
CA TYR D 24 -4.87 -1.41 13.09
C TYR D 24 -3.59 -2.20 12.88
N LYS D 25 -2.65 -2.03 13.81
CA LYS D 25 -1.27 -2.39 13.54
C LYS D 25 -1.07 -3.89 13.28
N THR D 26 -1.82 -4.75 13.98
CA THR D 26 -1.64 -6.19 13.81
C THR D 26 -2.05 -6.68 12.41
N SER D 27 -2.84 -5.87 11.69
CA SER D 27 -3.22 -6.24 10.33
C SER D 27 -2.06 -6.18 9.36
N ILE D 28 -1.00 -5.43 9.69
CA ILE D 28 0.07 -5.21 8.72
C ILE D 28 0.76 -6.53 8.36
N ALA D 29 1.08 -7.36 9.36
CA ALA D 29 1.76 -8.61 9.08
C ALA D 29 0.81 -9.81 8.93
N ARG D 30 -0.49 -9.57 9.03
CA ARG D 30 -1.46 -10.67 8.99
C ARG D 30 -2.49 -10.51 7.87
N SER D 31 -2.07 -9.79 6.82
CA SER D 31 -2.88 -9.57 5.63
C SER D 31 -2.19 -10.18 4.41
N PRO D 32 -2.91 -11.01 3.64
CA PRO D 32 -2.25 -11.58 2.46
C PRO D 32 -1.90 -10.49 1.49
N ARG D 33 -0.75 -10.61 0.84
CA ARG D 33 -0.36 -9.64 -0.20
C ARG D 33 -0.75 -10.08 -1.60
N GLN D 34 -1.04 -11.36 -1.79
CA GLN D 34 -1.55 -11.82 -3.08
C GLN D 34 -3.06 -11.67 -3.12
N ALA D 35 -3.58 -11.54 -4.33
CA ALA D 35 -5.04 -11.49 -4.50
C ALA D 35 -5.70 -12.80 -4.07
N LEU D 36 -6.90 -12.70 -3.49
CA LEU D 36 -7.75 -13.87 -3.29
C LEU D 36 -8.04 -14.50 -4.64
N VAL D 37 -8.13 -15.83 -4.66
CA VAL D 37 -8.51 -16.55 -5.87
C VAL D 37 -9.99 -16.85 -5.84
N SER D 38 -10.75 -16.30 -6.80
CA SER D 38 -12.18 -16.59 -6.86
C SER D 38 -12.43 -17.99 -7.34
N ILE D 39 -13.32 -18.68 -6.65
CA ILE D 39 -13.74 -20.03 -7.09
C ILE D 39 -15.27 -20.09 -7.16
N PRO D 40 -15.82 -20.88 -8.10
CA PRO D 40 -17.28 -20.95 -8.23
C PRO D 40 -17.86 -21.68 -7.05
N GLN D 41 -19.08 -21.33 -6.67
CA GLN D 41 -19.74 -22.08 -5.59
C GLN D 41 -19.98 -23.55 -5.98
N SER D 42 -19.63 -24.43 -5.04
CA SER D 42 -19.91 -25.87 -5.13
C SER D 42 -20.55 -26.27 -3.82
N ILE D 43 -20.88 -27.56 -3.73
CA ILE D 43 -21.43 -28.08 -2.48
C ILE D 43 -20.49 -27.86 -1.30
N SER D 44 -19.19 -27.79 -1.54
CA SER D 44 -18.22 -27.51 -0.46
C SER D 44 -18.49 -26.18 0.24
N GLU D 45 -18.92 -25.18 -0.53
CA GLU D 45 -19.10 -23.81 -0.01
C GLU D 45 -20.54 -23.48 0.34
N THR D 46 -21.50 -24.18 -0.25
CA THR D 46 -22.92 -23.74 -0.13
C THR D 46 -23.67 -24.54 0.91
N THR D 47 -22.93 -25.41 1.59
CA THR D 47 -23.44 -26.17 2.73
C THR D 47 -22.70 -25.79 4.00
N GLY D 48 -23.22 -26.22 5.15
CA GLY D 48 -22.56 -25.91 6.41
C GLY D 48 -23.30 -26.58 7.54
N PRO D 49 -22.72 -26.55 8.75
CA PRO D 49 -23.37 -27.22 9.86
C PRO D 49 -24.67 -26.54 10.31
N ASN D 50 -25.58 -27.37 10.81
CA ASN D 50 -26.87 -26.99 11.36
C ASN D 50 -26.80 -27.44 12.80
N PHE D 51 -27.00 -26.51 13.73
CA PHE D 51 -26.80 -26.77 15.15
C PHE D 51 -28.10 -26.96 15.95
N SER D 52 -29.17 -27.29 15.24
N SER D 52 -29.18 -27.28 15.26
CA SER D 52 -30.47 -27.53 15.85
CA SER D 52 -30.47 -27.48 15.92
C SER D 52 -30.40 -28.49 17.04
C SER D 52 -30.41 -28.50 17.05
N HIS D 53 -29.52 -29.50 16.93
CA HIS D 53 -29.38 -30.52 17.98
C HIS D 53 -28.11 -30.43 18.84
N LEU D 54 -27.47 -29.26 18.83
CA LEU D 54 -26.46 -28.97 19.82
C LEU D 54 -27.18 -28.78 21.18
N GLY D 55 -26.61 -29.32 22.24
CA GLY D 55 -27.22 -29.26 23.56
C GLY D 55 -26.76 -28.00 24.26
N PHE D 56 -27.72 -27.14 24.56
CA PHE D 56 -27.43 -25.89 25.27
C PHE D 56 -27.74 -26.04 26.75
N GLY D 57 -26.85 -25.51 27.61
CA GLY D 57 -27.15 -25.37 29.02
C GLY D 57 -28.22 -24.31 29.26
N ALA D 58 -28.90 -24.42 30.40
CA ALA D 58 -30.01 -23.54 30.75
C ALA D 58 -29.66 -22.06 30.71
N HIS D 59 -28.43 -21.72 31.10
CA HIS D 59 -28.00 -20.32 31.18
C HIS D 59 -27.02 -19.92 30.09
N ASP D 60 -26.93 -20.71 29.02
CA ASP D 60 -25.92 -20.41 28.01
C ASP D 60 -26.08 -19.01 27.39
N HIS D 61 -27.30 -18.49 27.39
CA HIS D 61 -27.62 -17.21 26.75
C HIS D 61 -27.67 -16.11 27.80
N ASP D 62 -27.42 -16.47 29.07
CA ASP D 62 -27.65 -15.53 30.18
C ASP D 62 -26.40 -15.31 30.99
N LEU D 63 -25.65 -14.27 30.61
CA LEU D 63 -24.35 -14.00 31.22
C LEU D 63 -24.47 -13.46 32.66
N LEU D 64 -25.69 -13.14 33.10
CA LEU D 64 -25.88 -12.76 34.52
C LEU D 64 -25.91 -13.96 35.45
N LEU D 65 -26.16 -15.14 34.89
CA LEU D 65 -26.29 -16.38 35.68
C LEU D 65 -25.30 -17.46 35.32
N ASN D 66 -24.61 -17.33 34.18
CA ASN D 66 -23.80 -18.44 33.67
C ASN D 66 -22.35 -18.49 34.21
N PHE D 67 -22.00 -17.53 35.06
CA PHE D 67 -20.72 -17.57 35.80
C PHE D 67 -20.99 -17.23 37.27
N ASN D 68 -21.94 -17.95 37.86
CA ASN D 68 -22.43 -17.65 39.21
C ASN D 68 -21.48 -18.22 40.24
N ASN D 69 -20.80 -17.33 40.94
CA ASN D 69 -19.90 -17.71 42.03
C ASN D 69 -20.34 -17.06 43.34
N GLY D 70 -21.66 -16.93 43.49
CA GLY D 70 -22.24 -16.47 44.74
C GLY D 70 -22.96 -15.14 44.69
N GLY D 71 -22.97 -14.50 43.53
CA GLY D 71 -23.69 -13.25 43.38
C GLY D 71 -23.90 -12.88 41.94
N LEU D 72 -24.51 -11.73 41.72
CA LEU D 72 -24.69 -11.19 40.38
C LEU D 72 -23.48 -10.37 39.97
N PRO D 73 -23.23 -10.32 38.65
CA PRO D 73 -22.14 -9.45 38.20
C PRO D 73 -22.51 -7.97 38.41
N ILE D 74 -21.48 -7.16 38.59
CA ILE D 74 -21.63 -5.72 38.71
C ILE D 74 -21.66 -5.08 37.32
N GLY D 75 -22.53 -4.11 37.15
CA GLY D 75 -22.59 -3.41 35.88
C GLY D 75 -24.00 -3.25 35.33
N GLU D 76 -24.06 -2.66 34.14
CA GLU D 76 -25.36 -2.28 33.52
C GLU D 76 -26.08 -3.50 32.96
N ARG D 77 -27.18 -3.91 33.61
CA ARG D 77 -27.95 -5.05 33.14
C ARG D 77 -28.63 -4.73 31.83
N ILE D 78 -28.37 -5.54 30.81
CA ILE D 78 -28.99 -5.32 29.48
C ILE D 78 -29.39 -6.60 28.81
N ILE D 79 -30.48 -6.54 28.05
CA ILE D 79 -30.80 -7.55 27.06
C ILE D 79 -30.17 -7.12 25.73
N VAL D 80 -29.56 -8.07 25.03
CA VAL D 80 -29.12 -7.81 23.64
C VAL D 80 -29.91 -8.78 22.77
N ALA D 81 -30.73 -8.22 21.89
CA ALA D 81 -31.63 -9.05 21.07
C ALA D 81 -31.65 -8.52 19.65
N GLY D 82 -32.09 -9.35 18.70
CA GLY D 82 -32.20 -8.90 17.33
C GLY D 82 -32.64 -10.04 16.46
N ARG D 83 -32.61 -9.77 15.16
CA ARG D 83 -33.03 -10.75 14.16
C ARG D 83 -31.88 -10.99 13.21
N VAL D 84 -31.71 -12.26 12.80
CA VAL D 84 -30.79 -12.61 11.72
C VAL D 84 -31.63 -12.86 10.46
N VAL D 85 -31.34 -12.08 9.43
CA VAL D 85 -32.00 -12.25 8.13
C VAL D 85 -30.91 -12.32 7.06
N ASP D 86 -31.28 -12.75 5.85
CA ASP D 86 -30.36 -12.65 4.73
C ASP D 86 -30.61 -11.38 3.90
N GLN D 87 -29.86 -11.19 2.83
CA GLN D 87 -29.92 -9.91 2.12
C GLN D 87 -31.25 -9.68 1.38
N TYR D 88 -31.97 -10.78 1.17
CA TYR D 88 -33.31 -10.71 0.57
C TYR D 88 -34.38 -10.46 1.63
N GLY D 89 -33.96 -10.34 2.89
CA GLY D 89 -34.88 -10.10 4.00
C GLY D 89 -35.48 -11.35 4.63
N LYS D 90 -35.03 -12.52 4.19
CA LYS D 90 -35.56 -13.78 4.70
CA LYS D 90 -35.57 -13.78 4.70
C LYS D 90 -34.95 -14.10 6.06
N PRO D 91 -35.79 -14.41 7.07
CA PRO D 91 -35.23 -14.76 8.37
CA PRO D 91 -35.22 -14.76 8.38
C PRO D 91 -34.34 -16.00 8.30
N VAL D 92 -33.38 -16.10 9.21
CA VAL D 92 -32.47 -17.24 9.28
C VAL D 92 -32.75 -17.93 10.61
N PRO D 93 -33.65 -18.94 10.60
CA PRO D 93 -34.07 -19.61 11.84
C PRO D 93 -33.09 -20.71 12.29
N ASN D 94 -33.08 -20.99 13.59
N ASN D 94 -33.15 -21.10 13.56
CA ASN D 94 -32.33 -22.13 14.12
CA ASN D 94 -32.30 -22.18 14.10
C ASN D 94 -30.84 -22.06 13.75
C ASN D 94 -30.83 -22.07 13.69
N THR D 95 -30.30 -20.85 13.78
CA THR D 95 -28.89 -20.59 13.45
C THR D 95 -28.10 -20.28 14.72
N LEU D 96 -26.82 -20.64 14.73
CA LEU D 96 -26.01 -20.49 15.94
C LEU D 96 -25.43 -19.07 16.06
N VAL D 97 -25.75 -18.42 17.17
CA VAL D 97 -25.22 -17.09 17.50
C VAL D 97 -24.40 -17.25 18.77
N GLU D 98 -23.11 -16.95 18.66
CA GLU D 98 -22.20 -16.96 19.78
C GLU D 98 -21.70 -15.56 20.03
N MET D 99 -21.43 -15.24 21.29
CA MET D 99 -20.94 -13.91 21.62
C MET D 99 -20.01 -13.97 22.81
N TRP D 100 -19.09 -13.02 22.89
CA TRP D 100 -18.21 -12.90 24.03
C TRP D 100 -17.79 -11.47 24.23
N GLN D 101 -17.32 -11.15 25.44
CA GLN D 101 -17.10 -9.76 25.79
C GLN D 101 -16.31 -9.62 27.06
N ALA D 102 -15.84 -8.40 27.29
CA ALA D 102 -15.20 -8.01 28.56
C ALA D 102 -16.28 -7.74 29.63
N ASN D 103 -15.84 -7.56 30.86
CA ASN D 103 -16.75 -7.22 31.93
C ASN D 103 -17.04 -5.70 31.95
N ALA D 104 -17.72 -5.25 33.00
CA ALA D 104 -18.11 -3.83 33.08
C ALA D 104 -16.95 -2.85 33.03
N GLY D 105 -15.76 -3.33 33.43
CA GLY D 105 -14.55 -2.52 33.45
C GLY D 105 -13.63 -2.65 32.26
N GLY D 106 -14.04 -3.40 31.23
CA GLY D 106 -13.19 -3.59 30.05
C GLY D 106 -12.13 -4.66 30.18
N ARG D 107 -12.23 -5.49 31.22
CA ARG D 107 -11.32 -6.60 31.46
C ARG D 107 -11.91 -7.92 30.96
N TYR D 108 -11.11 -8.65 30.16
CA TYR D 108 -11.48 -9.99 29.67
C TYR D 108 -11.03 -11.11 30.57
N ARG D 109 -11.85 -12.15 30.69
CA ARG D 109 -11.50 -13.34 31.44
C ARG D 109 -10.63 -14.25 30.56
N HIS D 110 -9.38 -13.83 30.36
CA HIS D 110 -8.37 -14.60 29.64
C HIS D 110 -7.01 -14.26 30.24
N LYS D 111 -6.15 -15.28 30.36
CA LYS D 111 -4.79 -15.12 30.91
C LYS D 111 -3.96 -14.00 30.26
N ASN D 112 -4.16 -13.79 28.96
CA ASN D 112 -3.38 -12.81 28.21
C ASN D 112 -3.83 -11.36 28.44
N ASP D 113 -4.97 -11.17 29.10
CA ASP D 113 -5.40 -9.81 29.44
C ASP D 113 -4.96 -9.43 30.85
N ARG D 114 -3.95 -8.57 30.94
CA ARG D 114 -3.43 -8.12 32.23
C ARG D 114 -3.78 -6.66 32.52
N TYR D 115 -4.83 -6.14 31.87
CA TYR D 115 -5.30 -4.80 32.19
C TYR D 115 -5.57 -4.71 33.69
N LEU D 116 -5.22 -3.57 34.28
CA LEU D 116 -5.29 -3.44 35.73
C LEU D 116 -6.71 -3.38 36.30
N ALA D 117 -7.74 -3.16 35.47
CA ALA D 117 -9.10 -3.18 36.00
C ALA D 117 -9.49 -4.60 36.40
N PRO D 118 -10.17 -4.76 37.55
CA PRO D 118 -10.38 -6.11 38.08
C PRO D 118 -11.36 -6.97 37.28
N LEU D 119 -11.12 -8.27 37.35
CA LEU D 119 -12.12 -9.23 37.00
C LEU D 119 -13.29 -9.16 37.96
N ASP D 120 -14.45 -9.58 37.48
CA ASP D 120 -15.67 -9.64 38.28
C ASP D 120 -15.89 -11.13 38.58
N PRO D 121 -15.90 -11.51 39.87
CA PRO D 121 -16.00 -12.96 40.21
C PRO D 121 -17.27 -13.64 39.72
N ASN D 122 -18.31 -12.87 39.38
CA ASN D 122 -19.55 -13.44 38.89
C ASN D 122 -19.80 -13.16 37.42
N PHE D 123 -18.74 -12.86 36.68
CA PHE D 123 -18.89 -12.62 35.25
C PHE D 123 -17.82 -13.36 34.45
N GLY D 124 -18.29 -14.11 33.46
CA GLY D 124 -17.40 -14.84 32.58
C GLY D 124 -17.32 -14.23 31.17
N GLY D 125 -18.45 -13.73 30.67
CA GLY D 125 -18.47 -12.99 29.39
C GLY D 125 -18.70 -13.79 28.13
N VAL D 126 -19.29 -14.97 28.25
CA VAL D 126 -19.50 -15.83 27.07
C VAL D 126 -20.96 -16.29 26.99
N GLY D 127 -21.58 -16.16 25.81
CA GLY D 127 -22.92 -16.64 25.60
C GLY D 127 -23.10 -17.37 24.27
N ARG D 128 -24.16 -18.16 24.19
CA ARG D 128 -24.58 -18.70 22.90
C ARG D 128 -26.06 -19.00 22.91
N CYS D 129 -26.63 -19.00 21.72
CA CYS D 129 -28.01 -19.43 21.53
C CYS D 129 -28.26 -19.79 20.08
N LEU D 130 -29.46 -20.30 19.81
CA LEU D 130 -29.94 -20.45 18.46
C LEU D 130 -31.00 -19.42 18.22
N THR D 131 -31.06 -18.90 17.00
CA THR D 131 -32.22 -18.08 16.64
C THR D 131 -33.46 -18.96 16.67
N ASP D 132 -34.59 -18.34 16.99
CA ASP D 132 -35.87 -19.05 16.97
C ASP D 132 -36.39 -19.28 15.55
N SER D 133 -37.61 -19.79 15.47
CA SER D 133 -38.20 -20.15 14.20
C SER D 133 -38.46 -18.94 13.31
N ASP D 134 -38.42 -17.73 13.89
CA ASP D 134 -38.62 -16.50 13.13
C ASP D 134 -37.33 -15.68 12.95
N GLY D 135 -36.19 -16.27 13.32
CA GLY D 135 -34.89 -15.61 13.17
C GLY D 135 -34.41 -14.74 14.32
N TYR D 136 -35.13 -14.71 15.44
CA TYR D 136 -34.74 -13.85 16.58
C TYR D 136 -33.83 -14.53 17.61
N TYR D 137 -32.88 -13.78 18.15
CA TYR D 137 -32.03 -14.29 19.24
C TYR D 137 -32.17 -13.35 20.44
N SER D 138 -31.72 -13.80 21.61
CA SER D 138 -31.76 -12.99 22.82
C SER D 138 -30.67 -13.45 23.79
N PHE D 139 -29.92 -12.47 24.30
CA PHE D 139 -28.98 -12.65 25.41
C PHE D 139 -29.30 -11.68 26.54
N ARG D 140 -28.91 -12.05 27.76
CA ARG D 140 -28.89 -11.09 28.85
C ARG D 140 -27.46 -10.98 29.35
N THR D 141 -27.00 -9.75 29.60
CA THR D 141 -25.62 -9.57 29.94
C THR D 141 -25.40 -8.26 30.71
N ILE D 142 -24.14 -7.91 30.94
CA ILE D 142 -23.69 -6.65 31.49
C ILE D 142 -23.11 -5.83 30.32
N LYS D 143 -23.38 -4.53 30.24
CA LYS D 143 -22.78 -3.73 29.16
C LYS D 143 -21.26 -3.68 29.40
N PRO D 144 -20.45 -4.07 28.39
CA PRO D 144 -19.01 -4.11 28.63
C PRO D 144 -18.42 -2.69 28.65
N GLY D 145 -17.34 -2.52 29.39
CA GLY D 145 -16.62 -1.24 29.38
C GLY D 145 -15.61 -1.16 28.26
N PRO D 146 -15.23 0.06 27.87
CA PRO D 146 -14.14 0.27 26.93
C PRO D 146 -12.88 -0.45 27.41
N ALA D 147 -12.09 -0.93 26.45
CA ALA D 147 -10.91 -1.74 26.74
C ALA D 147 -9.69 -1.06 26.11
N PRO D 148 -8.70 -0.66 26.93
CA PRO D 148 -7.49 -0.08 26.34
C PRO D 148 -6.68 -1.20 25.69
N TRP D 149 -5.90 -0.85 24.70
CA TRP D 149 -5.11 -1.86 24.02
C TRP D 149 -3.88 -1.25 23.38
N ARG D 150 -2.88 -2.10 23.16
CA ARG D 150 -1.55 -1.66 22.73
C ARG D 150 -1.42 -1.50 21.22
N ASN D 151 -2.11 -0.50 20.70
CA ASN D 151 -2.08 -0.21 19.29
C ASN D 151 -1.30 1.09 19.20
N GLY D 152 -1.99 2.22 19.01
CA GLY D 152 -1.40 3.54 19.25
C GLY D 152 -1.17 3.76 20.74
N PRO D 153 -0.52 4.87 21.10
CA PRO D 153 -0.18 5.05 22.52
C PRO D 153 -1.34 5.34 23.48
N ASN D 154 -2.49 5.72 22.97
CA ASN D 154 -3.68 5.96 23.80
C ASN D 154 -4.94 5.49 23.09
N ASP D 155 -4.95 4.21 22.74
CA ASP D 155 -6.10 3.64 22.03
C ASP D 155 -7.00 2.84 22.96
N TRP D 156 -8.31 3.02 22.76
CA TRP D 156 -9.32 2.38 23.58
C TRP D 156 -10.44 1.85 22.68
N ARG D 157 -10.76 0.56 22.82
CA ARG D 157 -11.91 0.06 22.07
C ARG D 157 -13.16 0.69 22.64
N PRO D 158 -14.12 1.04 21.77
CA PRO D 158 -15.45 1.34 22.31
C PRO D 158 -15.99 0.12 23.03
N ALA D 159 -16.98 0.30 23.90
CA ALA D 159 -17.71 -0.86 24.45
C ALA D 159 -18.11 -1.75 23.28
N HIS D 160 -17.81 -3.06 23.35
CA HIS D 160 -18.11 -3.94 22.21
C HIS D 160 -18.40 -5.38 22.65
N ILE D 161 -19.24 -6.06 21.87
CA ILE D 161 -19.48 -7.49 22.10
C ILE D 161 -19.15 -8.20 20.78
N TYR D 162 -18.30 -9.23 20.85
CA TYR D 162 -18.04 -10.02 19.64
C TYR D 162 -19.21 -10.93 19.35
N PHE D 163 -19.53 -11.09 18.06
CA PHE D 163 -20.59 -12.01 17.60
C PHE D 163 -20.05 -12.97 16.57
N GLY D 164 -20.45 -14.23 16.66
CA GLY D 164 -20.22 -15.19 15.57
C GLY D 164 -21.57 -15.74 15.17
N ILE D 165 -21.83 -15.81 13.86
CA ILE D 165 -23.10 -16.31 13.33
C ILE D 165 -22.82 -17.35 12.26
N SER D 166 -23.42 -18.53 12.39
CA SER D 166 -23.16 -19.63 11.43
C SER D 166 -23.88 -19.39 10.11
N GLY D 167 -25.20 -19.21 10.15
CA GLY D 167 -26.01 -19.12 8.94
C GLY D 167 -26.11 -20.46 8.22
N PRO D 168 -26.70 -20.43 7.02
CA PRO D 168 -27.00 -21.70 6.32
C PRO D 168 -25.79 -22.42 5.72
N SER D 169 -24.65 -21.75 5.58
CA SER D 169 -23.48 -22.39 4.96
C SER D 169 -22.17 -21.80 5.45
N ILE D 170 -21.06 -22.49 5.14
CA ILE D 170 -19.77 -21.90 5.50
C ILE D 170 -19.53 -20.59 4.70
N ALA D 171 -20.25 -20.38 3.60
CA ALA D 171 -20.15 -19.14 2.86
C ALA D 171 -20.81 -17.97 3.59
N THR D 172 -21.78 -18.26 4.46
CA THR D 172 -22.49 -17.18 5.21
C THR D 172 -21.85 -16.90 6.56
N LYS D 173 -21.02 -17.80 7.07
CA LYS D 173 -20.51 -17.64 8.43
C LYS D 173 -19.76 -16.32 8.58
N LEU D 174 -19.93 -15.66 9.72
CA LEU D 174 -19.41 -14.32 9.94
C LEU D 174 -19.04 -14.15 11.39
N ILE D 175 -17.91 -13.49 11.64
CA ILE D 175 -17.63 -12.87 12.93
C ILE D 175 -17.63 -11.35 12.78
N THR D 176 -18.26 -10.69 13.75
CA THR D 176 -18.28 -9.24 13.74
C THR D 176 -18.23 -8.71 15.17
N GLN D 177 -18.31 -7.39 15.32
CA GLN D 177 -18.44 -6.77 16.65
C GLN D 177 -19.62 -5.80 16.69
N LEU D 178 -20.37 -5.88 17.79
CA LEU D 178 -21.44 -4.95 18.13
C LEU D 178 -20.86 -3.78 18.92
N TYR D 179 -21.26 -2.58 18.56
CA TYR D 179 -20.98 -1.36 19.32
C TYR D 179 -22.30 -0.77 19.82
N PHE D 180 -22.22 0.26 20.68
CA PHE D 180 -23.43 0.78 21.33
C PHE D 180 -23.71 2.22 20.95
N GLU D 181 -25.00 2.47 20.67
CA GLU D 181 -25.49 3.79 20.25
C GLU D 181 -24.91 4.95 21.06
N GLY D 182 -24.29 5.89 20.34
CA GLY D 182 -23.79 7.12 20.94
C GLY D 182 -22.39 7.07 21.50
N ASP D 183 -21.76 5.90 21.51
CA ASP D 183 -20.43 5.75 22.13
C ASP D 183 -19.41 6.67 21.44
N PRO D 184 -18.85 7.66 22.16
CA PRO D 184 -17.96 8.62 21.49
C PRO D 184 -16.61 8.00 21.08
N LEU D 185 -16.34 6.79 21.56
CA LEU D 185 -15.13 6.10 21.11
C LEU D 185 -15.24 5.50 19.72
N ILE D 186 -16.45 5.32 19.22
CA ILE D 186 -16.63 4.62 17.93
C ILE D 186 -15.87 5.30 16.77
N PRO D 187 -16.03 6.63 16.61
CA PRO D 187 -15.33 7.30 15.49
C PRO D 187 -13.81 7.31 15.57
N MET D 188 -13.28 7.00 16.76
CA MET D 188 -11.83 7.07 17.03
C MET D 188 -11.11 5.74 16.88
N CYS D 189 -11.86 4.65 16.72
CA CYS D 189 -11.27 3.32 16.85
C CYS D 189 -10.71 2.81 15.53
N PRO D 190 -9.41 2.45 15.49
CA PRO D 190 -8.82 1.91 14.25
C PRO D 190 -9.38 0.55 13.80
N ILE D 191 -9.96 -0.22 14.73
CA ILE D 191 -10.64 -1.47 14.33
C ILE D 191 -12.01 -1.16 13.67
N VAL D 192 -12.82 -0.30 14.29
CA VAL D 192 -14.03 0.21 13.61
C VAL D 192 -13.67 0.75 12.22
N LYS D 193 -12.62 1.56 12.16
CA LYS D 193 -12.28 2.25 10.92
C LYS D 193 -11.54 1.38 9.91
N SER D 194 -11.34 0.10 10.24
CA SER D 194 -10.95 -0.85 9.21
C SER D 194 -12.04 -0.96 8.14
N ILE D 195 -13.26 -0.62 8.52
CA ILE D 195 -14.36 -0.51 7.58
C ILE D 195 -14.31 0.89 6.96
N ALA D 196 -14.14 0.95 5.63
CA ALA D 196 -13.91 2.23 4.96
C ALA D 196 -15.19 3.04 4.80
N ASN D 197 -16.33 2.38 4.64
CA ASN D 197 -17.57 3.07 4.36
C ASN D 197 -18.32 3.41 5.67
N PRO D 198 -18.51 4.70 5.97
N PRO D 198 -18.60 4.70 5.91
CA PRO D 198 -19.24 5.02 7.21
CA PRO D 198 -19.27 5.08 7.16
C PRO D 198 -20.66 4.42 7.34
C PRO D 198 -20.65 4.45 7.34
N GLU D 199 -21.34 4.16 6.23
CA GLU D 199 -22.66 3.52 6.29
C GLU D 199 -22.54 2.08 6.79
N ALA D 200 -21.44 1.42 6.43
CA ALA D 200 -21.18 0.06 6.93
C ALA D 200 -20.90 0.07 8.43
N VAL D 201 -20.13 1.05 8.90
CA VAL D 201 -19.89 1.17 10.35
C VAL D 201 -21.21 1.30 11.09
N GLN D 202 -22.15 2.10 10.56
CA GLN D 202 -23.44 2.27 11.24
C GLN D 202 -24.23 0.97 11.42
N GLN D 203 -23.99 -0.01 10.55
CA GLN D 203 -24.68 -1.27 10.63
C GLN D 203 -24.22 -2.10 11.84
N LEU D 204 -23.10 -1.71 12.45
CA LEU D 204 -22.59 -2.41 13.63
C LEU D 204 -23.02 -1.79 14.95
N ILE D 205 -23.80 -0.70 14.88
CA ILE D 205 -24.16 0.03 16.09
C ILE D 205 -25.55 -0.40 16.58
N ALA D 206 -25.57 -1.10 17.72
CA ALA D 206 -26.81 -1.51 18.35
C ALA D 206 -27.55 -0.31 18.91
N LYS D 207 -28.87 -0.31 18.76
CA LYS D 207 -29.71 0.81 19.21
C LYS D 207 -30.35 0.52 20.54
N LEU D 208 -30.36 1.52 21.42
CA LEU D 208 -31.10 1.43 22.68
C LEU D 208 -32.57 1.07 22.35
N ASP D 209 -33.12 0.10 23.07
CA ASP D 209 -34.44 -0.44 22.72
C ASP D 209 -35.31 -0.45 23.97
N MET D 210 -35.91 0.70 24.29
CA MET D 210 -36.67 0.80 25.55
C MET D 210 -37.88 -0.11 25.54
N ASN D 211 -38.41 -0.39 24.35
CA ASN D 211 -39.56 -1.26 24.17
C ASN D 211 -39.34 -2.66 24.70
N ASN D 212 -38.08 -3.09 24.69
CA ASN D 212 -37.72 -4.44 25.09
C ASN D 212 -37.13 -4.53 26.51
N ALA D 213 -37.09 -3.40 27.22
CA ALA D 213 -36.53 -3.37 28.55
C ALA D 213 -37.48 -3.99 29.58
N ASN D 214 -36.92 -4.48 30.67
CA ASN D 214 -37.70 -4.86 31.86
C ASN D 214 -37.64 -3.72 32.85
N PRO D 215 -38.76 -3.02 33.10
CA PRO D 215 -38.68 -1.91 34.04
C PRO D 215 -38.11 -2.28 35.40
N MET D 216 -37.35 -1.37 35.99
CA MET D 216 -36.75 -1.58 37.31
C MET D 216 -35.83 -2.80 37.37
N ASP D 217 -35.28 -3.16 36.22
CA ASP D 217 -34.57 -4.43 36.08
C ASP D 217 -33.42 -4.32 35.09
N CYS D 218 -33.72 -4.26 33.79
CA CYS D 218 -32.66 -4.22 32.79
C CYS D 218 -33.07 -3.41 31.57
N LEU D 219 -32.09 -2.72 30.98
CA LEU D 219 -32.32 -2.07 29.69
C LEU D 219 -32.17 -3.07 28.55
N ALA D 220 -32.23 -2.60 27.32
CA ALA D 220 -32.15 -3.52 26.17
C ALA D 220 -31.57 -2.78 25.00
N TYR D 221 -30.83 -3.52 24.19
CA TYR D 221 -30.29 -3.03 22.91
C TYR D 221 -30.71 -3.97 21.81
N ARG D 222 -30.88 -3.42 20.61
CA ARG D 222 -31.25 -4.21 19.44
C ARG D 222 -30.15 -4.20 18.39
N PHE D 223 -29.76 -5.39 17.94
CA PHE D 223 -28.70 -5.55 16.95
C PHE D 223 -29.14 -6.61 15.93
N ASP D 224 -29.51 -6.13 14.76
CA ASP D 224 -29.91 -7.01 13.67
C ASP D 224 -28.70 -7.36 12.80
N ILE D 225 -28.70 -8.57 12.29
CA ILE D 225 -27.58 -9.11 11.51
C ILE D 225 -28.11 -9.54 10.16
N VAL D 226 -27.37 -9.17 9.12
CA VAL D 226 -27.72 -9.53 7.76
C VAL D 226 -26.63 -10.41 7.17
N LEU D 227 -27.01 -11.64 6.80
CA LEU D 227 -26.08 -12.59 6.16
C LEU D 227 -26.30 -12.56 4.64
N ARG D 228 -25.35 -13.13 3.90
CA ARG D 228 -25.44 -13.16 2.43
C ARG D 228 -26.77 -13.70 1.94
N GLY D 229 -27.32 -13.04 0.94
CA GLY D 229 -28.58 -13.47 0.34
C GLY D 229 -28.48 -14.88 -0.25
N GLN D 230 -29.49 -15.70 0.01
CA GLN D 230 -29.53 -17.08 -0.49
C GLN D 230 -30.58 -17.19 -1.61
N ARG D 231 -30.22 -17.84 -2.71
CA ARG D 231 -31.19 -18.06 -3.79
C ARG D 231 -31.05 -19.48 -4.31
N LYS D 232 -32.07 -19.94 -5.03
CA LYS D 232 -31.95 -21.24 -5.70
C LYS D 232 -31.01 -21.13 -6.91
N THR D 233 -30.35 -22.23 -7.26
CA THR D 233 -29.63 -22.32 -8.53
C THR D 233 -30.61 -22.14 -9.71
N HIS D 234 -30.12 -21.58 -10.81
CA HIS D 234 -30.94 -21.50 -12.00
C HIS D 234 -30.10 -21.54 -13.25
N PHE D 235 -30.58 -22.26 -14.27
CA PHE D 235 -29.93 -22.30 -15.58
C PHE D 235 -28.44 -22.63 -15.56
N GLU D 236 -28.04 -23.56 -14.68
CA GLU D 236 -26.65 -24.02 -14.64
C GLU D 236 -26.49 -25.30 -15.44
N ASN D 237 -25.32 -25.44 -16.08
CA ASN D 237 -24.96 -26.65 -16.86
C ASN D 237 -25.89 -26.90 -18.04
N CYS D 238 -26.45 -25.82 -18.58
CA CYS D 238 -27.35 -25.87 -19.73
C CYS D 238 -27.31 -24.51 -20.41
N PRO E 1 19.53 18.61 37.18
CA PRO E 1 19.21 17.80 36.01
C PRO E 1 17.71 17.75 35.76
N ALA E 2 17.32 17.21 34.61
CA ALA E 2 15.92 17.12 34.22
C ALA E 2 15.12 16.10 35.04
N GLN E 3 13.82 16.36 35.17
CA GLN E 3 12.93 15.42 35.87
C GLN E 3 11.67 15.15 35.05
N ASP E 4 11.06 13.99 35.30
CA ASP E 4 9.81 13.59 34.66
C ASP E 4 8.64 14.18 35.46
N ASN E 5 8.05 15.24 34.95
CA ASN E 5 6.94 15.85 35.70
C ASN E 5 5.78 16.22 34.79
N SER E 6 5.81 15.73 33.56
CA SER E 6 4.71 16.08 32.64
C SER E 6 4.45 14.98 31.63
N ARG E 7 3.27 15.04 31.02
CA ARG E 7 2.87 14.14 29.94
C ARG E 7 2.51 14.97 28.74
N PHE E 8 2.70 14.40 27.56
CA PHE E 8 2.43 15.09 26.30
C PHE E 8 1.34 14.39 25.53
N VAL E 9 0.39 15.17 25.04
CA VAL E 9 -0.77 14.62 24.31
C VAL E 9 -0.27 13.78 23.15
N ILE E 10 -0.84 12.59 22.99
CA ILE E 10 -0.39 11.68 21.92
C ILE E 10 -0.58 12.28 20.53
N ARG E 11 0.39 12.06 19.65
CA ARG E 11 0.28 12.62 18.32
C ARG E 11 -0.83 12.00 17.51
N ASP E 12 -1.43 12.80 16.65
CA ASP E 12 -2.37 12.30 15.66
C ASP E 12 -1.61 12.03 14.37
N ARG E 13 -1.26 10.77 14.14
CA ARG E 13 -0.45 10.41 12.97
C ARG E 13 -1.24 10.29 11.67
N ASN E 14 -2.53 10.67 11.73
CA ASN E 14 -3.29 10.95 10.50
C ASN E 14 -3.43 12.43 10.20
N TRP E 15 -2.96 13.25 11.13
CA TRP E 15 -2.92 14.71 10.91
C TRP E 15 -1.55 15.06 10.33
N HIS E 16 -0.51 14.56 10.99
CA HIS E 16 0.81 14.49 10.34
C HIS E 16 0.75 13.69 9.05
N PRO E 17 1.73 13.93 8.15
CA PRO E 17 1.83 13.05 6.98
C PRO E 17 2.19 11.63 7.42
N LYS E 18 1.65 10.64 6.73
CA LYS E 18 2.09 9.26 6.93
C LYS E 18 3.49 9.06 6.36
N ALA E 19 4.14 7.97 6.73
CA ALA E 19 5.48 7.68 6.20
C ALA E 19 5.48 7.40 4.70
N LEU E 20 4.55 6.55 4.24
CA LEU E 20 4.53 6.15 2.83
C LEU E 20 3.54 6.99 2.05
N THR E 21 4.09 7.88 1.24
CA THR E 21 3.32 8.81 0.42
C THR E 21 3.98 8.78 -0.97
N PRO E 22 3.63 7.79 -1.80
CA PRO E 22 4.48 7.47 -2.96
C PRO E 22 4.64 8.54 -4.02
N ASP E 23 3.71 9.50 -4.09
CA ASP E 23 3.91 10.61 -5.03
C ASP E 23 5.15 11.42 -4.70
N TYR E 24 5.57 11.38 -3.42
CA TYR E 24 6.86 11.92 -2.97
C TYR E 24 7.77 10.72 -3.05
N LYS E 25 8.47 10.61 -4.17
CA LYS E 25 9.09 9.35 -4.56
C LYS E 25 10.10 8.79 -3.55
N THR E 26 10.88 9.67 -2.93
N THR E 26 10.89 9.65 -2.92
CA THR E 26 11.91 9.23 -2.00
CA THR E 26 11.91 9.13 -2.02
C THR E 26 11.33 8.58 -0.75
C THR E 26 11.32 8.53 -0.75
N SER E 27 10.04 8.81 -0.48
CA SER E 27 9.39 8.21 0.69
C SER E 27 9.17 6.70 0.51
N ILE E 28 9.17 6.21 -0.74
CA ILE E 28 8.83 4.80 -0.98
C ILE E 28 9.82 3.86 -0.30
N ALA E 29 11.11 4.14 -0.43
CA ALA E 29 12.13 3.26 0.18
C ALA E 29 12.60 3.72 1.55
N ARG E 30 12.07 4.83 2.05
CA ARG E 30 12.52 5.41 3.32
C ARG E 30 11.39 5.47 4.36
N SER E 31 10.42 4.57 4.17
CA SER E 31 9.27 4.45 5.07
C SER E 31 9.23 3.07 5.72
N PRO E 32 9.10 3.00 7.05
CA PRO E 32 9.07 1.66 7.65
C PRO E 32 7.85 0.92 7.19
N ARG E 33 7.98 -0.38 6.99
CA ARG E 33 6.84 -1.23 6.65
C ARG E 33 6.19 -1.84 7.88
N GLN E 34 6.94 -1.95 8.99
CA GLN E 34 6.35 -2.47 10.23
C GLN E 34 5.68 -1.35 11.01
N ALA E 35 4.69 -1.70 11.83
CA ALA E 35 4.06 -0.73 12.70
C ALA E 35 5.06 -0.14 13.70
N LEU E 36 4.88 1.14 13.99
CA LEU E 36 5.55 1.75 15.14
C LEU E 36 5.14 1.01 16.40
N VAL E 37 6.08 0.87 17.32
CA VAL E 37 5.77 0.28 18.63
C VAL E 37 5.50 1.39 19.65
N SER E 38 4.28 1.40 20.22
CA SER E 38 3.94 2.40 21.23
C SER E 38 4.62 2.07 22.54
N ILE E 39 5.18 3.09 23.16
CA ILE E 39 5.76 2.96 24.49
C ILE E 39 5.25 4.08 25.39
N PRO E 40 5.15 3.81 26.70
CA PRO E 40 4.65 4.82 27.63
C PRO E 40 5.69 5.90 27.84
N GLN E 41 5.26 7.10 28.16
CA GLN E 41 6.19 8.19 28.46
C GLN E 41 6.96 7.95 29.74
N SER E 42 8.27 8.12 29.65
CA SER E 42 9.18 8.06 30.80
C SER E 42 10.02 9.31 30.74
N ILE E 43 10.89 9.45 31.73
CA ILE E 43 11.83 10.57 31.77
C ILE E 43 12.63 10.72 30.46
N SER E 44 12.86 9.60 29.78
CA SER E 44 13.63 9.64 28.53
C SER E 44 12.92 10.46 27.45
N GLU E 45 11.59 10.39 27.44
CA GLU E 45 10.78 11.04 26.41
C GLU E 45 10.22 12.40 26.81
N THR E 46 10.07 12.62 28.12
CA THR E 46 9.33 13.81 28.58
C THR E 46 10.29 14.94 28.99
N THR E 47 11.59 14.71 28.79
CA THR E 47 12.63 15.72 28.98
C THR E 47 13.34 16.00 27.66
N GLY E 48 14.12 17.07 27.61
CA GLY E 48 14.87 17.39 26.43
C GLY E 48 15.74 18.60 26.69
N PRO E 49 16.58 18.97 25.73
CA PRO E 49 17.51 20.08 25.94
C PRO E 49 16.80 21.41 25.98
N ASN E 50 17.30 22.30 26.84
CA ASN E 50 16.92 23.69 26.84
C ASN E 50 18.13 24.49 26.39
N PHE E 51 17.92 25.51 25.56
CA PHE E 51 19.01 26.22 24.89
C PHE E 51 19.24 27.64 25.38
N SER E 52 18.78 27.93 26.59
CA SER E 52 18.93 29.27 27.16
C SER E 52 20.39 29.67 27.31
N HIS E 53 21.28 28.69 27.42
CA HIS E 53 22.71 28.99 27.62
C HIS E 53 23.57 28.77 26.38
N LEU E 54 22.92 28.57 25.23
CA LEU E 54 23.60 28.54 23.96
C LEU E 54 23.94 29.99 23.61
N GLY E 55 25.14 30.19 23.09
CA GLY E 55 25.58 31.51 22.71
C GLY E 55 25.17 31.80 21.28
N PHE E 56 24.31 32.81 21.13
CA PHE E 56 23.86 33.23 19.80
C PHE E 56 24.66 34.45 19.36
N GLY E 57 25.12 34.44 18.12
CA GLY E 57 25.67 35.64 17.48
C GLY E 57 24.62 36.71 17.24
N ALA E 58 25.11 37.94 17.10
CA ALA E 58 24.26 39.11 16.95
C ALA E 58 23.30 39.03 15.79
N HIS E 59 23.74 38.42 14.69
CA HIS E 59 22.91 38.34 13.50
C HIS E 59 22.35 36.95 13.24
N ASP E 60 22.35 36.07 14.24
CA ASP E 60 21.93 34.69 13.98
C ASP E 60 20.49 34.56 13.45
N HIS E 61 19.65 35.55 13.75
CA HIS E 61 18.22 35.54 13.37
C HIS E 61 17.98 36.42 12.14
N ASP E 62 19.05 37.00 11.61
CA ASP E 62 18.94 38.02 10.56
C ASP E 62 19.71 37.63 9.31
N LEU E 63 19.00 36.99 8.38
CA LEU E 63 19.63 36.47 7.16
C LEU E 63 20.02 37.57 6.16
N LEU E 64 19.58 38.80 6.41
CA LEU E 64 20.02 39.95 5.59
C LEU E 64 21.44 40.38 5.96
N LEU E 65 21.91 39.99 7.15
CA LEU E 65 23.21 40.45 7.65
C LEU E 65 24.17 39.32 8.02
N ASN E 66 23.67 38.09 8.13
CA ASN E 66 24.51 37.00 8.66
C ASN E 66 25.38 36.25 7.65
N PHE E 67 25.30 36.64 6.38
CA PHE E 67 26.18 36.16 5.33
C PHE E 67 26.65 37.36 4.51
N ASN E 68 27.23 38.33 5.18
CA ASN E 68 27.57 39.62 4.57
C ASN E 68 28.93 39.53 3.90
N ASN E 69 28.91 39.58 2.58
CA ASN E 69 30.14 39.56 1.80
C ASN E 69 30.26 40.82 0.93
N GLY E 70 29.77 41.94 1.46
CA GLY E 70 29.95 43.25 0.82
C GLY E 70 28.68 43.98 0.44
N GLY E 71 27.53 43.31 0.58
CA GLY E 71 26.27 43.97 0.31
C GLY E 71 25.10 43.20 0.88
N LEU E 72 23.91 43.67 0.54
CA LEU E 72 22.68 43.03 0.96
C LEU E 72 22.29 41.97 -0.04
N PRO E 73 21.58 40.93 0.44
CA PRO E 73 21.03 39.96 -0.52
C PRO E 73 19.94 40.58 -1.39
N ILE E 74 19.83 40.06 -2.61
CA ILE E 74 18.80 40.45 -3.55
C ILE E 74 17.53 39.67 -3.25
N GLY E 75 16.39 40.33 -3.33
CA GLY E 75 15.11 39.63 -3.12
C GLY E 75 14.19 40.34 -2.14
N GLU E 76 13.04 39.70 -1.91
CA GLU E 76 11.95 40.35 -1.16
C GLU E 76 12.25 40.35 0.32
N ARG E 77 12.53 41.53 0.87
CA ARG E 77 12.84 41.66 2.29
C ARG E 77 11.61 41.37 3.13
N ILE E 78 11.72 40.41 4.04
CA ILE E 78 10.57 40.03 4.90
C ILE E 78 10.99 39.72 6.33
N ILE E 79 10.13 40.10 7.27
CA ILE E 79 10.17 39.54 8.62
C ILE E 79 9.31 38.28 8.64
N VAL E 80 9.81 37.22 9.28
CA VAL E 80 8.97 36.04 9.52
C VAL E 80 8.91 35.91 11.03
N ALA E 81 7.72 36.03 11.59
CA ALA E 81 7.51 36.08 13.04
C ALA E 81 6.30 35.27 13.43
N GLY E 82 6.21 34.89 14.69
CA GLY E 82 5.07 34.13 15.15
C GLY E 82 5.24 33.74 16.59
N ARG E 83 4.33 32.88 17.05
CA ARG E 83 4.33 32.44 18.43
C ARG E 83 4.36 30.93 18.42
N VAL E 84 5.09 30.36 19.39
CA VAL E 84 5.05 28.91 19.63
C VAL E 84 4.24 28.68 20.88
N VAL E 85 3.15 27.91 20.74
CA VAL E 85 2.27 27.56 21.86
C VAL E 85 2.12 26.04 21.85
N ASP E 86 1.61 25.46 22.94
CA ASP E 86 1.22 24.06 22.91
C ASP E 86 -0.27 23.90 22.63
N GLN E 87 -0.75 22.66 22.59
CA GLN E 87 -2.13 22.43 22.15
C GLN E 87 -3.17 22.97 23.13
N TYR E 88 -2.77 23.24 24.35
CA TYR E 88 -3.65 23.87 25.34
C TYR E 88 -3.61 25.39 25.24
N GLY E 89 -2.81 25.91 24.31
CA GLY E 89 -2.70 27.35 24.10
C GLY E 89 -1.64 28.01 24.96
N LYS E 90 -0.87 27.22 25.68
CA LYS E 90 0.18 27.79 26.54
C LYS E 90 1.43 28.16 25.75
N PRO E 91 1.94 29.40 25.92
CA PRO E 91 3.15 29.78 25.20
C PRO E 91 4.33 28.89 25.57
N VAL E 92 5.24 28.72 24.64
CA VAL E 92 6.44 27.92 24.85
C VAL E 92 7.63 28.87 24.80
N PRO E 93 8.04 29.40 25.98
CA PRO E 93 9.11 30.39 26.02
C PRO E 93 10.50 29.78 26.00
N ASN E 94 11.49 30.57 25.57
CA ASN E 94 12.89 30.16 25.65
C ASN E 94 13.17 28.86 24.92
N THR E 95 12.49 28.69 23.78
CA THR E 95 12.62 27.47 22.99
C THR E 95 13.39 27.75 21.70
N LEU E 96 14.12 26.74 21.21
CA LEU E 96 14.98 26.93 20.05
C LEU E 96 14.18 26.77 18.76
N VAL E 97 14.25 27.82 17.94
CA VAL E 97 13.66 27.82 16.61
C VAL E 97 14.78 28.00 15.60
N GLU E 98 14.95 27.02 14.73
CA GLU E 98 15.94 27.10 13.64
C GLU E 98 15.22 27.10 12.31
N MET E 99 15.81 27.78 11.34
CA MET E 99 15.19 27.83 10.02
C MET E 99 16.24 27.83 8.94
N TRP E 100 15.90 27.31 7.78
CA TRP E 100 16.80 27.39 6.65
C TRP E 100 16.03 27.37 5.34
N GLN E 101 16.65 27.87 4.28
CA GLN E 101 15.93 28.11 3.03
C GLN E 101 16.88 28.33 1.87
N ALA E 102 16.30 28.29 0.66
CA ALA E 102 16.98 28.71 -0.56
C ALA E 102 16.99 30.24 -0.64
N ASN E 103 17.71 30.76 -1.64
CA ASN E 103 17.73 32.19 -1.90
C ASN E 103 16.50 32.62 -2.73
N ALA E 104 16.51 33.87 -3.18
CA ALA E 104 15.36 34.41 -3.93
C ALA E 104 15.06 33.66 -5.23
N GLY E 105 16.05 32.94 -5.75
CA GLY E 105 15.88 32.21 -6.99
C GLY E 105 15.68 30.71 -6.83
N GLY E 106 15.51 30.25 -5.58
CA GLY E 106 15.27 28.84 -5.33
C GLY E 106 16.50 27.97 -5.32
N ARG E 107 17.67 28.61 -5.23
CA ARG E 107 18.96 27.92 -5.15
C ARG E 107 19.41 27.83 -3.68
N TYR E 108 19.80 26.62 -3.28
CA TYR E 108 20.31 26.37 -1.93
C TYR E 108 21.81 26.44 -1.90
N ARG E 109 22.31 26.98 -0.79
CA ARG E 109 23.76 27.06 -0.58
C ARG E 109 24.21 25.74 0.05
N HIS E 110 24.26 24.72 -0.79
CA HIS E 110 24.59 23.36 -0.37
C HIS E 110 25.33 22.75 -1.55
N LYS E 111 26.39 22.02 -1.21
CA LYS E 111 27.24 21.38 -2.21
C LYS E 111 26.45 20.46 -3.17
N ASN E 112 25.35 19.89 -2.70
CA ASN E 112 24.57 18.97 -3.53
C ASN E 112 23.49 19.61 -4.43
N ASP E 113 23.31 20.94 -4.37
CA ASP E 113 22.33 21.61 -5.23
C ASP E 113 23.01 22.26 -6.44
N ARG E 114 22.74 21.71 -7.61
CA ARG E 114 23.35 22.20 -8.85
C ARG E 114 22.32 22.85 -9.77
N TYR E 115 21.20 23.29 -9.21
CA TYR E 115 20.25 24.07 -9.98
C TYR E 115 20.97 25.27 -10.60
N LEU E 116 20.62 25.56 -11.86
CA LEU E 116 21.32 26.58 -12.63
C LEU E 116 21.06 28.02 -12.18
N ALA E 117 20.04 28.26 -11.33
CA ALA E 117 19.81 29.61 -10.82
C ALA E 117 20.95 29.98 -9.88
N PRO E 118 21.49 31.20 -10.00
CA PRO E 118 22.71 31.51 -9.26
C PRO E 118 22.56 31.63 -7.75
N LEU E 119 23.65 31.32 -7.06
CA LEU E 119 23.80 31.71 -5.67
C LEU E 119 23.87 33.24 -5.55
N ASP E 120 23.52 33.73 -4.38
CA ASP E 120 23.58 35.15 -4.04
C ASP E 120 24.76 35.27 -3.09
N PRO E 121 25.79 36.06 -3.48
CA PRO E 121 27.01 36.12 -2.66
C PRO E 121 26.79 36.67 -1.24
N ASN E 122 25.65 37.32 -1.00
CA ASN E 122 25.33 37.88 0.30
C ASN E 122 24.18 37.17 0.99
N PHE E 123 23.90 35.94 0.55
CA PHE E 123 22.85 35.15 1.18
C PHE E 123 23.32 33.75 1.53
N GLY E 124 23.14 33.40 2.81
CA GLY E 124 23.53 32.07 3.30
C GLY E 124 22.34 31.14 3.43
N GLY E 125 21.29 31.62 4.07
CA GLY E 125 20.03 30.86 4.18
C GLY E 125 19.77 30.13 5.49
N VAL E 126 20.51 30.44 6.56
CA VAL E 126 20.26 29.83 7.87
C VAL E 126 20.03 30.85 8.97
N GLY E 127 19.04 30.59 9.82
CA GLY E 127 18.75 31.42 10.95
C GLY E 127 18.43 30.59 12.19
N ARG E 128 18.63 31.21 13.36
CA ARG E 128 18.17 30.62 14.62
C ARG E 128 17.88 31.70 15.63
N CYS E 129 16.99 31.36 16.56
CA CYS E 129 16.72 32.21 17.70
C CYS E 129 16.05 31.42 18.81
N LEU E 130 15.85 32.06 19.95
CA LEU E 130 15.01 31.51 21.00
C LEU E 130 13.73 32.28 21.04
N THR E 131 12.60 31.61 21.31
CA THR E 131 11.39 32.36 21.60
C THR E 131 11.62 33.18 22.88
N ASP E 132 10.94 34.33 22.93
CA ASP E 132 10.99 35.17 24.12
C ASP E 132 10.13 34.62 25.25
N SER E 133 10.07 35.38 26.35
CA SER E 133 9.35 34.92 27.53
C SER E 133 7.84 34.73 27.30
N ASP E 134 7.33 35.27 26.20
CA ASP E 134 5.91 35.12 25.85
C ASP E 134 5.69 34.17 24.67
N GLY E 135 6.73 33.45 24.27
CA GLY E 135 6.60 32.49 23.16
C GLY E 135 6.82 33.00 21.75
N TYR E 136 7.21 34.26 21.59
CA TYR E 136 7.38 34.83 20.25
C TYR E 136 8.78 34.72 19.67
N TYR E 137 8.88 34.48 18.36
CA TYR E 137 10.18 34.46 17.68
C TYR E 137 10.13 35.48 16.52
N SER E 138 11.30 35.84 16.01
CA SER E 138 11.37 36.74 14.86
C SER E 138 12.64 36.50 14.07
N PHE E 139 12.50 36.40 12.75
CA PHE E 139 13.63 36.36 11.81
C PHE E 139 13.45 37.46 10.78
N ARG E 140 14.56 37.89 10.17
CA ARG E 140 14.49 38.74 8.98
C ARG E 140 15.21 38.00 7.87
N THR E 141 14.64 38.02 6.66
CA THR E 141 15.18 37.24 5.58
C THR E 141 14.71 37.76 4.21
N ILE E 142 15.04 36.99 3.18
CA ILE E 142 14.58 37.17 1.80
C ILE E 142 13.52 36.10 1.54
N LYS E 143 12.42 36.45 0.86
CA LYS E 143 11.45 35.41 0.50
C LYS E 143 12.11 34.42 -0.49
N PRO E 144 12.11 33.12 -0.13
CA PRO E 144 12.76 32.17 -1.05
C PRO E 144 11.93 31.94 -2.32
N GLY E 145 12.61 31.65 -3.42
CA GLY E 145 11.93 31.28 -4.65
C GLY E 145 11.57 29.80 -4.72
N PRO E 146 10.58 29.45 -5.56
CA PRO E 146 10.28 28.03 -5.81
C PRO E 146 11.51 27.29 -6.30
N ALA E 147 11.60 26.03 -5.95
CA ALA E 147 12.80 25.23 -6.25
C ALA E 147 12.39 24.00 -7.03
N PRO E 148 12.93 23.82 -8.25
CA PRO E 148 12.56 22.60 -9.02
C PRO E 148 13.30 21.42 -8.42
N TRP E 149 12.74 20.22 -8.56
CA TRP E 149 13.39 19.06 -7.96
C TRP E 149 13.03 17.80 -8.72
N ARG E 150 13.89 16.80 -8.61
CA ARG E 150 13.78 15.59 -9.42
C ARG E 150 12.81 14.54 -8.89
N ASN E 151 11.53 14.89 -8.89
CA ASN E 151 10.50 13.98 -8.41
C ASN E 151 9.77 13.54 -9.68
N GLY E 152 8.59 14.08 -9.95
CA GLY E 152 8.01 13.94 -11.29
C GLY E 152 8.79 14.78 -12.29
N PRO E 153 8.42 14.71 -13.58
CA PRO E 153 9.22 15.41 -14.59
C PRO E 153 9.15 16.95 -14.60
N ASN E 154 8.16 17.54 -13.94
CA ASN E 154 8.03 19.00 -13.85
C ASN E 154 7.51 19.44 -12.48
N ASP E 155 8.25 19.03 -11.45
CA ASP E 155 7.86 19.31 -10.07
C ASP E 155 8.65 20.49 -9.51
N TRP E 156 7.93 21.35 -8.80
CA TRP E 156 8.50 22.57 -8.24
C TRP E 156 7.98 22.75 -6.82
N ARG E 157 8.88 22.86 -5.84
CA ARG E 157 8.42 23.19 -4.51
C ARG E 157 7.82 24.60 -4.49
N PRO E 158 6.73 24.81 -3.74
CA PRO E 158 6.34 26.18 -3.46
C PRO E 158 7.48 26.88 -2.72
N ALA E 159 7.48 28.21 -2.72
CA ALA E 159 8.38 28.95 -1.84
C ALA E 159 8.22 28.37 -0.42
N HIS E 160 9.33 28.02 0.22
CA HIS E 160 9.20 27.43 1.56
C HIS E 160 10.44 27.71 2.43
N ILE E 161 10.22 27.71 3.74
CA ILE E 161 11.31 27.84 4.72
C ILE E 161 11.18 26.66 5.65
N TYR E 162 12.27 25.93 5.83
CA TYR E 162 12.28 24.83 6.81
C TYR E 162 12.35 25.39 8.22
N PHE E 163 11.60 24.78 9.14
CA PHE E 163 11.62 25.15 10.57
C PHE E 163 11.92 23.92 11.41
N GLY E 164 12.76 24.10 12.42
CA GLY E 164 12.91 23.08 13.48
C GLY E 164 12.64 23.75 14.80
N ILE E 165 11.83 23.10 15.64
CA ILE E 165 11.46 23.67 16.96
C ILE E 165 11.70 22.60 18.02
N SER E 166 12.41 22.97 19.10
CA SER E 166 12.77 21.99 20.14
C SER E 166 11.60 21.71 21.07
N GLY E 167 11.06 22.77 21.67
CA GLY E 167 9.99 22.61 22.66
C GLY E 167 10.52 22.03 23.95
N PRO E 168 9.61 21.69 24.88
CA PRO E 168 10.00 21.25 26.23
C PRO E 168 10.65 19.87 26.31
N SER E 169 10.47 19.02 25.30
CA SER E 169 11.01 17.66 25.41
C SER E 169 11.33 17.08 24.05
N ILE E 170 12.04 15.95 24.01
CA ILE E 170 12.25 15.28 22.72
C ILE E 170 10.93 14.77 22.10
N ALA E 171 9.90 14.66 22.93
CA ALA E 171 8.59 14.26 22.44
C ALA E 171 7.91 15.39 21.68
N THR E 172 8.29 16.64 21.94
CA THR E 172 7.68 17.79 21.25
C THR E 172 8.44 18.24 20.02
N LYS E 173 9.71 17.83 19.90
CA LYS E 173 10.56 18.37 18.83
C LYS E 173 9.92 18.08 17.46
N LEU E 174 10.01 19.06 16.57
CA LEU E 174 9.34 18.98 15.27
C LEU E 174 10.19 19.65 14.21
N ILE E 175 10.25 19.04 13.02
CA ILE E 175 10.66 19.79 11.82
C ILE E 175 9.45 19.88 10.89
N THR E 176 9.29 21.07 10.30
CA THR E 176 8.20 21.30 9.38
C THR E 176 8.64 22.27 8.28
N GLN E 177 7.72 22.63 7.38
CA GLN E 177 8.02 23.63 6.36
C GLN E 177 6.91 24.67 6.35
N LEU E 178 7.32 25.94 6.28
CA LEU E 178 6.43 27.08 6.14
C LEU E 178 6.25 27.35 4.65
N TYR E 179 5.00 27.59 4.24
CA TYR E 179 4.65 28.02 2.88
C TYR E 179 4.01 29.42 2.98
N PHE E 180 3.81 30.08 1.84
CA PHE E 180 3.35 31.48 1.82
C PHE E 180 1.97 31.64 1.24
N GLU E 181 1.19 32.47 1.91
CA GLU E 181 -0.21 32.73 1.54
C GLU E 181 -0.37 32.98 0.04
N GLY E 182 -1.25 32.19 -0.58
CA GLY E 182 -1.63 32.40 -1.98
C GLY E 182 -0.80 31.69 -3.02
N ASP E 183 0.30 31.07 -2.60
CA ASP E 183 1.22 30.48 -3.59
C ASP E 183 0.52 29.38 -4.39
N PRO E 184 0.42 29.57 -5.72
CA PRO E 184 -0.34 28.60 -6.51
C PRO E 184 0.34 27.24 -6.65
N LEU E 185 1.59 27.15 -6.22
CA LEU E 185 2.29 25.86 -6.23
C LEU E 185 1.86 24.95 -5.08
N ILE E 186 1.30 25.51 -4.01
CA ILE E 186 1.00 24.71 -2.80
C ILE E 186 0.10 23.50 -3.10
N PRO E 187 -1.04 23.69 -3.81
CA PRO E 187 -1.93 22.54 -4.08
C PRO E 187 -1.33 21.45 -4.98
N MET E 188 -0.24 21.79 -5.66
CA MET E 188 0.40 20.90 -6.66
C MET E 188 1.53 20.06 -6.07
N CYS E 189 1.98 20.39 -4.86
CA CYS E 189 3.22 19.80 -4.39
C CYS E 189 3.03 18.45 -3.71
N PRO E 190 3.74 17.40 -4.19
CA PRO E 190 3.63 16.10 -3.52
C PRO E 190 4.20 16.04 -2.09
N ILE E 191 5.06 16.97 -1.73
CA ILE E 191 5.53 17.04 -0.34
C ILE E 191 4.44 17.66 0.53
N VAL E 192 3.87 18.78 0.09
CA VAL E 192 2.70 19.34 0.80
C VAL E 192 1.61 18.25 0.95
N LYS E 193 1.34 17.55 -0.15
CA LYS E 193 0.26 16.56 -0.20
C LYS E 193 0.60 15.25 0.53
N SER E 194 1.81 15.15 1.10
CA SER E 194 2.05 14.06 2.02
C SER E 194 1.12 14.16 3.23
N ILE E 195 0.66 15.37 3.53
CA ILE E 195 -0.37 15.62 4.53
C ILE E 195 -1.75 15.37 3.89
N ALA E 196 -2.47 14.38 4.39
CA ALA E 196 -3.75 13.98 3.76
C ALA E 196 -4.91 14.94 4.01
N ASN E 197 -4.93 15.56 5.18
CA ASN E 197 -6.01 16.45 5.56
C ASN E 197 -5.78 17.90 5.10
N PRO E 198 -6.66 18.44 4.25
CA PRO E 198 -6.47 19.82 3.77
C PRO E 198 -6.39 20.87 4.87
N GLU E 199 -7.09 20.66 5.99
CA GLU E 199 -7.03 21.60 7.10
C GLU E 199 -5.64 21.63 7.75
N ALA E 200 -4.96 20.48 7.75
CA ALA E 200 -3.59 20.42 8.27
C ALA E 200 -2.64 21.16 7.38
N VAL E 201 -2.81 21.04 6.07
CA VAL E 201 -1.99 21.80 5.13
C VAL E 201 -2.11 23.30 5.40
N GLN E 202 -3.33 23.77 5.68
CA GLN E 202 -3.55 25.19 5.92
C GLN E 202 -2.77 25.73 7.11
N GLN E 203 -2.46 24.83 8.05
CA GLN E 203 -1.76 25.22 9.26
C GLN E 203 -0.28 25.52 8.94
N LEU E 204 0.18 25.17 7.74
CA LEU E 204 1.57 25.43 7.36
C LEU E 204 1.72 26.67 6.51
N ILE E 205 0.62 27.39 6.28
CA ILE E 205 0.66 28.53 5.36
C ILE E 205 0.76 29.83 6.17
N ALA E 206 1.91 30.50 6.04
CA ALA E 206 2.12 31.77 6.71
C ALA E 206 1.29 32.84 6.06
N LYS E 207 0.77 33.75 6.88
CA LYS E 207 -0.09 34.82 6.34
C LYS E 207 0.66 36.14 6.25
N LEU E 208 0.42 36.87 5.18
CA LEU E 208 0.94 38.23 5.03
C LEU E 208 0.48 39.05 6.25
N ASP E 209 1.41 39.79 6.85
CA ASP E 209 1.14 40.47 8.13
C ASP E 209 1.58 41.92 7.98
N MET E 210 0.72 42.74 7.39
CA MET E 210 1.08 44.13 7.12
C MET E 210 1.33 44.92 8.40
N ASN E 211 0.65 44.51 9.48
CA ASN E 211 0.75 45.17 10.77
C ASN E 211 2.18 45.12 11.30
N ASN E 212 2.94 44.11 10.88
CA ASN E 212 4.30 43.91 11.37
C ASN E 212 5.39 44.37 10.40
N ALA E 213 5.00 44.94 9.27
CA ALA E 213 5.93 45.41 8.25
C ALA E 213 6.64 46.68 8.68
N ASN E 214 7.84 46.89 8.14
CA ASN E 214 8.53 48.17 8.25
C ASN E 214 8.28 48.92 6.96
N PRO E 215 7.48 50.01 6.99
CA PRO E 215 7.25 50.75 5.75
C PRO E 215 8.53 51.16 5.02
N MET E 216 8.49 51.13 3.68
CA MET E 216 9.63 51.46 2.81
C MET E 216 10.86 50.62 3.10
N ASP E 217 10.63 49.43 3.64
CA ASP E 217 11.73 48.61 4.13
C ASP E 217 11.50 47.12 3.88
N CYS E 218 10.59 46.53 4.65
CA CYS E 218 10.33 45.10 4.53
C CYS E 218 8.91 44.76 4.85
N LEU E 219 8.40 43.74 4.17
CA LEU E 219 7.10 43.16 4.50
C LEU E 219 7.26 42.17 5.63
N ALA E 220 6.18 41.50 6.00
CA ALA E 220 6.20 40.56 7.13
C ALA E 220 5.19 39.45 6.88
N TYR E 221 5.53 38.28 7.38
CA TYR E 221 4.65 37.10 7.39
C TYR E 221 4.56 36.57 8.81
N ARG E 222 3.40 36.01 9.13
CA ARG E 222 3.16 35.45 10.46
C ARG E 222 2.96 33.95 10.35
N PHE E 223 3.72 33.21 11.17
CA PHE E 223 3.64 31.75 11.17
C PHE E 223 3.66 31.25 12.62
N ASP E 224 2.50 30.82 13.08
CA ASP E 224 2.37 30.32 14.46
C ASP E 224 2.54 28.80 14.44
N ILE E 225 3.15 28.29 15.50
CA ILE E 225 3.53 26.88 15.62
C ILE E 225 2.87 26.32 16.87
N VAL E 226 2.24 25.14 16.74
CA VAL E 226 1.60 24.47 17.86
C VAL E 226 2.31 23.14 18.14
N LEU E 227 2.91 23.05 19.34
CA LEU E 227 3.54 21.80 19.79
C LEU E 227 2.59 20.98 20.65
N ARG E 228 2.91 19.70 20.87
CA ARG E 228 2.02 18.81 21.65
C ARG E 228 1.68 19.40 23.00
N GLY E 229 0.42 19.23 23.38
CA GLY E 229 -0.04 19.73 24.68
C GLY E 229 0.69 19.09 25.84
N GLN E 230 1.07 19.90 26.82
CA GLN E 230 1.78 19.41 28.02
C GLN E 230 0.86 19.50 29.22
N ARG E 231 0.75 18.41 29.97
CA ARG E 231 -0.04 18.43 31.21
C ARG E 231 0.76 17.82 32.35
N LYS E 232 0.34 18.07 33.58
CA LYS E 232 0.92 17.38 34.74
C LYS E 232 0.48 15.92 34.74
N THR E 233 1.30 15.06 35.35
CA THR E 233 0.91 13.70 35.60
C THR E 233 -0.25 13.67 36.60
N HIS E 234 -1.09 12.65 36.51
CA HIS E 234 -2.17 12.48 37.48
C HIS E 234 -2.54 11.03 37.64
N PHE E 235 -2.81 10.64 38.89
CA PHE E 235 -3.27 9.28 39.22
C PHE E 235 -2.41 8.17 38.61
N GLU E 236 -1.08 8.34 38.63
CA GLU E 236 -0.20 7.28 38.13
C GLU E 236 0.35 6.42 39.27
N ASN E 237 0.50 5.12 39.00
CA ASN E 237 1.06 4.15 39.96
C ASN E 237 0.16 3.98 41.20
N CYS E 238 -1.14 4.21 41.03
CA CYS E 238 -2.11 4.10 42.12
C CYS E 238 -3.48 3.82 41.51
N PRO F 1 15.20 12.44 -41.70
CA PRO F 1 14.90 11.77 -40.43
C PRO F 1 14.10 12.66 -39.48
N ALA F 2 13.69 12.09 -38.35
CA ALA F 2 12.90 12.83 -37.37
C ALA F 2 13.78 13.83 -36.61
N GLN F 3 13.17 14.95 -36.20
CA GLN F 3 13.87 16.00 -35.46
C GLN F 3 13.23 16.25 -34.08
N ASP F 4 14.05 16.65 -33.11
CA ASP F 4 13.58 17.12 -31.81
C ASP F 4 13.24 18.61 -31.90
N ASN F 5 11.96 18.92 -32.06
CA ASN F 5 11.56 20.32 -32.11
C ASN F 5 10.37 20.63 -31.22
N SER F 6 9.88 19.61 -30.52
CA SER F 6 8.72 19.84 -29.68
C SER F 6 8.85 19.21 -28.30
N ARG F 7 8.04 19.73 -27.38
CA ARG F 7 7.91 19.22 -26.03
C ARG F 7 6.45 18.83 -25.78
N PHE F 8 6.26 17.83 -24.94
CA PHE F 8 4.92 17.33 -24.61
C PHE F 8 4.61 17.54 -23.14
N VAL F 9 3.42 18.09 -22.87
CA VAL F 9 3.00 18.37 -21.50
C VAL F 9 3.17 17.09 -20.67
N ILE F 10 3.76 17.23 -19.49
CA ILE F 10 3.96 16.10 -18.59
C ILE F 10 2.63 15.44 -18.22
N ARG F 11 2.63 14.10 -18.18
CA ARG F 11 1.41 13.38 -17.78
C ARG F 11 1.02 13.62 -16.34
N ASP F 12 -0.30 13.64 -16.10
CA ASP F 12 -0.83 13.62 -14.76
C ASP F 12 -1.12 12.18 -14.38
N ARG F 13 -0.20 11.61 -13.61
CA ARG F 13 -0.32 10.21 -13.23
C ARG F 13 -1.26 9.95 -12.07
N ASN F 14 -1.97 11.00 -11.63
CA ASN F 14 -3.14 10.78 -10.78
C ASN F 14 -4.45 10.92 -11.54
N TRP F 15 -4.35 11.32 -12.81
CA TRP F 15 -5.50 11.35 -13.72
C TRP F 15 -5.62 10.00 -14.42
N HIS F 16 -4.52 9.55 -15.00
CA HIS F 16 -4.37 8.14 -15.37
C HIS F 16 -4.57 7.23 -14.16
N PRO F 17 -4.88 5.95 -14.42
CA PRO F 17 -4.86 4.99 -13.32
C PRO F 17 -3.43 4.81 -12.79
N LYS F 18 -3.30 4.65 -11.48
CA LYS F 18 -2.01 4.24 -10.91
C LYS F 18 -1.70 2.79 -11.28
N ALA F 19 -0.44 2.38 -11.10
CA ALA F 19 -0.04 1.01 -11.41
C ALA F 19 -0.71 0.00 -10.45
N LEU F 20 -0.64 0.27 -9.14
CA LEU F 20 -1.16 -0.68 -8.16
C LEU F 20 -2.59 -0.31 -7.78
N THR F 21 -3.54 -1.11 -8.28
CA THR F 21 -4.98 -0.90 -8.05
C THR F 21 -5.52 -2.30 -7.69
N PRO F 22 -5.40 -2.69 -6.41
CA PRO F 22 -5.53 -4.11 -6.09
C PRO F 22 -6.88 -4.78 -6.37
N ASP F 23 -7.96 -4.00 -6.48
CA ASP F 23 -9.24 -4.63 -6.85
C ASP F 23 -9.19 -5.22 -8.26
N TYR F 24 -8.29 -4.70 -9.09
CA TYR F 24 -7.97 -5.32 -10.37
C TYR F 24 -6.80 -6.24 -10.04
N LYS F 25 -7.11 -7.51 -9.84
CA LYS F 25 -6.18 -8.40 -9.11
C LYS F 25 -4.84 -8.58 -9.82
N THR F 26 -4.87 -8.67 -11.15
CA THR F 26 -3.63 -8.87 -11.90
C THR F 26 -2.64 -7.71 -11.75
N SER F 27 -3.12 -6.52 -11.40
CA SER F 27 -2.20 -5.40 -11.17
C SER F 27 -1.30 -5.60 -9.94
N ILE F 28 -1.69 -6.47 -9.01
CA ILE F 28 -0.92 -6.58 -7.76
C ILE F 28 0.51 -7.01 -8.03
N ALA F 29 0.71 -8.02 -8.87
CA ALA F 29 2.05 -8.51 -9.15
C ALA F 29 2.67 -7.91 -10.41
N ARG F 30 1.95 -7.02 -11.08
CA ARG F 30 2.46 -6.45 -12.34
C ARG F 30 2.60 -4.93 -12.27
N SER F 31 2.83 -4.44 -11.06
CA SER F 31 3.02 -3.01 -10.79
C SER F 31 4.40 -2.78 -10.20
N PRO F 32 5.20 -1.86 -10.77
CA PRO F 32 6.51 -1.62 -10.16
C PRO F 32 6.35 -1.08 -8.76
N ARG F 33 7.23 -1.51 -7.86
CA ARG F 33 7.19 -0.98 -6.51
C ARG F 33 8.16 0.18 -6.32
N GLN F 34 9.15 0.30 -7.20
CA GLN F 34 10.01 1.48 -7.16
C GLN F 34 9.39 2.65 -7.91
N ALA F 35 9.75 3.86 -7.52
CA ALA F 35 9.29 5.04 -8.26
C ALA F 35 9.81 5.02 -9.69
N LEU F 36 9.00 5.54 -10.62
CA LEU F 36 9.46 5.85 -11.97
C LEU F 36 10.59 6.87 -11.88
N VAL F 37 11.55 6.77 -12.78
CA VAL F 37 12.64 7.74 -12.83
C VAL F 37 12.32 8.78 -13.91
N SER F 38 12.17 10.04 -13.51
CA SER F 38 11.87 11.12 -14.47
C SER F 38 13.11 11.41 -15.29
N ILE F 39 12.92 11.53 -16.60
CA ILE F 39 14.02 11.94 -17.47
C ILE F 39 13.55 13.07 -18.40
N PRO F 40 14.48 13.96 -18.80
CA PRO F 40 14.08 15.07 -19.66
C PRO F 40 13.77 14.60 -21.06
N GLN F 41 12.93 15.34 -21.76
CA GLN F 41 12.63 14.96 -23.14
C GLN F 41 13.85 15.17 -24.04
N SER F 42 14.13 14.14 -24.83
CA SER F 42 15.15 14.19 -25.90
C SER F 42 14.49 13.73 -27.19
N ILE F 43 15.27 13.74 -28.27
CA ILE F 43 14.77 13.27 -29.54
C ILE F 43 14.28 11.82 -29.47
N SER F 44 14.79 11.04 -28.52
CA SER F 44 14.32 9.66 -28.36
C SER F 44 12.84 9.61 -27.97
N GLU F 45 12.42 10.58 -27.15
CA GLU F 45 11.05 10.56 -26.62
C GLU F 45 10.08 11.41 -27.43
N THR F 46 10.60 12.42 -28.14
CA THR F 46 9.72 13.42 -28.76
C THR F 46 9.47 13.15 -30.24
N THR F 47 9.98 12.02 -30.71
CA THR F 47 9.71 11.53 -32.06
C THR F 47 8.96 10.20 -31.99
N GLY F 48 8.43 9.75 -33.13
CA GLY F 48 7.76 8.47 -33.20
C GLY F 48 7.37 8.17 -34.63
N PRO F 49 6.86 6.96 -34.85
CA PRO F 49 6.53 6.54 -36.21
C PRO F 49 5.35 7.32 -36.76
N ASN F 50 5.44 7.64 -38.04
CA ASN F 50 4.31 8.15 -38.79
C ASN F 50 3.87 7.07 -39.77
N PHE F 51 2.57 6.79 -39.81
CA PHE F 51 2.06 5.62 -40.52
C PHE F 51 1.31 6.01 -41.80
N SER F 52 1.58 7.20 -42.31
CA SER F 52 0.95 7.69 -43.56
C SER F 52 1.04 6.72 -44.71
N HIS F 53 2.13 5.95 -44.76
CA HIS F 53 2.34 5.03 -45.88
C HIS F 53 2.26 3.56 -45.49
N LEU F 54 1.62 3.29 -44.35
CA LEU F 54 1.22 1.93 -44.06
C LEU F 54 0.06 1.59 -45.01
N GLY F 55 0.08 0.39 -45.55
CA GLY F 55 -0.93 -0.03 -46.51
C GLY F 55 -2.13 -0.63 -45.81
N PHE F 56 -3.28 0.04 -45.91
CA PHE F 56 -4.51 -0.43 -45.29
C PHE F 56 -5.36 -1.16 -46.32
N GLY F 57 -5.95 -2.29 -45.92
CA GLY F 57 -6.93 -2.96 -46.76
C GLY F 57 -8.26 -2.23 -46.77
N ALA F 58 -9.09 -2.51 -47.78
CA ALA F 58 -10.32 -1.76 -48.01
C ALA F 58 -11.27 -1.76 -46.82
N HIS F 59 -11.29 -2.87 -46.09
CA HIS F 59 -12.23 -3.03 -44.99
C HIS F 59 -11.57 -2.98 -43.62
N ASP F 60 -10.36 -2.43 -43.54
CA ASP F 60 -9.64 -2.50 -42.26
C ASP F 60 -10.37 -1.78 -41.14
N HIS F 61 -11.22 -0.81 -41.49
CA HIS F 61 -11.95 0.03 -40.52
C HIS F 61 -13.39 -0.46 -40.37
N ASP F 62 -13.76 -1.52 -41.10
CA ASP F 62 -15.15 -1.96 -41.15
C ASP F 62 -15.27 -3.40 -40.69
N LEU F 63 -15.58 -3.55 -39.41
CA LEU F 63 -15.67 -4.87 -38.80
C LEU F 63 -16.93 -5.65 -39.23
N LEU F 64 -17.84 -5.00 -39.96
CA LEU F 64 -18.99 -5.75 -40.49
C LEU F 64 -18.61 -6.53 -41.75
N LEU F 65 -17.51 -6.15 -42.39
CA LEU F 65 -17.08 -6.77 -43.65
C LEU F 65 -15.69 -7.39 -43.63
N ASN F 66 -14.90 -7.11 -42.59
CA ASN F 66 -13.50 -7.56 -42.60
C ASN F 66 -13.24 -8.98 -42.08
N PHE F 67 -14.30 -9.66 -41.66
CA PHE F 67 -14.24 -11.08 -41.31
C PHE F 67 -15.42 -11.80 -41.97
N ASN F 68 -15.54 -11.63 -43.28
CA ASN F 68 -16.71 -12.09 -44.03
C ASN F 68 -16.56 -13.57 -44.35
N ASN F 69 -17.39 -14.40 -43.73
CA ASN F 69 -17.37 -15.84 -44.00
C ASN F 69 -18.72 -16.32 -44.49
N GLY F 70 -19.39 -15.45 -45.25
CA GLY F 70 -20.66 -15.80 -45.90
C GLY F 70 -21.87 -15.00 -45.44
N GLY F 71 -21.70 -14.16 -44.43
CA GLY F 71 -22.77 -13.30 -43.98
C GLY F 71 -22.30 -12.12 -43.15
N LEU F 72 -23.28 -11.35 -42.68
CA LEU F 72 -23.04 -10.26 -41.77
C LEU F 72 -22.97 -10.76 -40.33
N PRO F 73 -22.16 -10.09 -39.47
CA PRO F 73 -22.18 -10.45 -38.07
C PRO F 73 -23.53 -10.08 -37.43
N ILE F 74 -23.89 -10.84 -36.40
CA ILE F 74 -25.10 -10.61 -35.62
C ILE F 74 -24.82 -9.58 -34.52
N GLY F 75 -25.77 -8.68 -34.29
CA GLY F 75 -25.62 -7.70 -33.22
C GLY F 75 -25.90 -6.28 -33.66
N GLU F 76 -25.68 -5.36 -32.73
CA GLU F 76 -26.08 -3.96 -32.93
C GLU F 76 -25.10 -3.25 -33.85
N ARG F 77 -25.55 -2.93 -35.05
CA ARG F 77 -24.72 -2.22 -36.00
C ARG F 77 -24.48 -0.81 -35.54
N ILE F 78 -23.23 -0.42 -35.45
CA ILE F 78 -22.86 0.94 -35.02
C ILE F 78 -21.65 1.50 -35.73
N ILE F 79 -21.67 2.81 -35.95
CA ILE F 79 -20.47 3.57 -36.30
C ILE F 79 -19.84 4.06 -34.99
N VAL F 80 -18.51 3.94 -34.87
CA VAL F 80 -17.78 4.57 -33.77
C VAL F 80 -16.85 5.60 -34.41
N ALA F 81 -17.05 6.86 -34.07
CA ALA F 81 -16.33 7.96 -34.72
C ALA F 81 -15.92 8.99 -33.70
N GLY F 82 -14.96 9.83 -34.03
CA GLY F 82 -14.51 10.83 -33.09
C GLY F 82 -13.33 11.60 -33.65
N ARG F 83 -12.78 12.49 -32.84
CA ARG F 83 -11.65 13.31 -33.26
C ARG F 83 -10.53 13.05 -32.28
N VAL F 84 -9.30 13.01 -32.79
CA VAL F 84 -8.10 13.00 -31.93
C VAL F 84 -7.53 14.42 -31.94
N VAL F 85 -7.40 15.00 -30.76
CA VAL F 85 -6.76 16.31 -30.57
C VAL F 85 -5.72 16.20 -29.48
N ASP F 86 -4.88 17.22 -29.34
CA ASP F 86 -4.00 17.32 -28.19
C ASP F 86 -4.60 18.22 -27.11
N GLN F 87 -3.90 18.36 -25.98
CA GLN F 87 -4.48 19.08 -24.86
C GLN F 87 -4.67 20.58 -25.14
N TYR F 88 -4.01 21.10 -26.19
CA TYR F 88 -4.19 22.49 -26.60
C TYR F 88 -5.35 22.62 -27.57
N GLY F 89 -6.00 21.49 -27.85
CA GLY F 89 -7.14 21.46 -28.76
C GLY F 89 -6.75 21.31 -30.22
N LYS F 90 -5.47 21.07 -30.51
CA LYS F 90 -5.00 20.95 -31.90
C LYS F 90 -5.30 19.57 -32.45
N PRO F 91 -5.92 19.48 -33.64
CA PRO F 91 -6.17 18.15 -34.20
C PRO F 91 -4.90 17.37 -34.46
N VAL F 92 -5.01 16.05 -34.38
CA VAL F 92 -3.87 15.18 -34.64
C VAL F 92 -4.18 14.41 -35.92
N PRO F 93 -3.74 14.96 -37.07
CA PRO F 93 -4.09 14.32 -38.35
C PRO F 93 -3.18 13.17 -38.73
N ASN F 94 -3.67 12.27 -39.58
CA ASN F 94 -2.84 11.19 -40.12
C ASN F 94 -2.16 10.33 -39.06
N THR F 95 -2.89 10.10 -37.96
CA THR F 95 -2.39 9.29 -36.85
C THR F 95 -3.06 7.90 -36.82
N LEU F 96 -2.35 6.90 -36.32
CA LEU F 96 -2.85 5.52 -36.36
C LEU F 96 -3.74 5.22 -35.17
N VAL F 97 -4.97 4.79 -35.47
CA VAL F 97 -5.95 4.39 -34.46
C VAL F 97 -6.28 2.92 -34.71
N GLU F 98 -6.01 2.08 -33.71
CA GLU F 98 -6.25 0.67 -33.78
C GLU F 98 -7.26 0.33 -32.71
N MET F 99 -8.12 -0.64 -32.98
CA MET F 99 -9.15 -1.00 -32.01
C MET F 99 -9.42 -2.50 -32.07
N TRP F 100 -9.87 -3.06 -30.96
CA TRP F 100 -10.26 -4.45 -30.94
C TRP F 100 -11.29 -4.70 -29.85
N GLN F 101 -12.06 -5.77 -29.98
CA GLN F 101 -13.22 -5.97 -29.15
C GLN F 101 -13.74 -7.38 -29.24
N ALA F 102 -14.59 -7.71 -28.30
CA ALA F 102 -15.37 -8.94 -28.33
C ALA F 102 -16.56 -8.82 -29.29
N ASN F 103 -17.23 -9.94 -29.54
CA ASN F 103 -18.44 -9.93 -30.37
C ASN F 103 -19.67 -9.49 -29.57
N ALA F 104 -20.83 -9.62 -30.18
CA ALA F 104 -22.06 -9.18 -29.52
C ALA F 104 -22.37 -9.90 -28.21
N GLY F 105 -21.80 -11.09 -28.03
CA GLY F 105 -21.99 -11.87 -26.83
C GLY F 105 -20.89 -11.77 -25.78
N GLY F 106 -19.92 -10.91 -25.99
CA GLY F 106 -18.82 -10.77 -25.03
C GLY F 106 -17.71 -11.79 -25.20
N ARG F 107 -17.72 -12.50 -26.34
CA ARG F 107 -16.69 -13.52 -26.65
C ARG F 107 -15.62 -12.94 -27.56
N TYR F 108 -14.34 -13.12 -27.16
CA TYR F 108 -13.18 -12.69 -27.97
C TYR F 108 -12.70 -13.80 -28.86
N ARG F 109 -12.24 -13.42 -30.05
CA ARG F 109 -11.67 -14.36 -31.00
C ARG F 109 -10.19 -14.52 -30.67
N HIS F 110 -9.94 -15.19 -29.56
CA HIS F 110 -8.60 -15.53 -29.12
C HIS F 110 -8.67 -16.89 -28.43
N LYS F 111 -7.66 -17.72 -28.66
CA LYS F 111 -7.66 -19.08 -28.11
C LYS F 111 -7.79 -19.12 -26.59
N ASN F 112 -7.32 -18.10 -25.90
CA ASN F 112 -7.36 -18.06 -24.43
C ASN F 112 -8.74 -17.73 -23.86
N ASP F 113 -9.67 -17.29 -24.72
CA ASP F 113 -11.02 -17.01 -24.26
C ASP F 113 -11.93 -18.23 -24.46
N ARG F 114 -12.30 -18.85 -23.34
CA ARG F 114 -13.14 -20.04 -23.39
C ARG F 114 -14.53 -19.79 -22.85
N TYR F 115 -14.93 -18.51 -22.82
CA TYR F 115 -16.29 -18.17 -22.39
C TYR F 115 -17.30 -18.93 -23.25
N LEU F 116 -18.34 -19.44 -22.60
CA LEU F 116 -19.27 -20.33 -23.28
C LEU F 116 -20.15 -19.66 -24.35
N ALA F 117 -20.24 -18.33 -24.35
CA ALA F 117 -20.98 -17.62 -25.39
C ALA F 117 -20.27 -17.82 -26.71
N PRO F 118 -21.03 -18.11 -27.78
CA PRO F 118 -20.38 -18.53 -29.01
C PRO F 118 -19.66 -17.42 -29.75
N LEU F 119 -18.65 -17.82 -30.51
CA LEU F 119 -18.09 -16.98 -31.55
C LEU F 119 -19.10 -16.74 -32.66
N ASP F 120 -18.95 -15.61 -33.35
CA ASP F 120 -19.77 -15.26 -34.50
C ASP F 120 -18.90 -15.53 -35.75
N PRO F 121 -19.34 -16.43 -36.64
CA PRO F 121 -18.50 -16.80 -37.77
C PRO F 121 -18.16 -15.65 -38.72
N ASN F 122 -18.92 -14.55 -38.64
CA ASN F 122 -18.66 -13.40 -39.48
C ASN F 122 -18.14 -12.20 -38.68
N PHE F 123 -17.59 -12.45 -37.50
CA PHE F 123 -17.02 -11.34 -36.73
C PHE F 123 -15.63 -11.67 -36.23
N GLY F 124 -14.67 -10.78 -36.51
CA GLY F 124 -13.28 -10.92 -36.03
C GLY F 124 -12.91 -9.99 -34.88
N GLY F 125 -13.42 -8.76 -34.92
CA GLY F 125 -13.24 -7.85 -33.79
C GLY F 125 -12.02 -6.96 -33.81
N VAL F 126 -11.41 -6.78 -34.99
CA VAL F 126 -10.20 -5.96 -35.13
CA VAL F 126 -10.22 -5.93 -35.09
C VAL F 126 -10.36 -4.90 -36.21
N GLY F 127 -10.01 -3.65 -35.89
CA GLY F 127 -10.01 -2.56 -36.84
C GLY F 127 -8.79 -1.66 -36.75
N ARG F 128 -8.52 -0.94 -37.84
CA ARG F 128 -7.54 0.14 -37.81
C ARG F 128 -7.85 1.15 -38.87
N CYS F 129 -7.36 2.37 -38.65
CA CYS F 129 -7.47 3.43 -39.64
C CYS F 129 -6.49 4.54 -39.30
N LEU F 130 -6.37 5.52 -40.18
CA LEU F 130 -5.67 6.76 -39.86
C LEU F 130 -6.70 7.85 -39.66
N THR F 131 -6.44 8.75 -38.71
CA THR F 131 -7.24 9.96 -38.71
C THR F 131 -7.03 10.74 -40.00
N ASP F 132 -8.08 11.44 -40.42
CA ASP F 132 -8.00 12.26 -41.63
C ASP F 132 -7.24 13.56 -41.37
N SER F 133 -7.19 14.43 -42.36
CA SER F 133 -6.42 15.66 -42.23
C SER F 133 -6.93 16.65 -41.18
N ASP F 134 -8.14 16.41 -40.65
CA ASP F 134 -8.76 17.26 -39.62
C ASP F 134 -8.82 16.54 -38.28
N GLY F 135 -8.19 15.37 -38.21
CA GLY F 135 -8.10 14.59 -36.96
C GLY F 135 -9.24 13.62 -36.68
N TYR F 136 -10.14 13.39 -37.64
CA TYR F 136 -11.30 12.50 -37.42
C TYR F 136 -11.05 11.06 -37.86
N TYR F 137 -11.58 10.10 -37.11
CA TYR F 137 -11.48 8.68 -37.46
C TYR F 137 -12.92 8.12 -37.50
N SER F 138 -13.12 6.99 -38.15
N SER F 138 -13.07 6.96 -38.13
CA SER F 138 -14.39 6.30 -38.03
CA SER F 138 -14.34 6.28 -38.22
C SER F 138 -14.27 4.83 -38.36
C SER F 138 -14.17 4.77 -38.34
N PHE F 139 -14.95 4.03 -37.55
CA PHE F 139 -15.06 2.58 -37.69
C PHE F 139 -16.52 2.21 -37.81
N ARG F 140 -16.80 1.07 -38.43
CA ARG F 140 -18.11 0.46 -38.36
C ARG F 140 -17.96 -0.91 -37.69
N THR F 141 -18.86 -1.24 -36.77
CA THR F 141 -18.73 -2.46 -36.02
C THR F 141 -20.04 -2.92 -35.42
N ILE F 142 -19.95 -3.94 -34.57
CA ILE F 142 -21.05 -4.48 -33.76
C ILE F 142 -20.82 -3.99 -32.32
N LYS F 143 -21.86 -3.54 -31.61
CA LYS F 143 -21.65 -3.19 -30.21
C LYS F 143 -21.29 -4.46 -29.42
N PRO F 144 -20.13 -4.44 -28.73
CA PRO F 144 -19.71 -5.65 -28.02
C PRO F 144 -20.56 -5.90 -26.77
N GLY F 145 -20.73 -7.16 -26.40
CA GLY F 145 -21.43 -7.52 -25.18
C GLY F 145 -20.51 -7.47 -23.97
N PRO F 146 -21.09 -7.32 -22.77
CA PRO F 146 -20.27 -7.43 -21.55
C PRO F 146 -19.56 -8.78 -21.50
N ALA F 147 -18.37 -8.79 -20.89
CA ALA F 147 -17.55 -9.99 -20.87
C ALA F 147 -17.26 -10.36 -19.41
N PRO F 148 -17.63 -11.58 -18.98
CA PRO F 148 -17.31 -12.00 -17.62
C PRO F 148 -15.82 -12.33 -17.55
N TRP F 149 -15.23 -12.17 -16.37
CA TRP F 149 -13.80 -12.43 -16.25
C TRP F 149 -13.46 -12.83 -14.82
N ARG F 150 -12.36 -13.55 -14.69
CA ARG F 150 -11.97 -14.14 -13.42
C ARG F 150 -11.17 -13.20 -12.53
N ASN F 151 -11.88 -12.21 -11.99
CA ASN F 151 -11.31 -11.27 -11.06
C ASN F 151 -11.99 -11.59 -9.72
N GLY F 152 -12.97 -10.79 -9.30
CA GLY F 152 -13.86 -11.21 -8.22
C GLY F 152 -14.78 -12.34 -8.69
N PRO F 153 -15.60 -12.91 -7.79
CA PRO F 153 -16.41 -14.06 -8.16
C PRO F 153 -17.57 -13.80 -9.14
N ASN F 154 -17.97 -12.54 -9.32
CA ASN F 154 -19.04 -12.21 -10.28
C ASN F 154 -18.75 -10.87 -10.95
N ASP F 155 -17.62 -10.81 -11.63
CA ASP F 155 -17.18 -9.57 -12.27
C ASP F 155 -17.41 -9.64 -13.77
N TRP F 156 -17.93 -8.54 -14.31
CA TRP F 156 -18.27 -8.46 -15.73
C TRP F 156 -17.76 -7.13 -16.26
N ARG F 157 -16.99 -7.15 -17.34
CA ARG F 157 -16.58 -5.89 -17.95
C ARG F 157 -17.83 -5.24 -18.55
N PRO F 158 -17.94 -3.91 -18.46
CA PRO F 158 -18.96 -3.24 -19.29
C PRO F 158 -18.64 -3.51 -20.75
N ALA F 159 -19.61 -3.32 -21.64
CA ALA F 159 -19.30 -3.35 -23.07
C ALA F 159 -18.13 -2.39 -23.32
N HIS F 160 -17.12 -2.86 -24.05
CA HIS F 160 -15.94 -2.00 -24.24
C HIS F 160 -15.21 -2.30 -25.53
N ILE F 161 -14.52 -1.29 -26.04
CA ILE F 161 -13.65 -1.46 -27.22
C ILE F 161 -12.28 -0.94 -26.83
N TYR F 162 -11.24 -1.74 -27.04
CA TYR F 162 -9.87 -1.27 -26.81
C TYR F 162 -9.45 -0.34 -27.92
N PHE F 163 -8.74 0.73 -27.56
CA PHE F 163 -8.19 1.67 -28.52
C PHE F 163 -6.70 1.84 -28.33
N GLY F 164 -5.96 1.88 -29.44
CA GLY F 164 -4.54 2.27 -29.39
C GLY F 164 -4.38 3.45 -30.32
N ILE F 165 -3.69 4.49 -29.87
CA ILE F 165 -3.46 5.70 -30.68
C ILE F 165 -1.98 6.06 -30.65
N SER F 166 -1.37 6.28 -31.82
CA SER F 166 0.08 6.55 -31.89
C SER F 166 0.39 8.01 -31.51
N GLY F 167 -0.28 8.93 -32.17
CA GLY F 167 0.05 10.36 -32.01
C GLY F 167 1.42 10.71 -32.57
N PRO F 168 1.86 11.95 -32.34
CA PRO F 168 3.10 12.48 -32.93
C PRO F 168 4.40 11.87 -32.39
N SER F 169 4.39 11.23 -31.23
CA SER F 169 5.65 10.72 -30.67
C SER F 169 5.40 9.51 -29.78
N ILE F 170 6.48 8.80 -29.43
CA ILE F 170 6.30 7.69 -28.48
C ILE F 170 5.84 8.20 -27.09
N ALA F 171 6.07 9.49 -26.82
CA ALA F 171 5.59 10.11 -25.58
C ALA F 171 4.06 10.28 -25.57
N THR F 172 3.43 10.35 -26.75
CA THR F 172 1.95 10.52 -26.85
C THR F 172 1.20 9.20 -26.98
N LYS F 173 1.90 8.13 -27.39
CA LYS F 173 1.23 6.83 -27.60
C LYS F 173 0.41 6.41 -26.37
N LEU F 174 -0.79 5.91 -26.63
CA LEU F 174 -1.75 5.57 -25.57
C LEU F 174 -2.55 4.34 -25.94
N ILE F 175 -2.76 3.44 -24.97
CA ILE F 175 -3.84 2.46 -25.06
C ILE F 175 -4.90 2.77 -24.01
N THR F 176 -6.17 2.66 -24.42
CA THR F 176 -7.26 2.96 -23.54
C THR F 176 -8.46 2.05 -23.87
N GLN F 177 -9.57 2.22 -23.13
CA GLN F 177 -10.82 1.50 -23.45
C GLN F 177 -11.97 2.46 -23.50
N LEU F 178 -12.81 2.28 -24.54
CA LEU F 178 -14.05 3.00 -24.74
C LEU F 178 -15.16 2.22 -24.06
N TYR F 179 -16.03 2.94 -23.35
CA TYR F 179 -17.26 2.37 -22.76
C TYR F 179 -18.45 3.11 -23.37
N PHE F 180 -19.65 2.62 -23.10
CA PHE F 180 -20.86 3.13 -23.75
C PHE F 180 -21.82 3.81 -22.81
N GLU F 181 -22.34 4.96 -23.26
CA GLU F 181 -23.24 5.79 -22.48
C GLU F 181 -24.35 4.98 -21.80
N GLY F 182 -24.45 5.14 -20.48
CA GLY F 182 -25.54 4.52 -19.72
C GLY F 182 -25.30 3.13 -19.19
N ASP F 183 -24.21 2.49 -19.60
CA ASP F 183 -23.98 1.10 -19.22
C ASP F 183 -23.92 0.95 -17.70
N PRO F 184 -24.87 0.22 -17.09
CA PRO F 184 -24.87 0.16 -15.62
C PRO F 184 -23.69 -0.63 -15.04
N LEU F 185 -22.92 -1.31 -15.89
CA LEU F 185 -21.75 -2.04 -15.41
C LEU F 185 -20.56 -1.12 -15.17
N ILE F 186 -20.56 0.07 -15.75
CA ILE F 186 -19.39 0.97 -15.67
C ILE F 186 -18.99 1.29 -14.21
N PRO F 187 -19.95 1.70 -13.35
CA PRO F 187 -19.58 2.05 -11.96
C PRO F 187 -19.07 0.86 -11.13
N MET F 188 -19.32 -0.36 -11.60
CA MET F 188 -19.00 -1.59 -10.86
C MET F 188 -17.66 -2.19 -11.23
N CYS F 189 -17.02 -1.70 -12.30
CA CYS F 189 -15.91 -2.44 -12.88
C CYS F 189 -14.58 -2.05 -12.23
N PRO F 190 -13.81 -3.03 -11.70
CA PRO F 190 -12.52 -2.68 -11.08
C PRO F 190 -11.45 -2.19 -12.06
N ILE F 191 -11.61 -2.46 -13.35
CA ILE F 191 -10.69 -1.90 -14.35
C ILE F 191 -11.05 -0.44 -14.64
N VAL F 192 -12.33 -0.14 -14.84
CA VAL F 192 -12.73 1.27 -14.92
C VAL F 192 -12.25 2.02 -13.66
N LYS F 193 -12.47 1.40 -12.50
CA LYS F 193 -12.16 2.06 -11.22
C LYS F 193 -10.68 2.09 -10.88
N SER F 194 -9.84 1.52 -11.74
CA SER F 194 -8.40 1.80 -11.62
C SER F 194 -8.11 3.28 -11.76
N ILE F 195 -9.00 3.98 -12.45
CA ILE F 195 -8.95 5.43 -12.56
C ILE F 195 -9.65 6.01 -11.31
N ALA F 196 -8.88 6.76 -10.51
CA ALA F 196 -9.39 7.25 -9.22
C ALA F 196 -10.38 8.40 -9.33
N ASN F 197 -10.20 9.26 -10.32
CA ASN F 197 -10.99 10.47 -10.47
C ASN F 197 -12.23 10.20 -11.33
N PRO F 198 -13.43 10.39 -10.75
CA PRO F 198 -14.64 10.10 -11.55
C PRO F 198 -14.78 10.92 -12.84
N GLU F 199 -14.22 12.13 -12.87
CA GLU F 199 -14.25 12.95 -14.08
C GLU F 199 -13.38 12.34 -15.19
N ALA F 200 -12.30 11.67 -14.81
CA ALA F 200 -11.48 10.95 -15.78
C ALA F 200 -12.22 9.73 -16.37
N VAL F 201 -12.93 9.00 -15.53
CA VAL F 201 -13.73 7.89 -16.02
C VAL F 201 -14.74 8.38 -17.08
N GLN F 202 -15.34 9.55 -16.84
CA GLN F 202 -16.34 10.08 -17.78
C GLN F 202 -15.76 10.35 -19.16
N GLN F 203 -14.46 10.63 -19.21
CA GLN F 203 -13.77 10.85 -20.48
C GLN F 203 -13.68 9.61 -21.36
N LEU F 204 -13.94 8.44 -20.78
CA LEU F 204 -13.86 7.19 -21.54
C LEU F 204 -15.22 6.72 -22.00
N ILE F 205 -16.26 7.51 -21.73
CA ILE F 205 -17.62 7.05 -22.04
C ILE F 205 -18.08 7.67 -23.36
N ALA F 206 -18.20 6.84 -24.40
CA ALA F 206 -18.68 7.30 -25.71
C ALA F 206 -20.16 7.64 -25.61
N LYS F 207 -20.55 8.68 -26.32
CA LYS F 207 -21.94 9.14 -26.29
C LYS F 207 -22.70 8.69 -27.53
N LEU F 208 -23.95 8.27 -27.32
CA LEU F 208 -24.88 8.00 -28.44
C LEU F 208 -24.95 9.25 -29.30
N ASP F 209 -24.81 9.04 -30.62
CA ASP F 209 -24.67 10.16 -31.56
C ASP F 209 -25.68 9.97 -32.70
N MET F 210 -26.92 10.37 -32.45
CA MET F 210 -27.98 10.10 -33.41
C MET F 210 -27.74 10.86 -34.70
N ASN F 211 -27.05 11.98 -34.58
CA ASN F 211 -26.74 12.83 -35.73
C ASN F 211 -25.91 12.11 -36.77
N ASN F 212 -25.15 11.11 -36.34
CA ASN F 212 -24.21 10.43 -37.22
C ASN F 212 -24.72 9.06 -37.66
N ALA F 213 -25.92 8.70 -37.23
CA ALA F 213 -26.50 7.40 -37.55
C ALA F 213 -26.98 7.34 -39.00
N ASN F 214 -27.01 6.14 -39.55
CA ASN F 214 -27.70 5.89 -40.84
C ASN F 214 -29.09 5.33 -40.54
N PRO F 215 -30.17 6.09 -40.83
CA PRO F 215 -31.50 5.57 -40.55
C PRO F 215 -31.73 4.21 -41.19
N MET F 216 -32.48 3.36 -40.48
CA MET F 216 -32.83 2.01 -40.93
C MET F 216 -31.61 1.14 -41.23
N ASP F 217 -30.51 1.46 -40.56
CA ASP F 217 -29.22 0.85 -40.89
C ASP F 217 -28.32 0.67 -39.64
N CYS F 218 -27.79 1.76 -39.12
CA CYS F 218 -26.87 1.63 -37.98
C CYS F 218 -26.97 2.85 -37.10
N LEU F 219 -26.77 2.63 -35.81
CA LEU F 219 -26.60 3.73 -34.87
C LEU F 219 -25.15 4.23 -34.88
N ALA F 220 -24.84 5.16 -33.99
CA ALA F 220 -23.51 5.75 -33.97
C ALA F 220 -23.19 6.22 -32.56
N TYR F 221 -21.91 6.09 -32.21
CA TYR F 221 -21.35 6.59 -30.95
C TYR F 221 -20.15 7.49 -31.26
N ARG F 222 -19.95 8.50 -30.41
CA ARG F 222 -18.87 9.46 -30.57
C ARG F 222 -17.90 9.32 -29.41
N PHE F 223 -16.62 9.17 -29.74
CA PHE F 223 -15.56 8.98 -28.75
C PHE F 223 -14.36 9.85 -29.16
N ASP F 224 -14.17 10.97 -28.46
CA ASP F 224 -13.06 11.87 -28.77
C ASP F 224 -11.88 11.49 -27.88
N ILE F 225 -10.68 11.68 -28.41
CA ILE F 225 -9.46 11.29 -27.73
C ILE F 225 -8.56 12.49 -27.61
N VAL F 226 -8.01 12.70 -26.41
CA VAL F 226 -7.08 13.80 -26.17
C VAL F 226 -5.70 13.25 -25.83
N LEU F 227 -4.73 13.60 -26.66
CA LEU F 227 -3.33 13.22 -26.41
C LEU F 227 -2.59 14.38 -25.77
N ARG F 228 -1.40 14.08 -25.24
CA ARG F 228 -0.61 15.11 -24.55
C ARG F 228 -0.41 16.36 -25.42
N GLY F 229 -0.55 17.52 -24.80
CA GLY F 229 -0.31 18.80 -25.50
C GLY F 229 1.11 18.89 -26.06
N GLN F 230 1.21 19.36 -27.29
CA GLN F 230 2.51 19.54 -27.95
C GLN F 230 2.81 21.02 -28.10
N ARG F 231 3.99 21.41 -27.68
CA ARG F 231 4.46 22.79 -27.85
C ARG F 231 5.87 22.85 -28.44
N LYS F 232 6.22 24.01 -28.97
CA LYS F 232 7.61 24.23 -29.41
C LYS F 232 8.52 24.37 -28.21
N THR F 233 9.78 24.00 -28.40
CA THR F 233 10.82 24.28 -27.42
C THR F 233 10.97 25.80 -27.27
N HIS F 234 11.38 26.25 -26.09
CA HIS F 234 11.67 27.66 -25.85
C HIS F 234 12.70 27.83 -24.77
N PHE F 235 13.64 28.74 -24.99
CA PHE F 235 14.65 29.12 -23.97
C PHE F 235 15.43 27.94 -23.38
N GLU F 236 15.78 26.96 -24.22
CA GLU F 236 16.58 25.83 -23.77
C GLU F 236 18.07 26.05 -24.08
N ASN F 237 18.92 25.56 -23.17
CA ASN F 237 20.39 25.60 -23.29
C ASN F 237 20.95 27.02 -23.34
N CYS F 238 20.20 27.95 -22.75
CA CYS F 238 20.55 29.37 -22.75
C CYS F 238 19.90 29.99 -21.51
C1 BME G . 5.14 -16.89 6.95
C2 BME G . 6.45 -16.46 6.30
O1 BME G . 3.99 -16.20 6.43
S2 BME G . 6.08 -15.72 4.69
C1 GOL H . 1.69 -27.81 4.15
C1 GOL H . 2.61 -27.63 5.21
O1 GOL H . 2.64 -27.36 5.09
O1 GOL H . 3.31 -28.86 5.27
C2 GOL H . 1.36 -26.67 3.21
C2 GOL H . 2.57 -27.08 3.80
O2 GOL H . 0.65 -27.19 2.11
O2 GOL H . 3.34 -27.91 2.96
C3 GOL H . 2.65 -26.06 2.72
C3 GOL H . 3.19 -25.68 3.79
O3 GOL H . 3.61 -26.17 3.75
O3 GOL H . 4.60 -25.77 3.88
S SO4 I . -5.56 -32.86 21.12
O1 SO4 I . -5.47 -34.02 22.01
O2 SO4 I . -4.55 -33.00 20.08
O3 SO4 I . -6.88 -32.86 20.52
O4 SO4 I . -5.35 -31.64 21.89
C1 GOL J . 21.47 -4.23 15.55
O1 GOL J . 21.75 -5.51 15.01
C2 GOL J . 22.08 -3.14 14.67
O2 GOL J . 22.34 -3.64 13.38
C3 GOL J . 23.39 -2.67 15.29
O3 GOL J . 24.31 -2.37 14.26
S SO4 K . 34.28 13.12 13.97
O1 SO4 K . 34.05 11.69 13.95
O2 SO4 K . 35.70 13.37 14.27
O3 SO4 K . 33.95 13.75 12.70
O4 SO4 K . 33.46 13.74 15.00
C1 GOL L . 18.44 -8.39 -16.68
O1 GOL L . 18.70 -9.64 -16.11
C2 GOL L . 19.19 -8.20 -17.98
O2 GOL L . 18.95 -6.90 -18.46
C3 GOL L . 18.68 -9.18 -19.02
O3 GOL L . 19.68 -10.12 -19.32
S SO4 M . 10.88 -14.78 -34.94
O1 SO4 M . 9.67 -15.22 -34.27
O2 SO4 M . 12.01 -14.80 -34.01
O3 SO4 M . 11.16 -15.68 -36.06
O4 SO4 M . 10.70 -13.42 -35.44
C1 BME N . -8.84 -6.22 22.83
C2 BME N . -8.81 -5.28 21.64
O1 BME N . -10.08 -6.93 22.68
S2 BME N . -10.46 -5.53 20.93
C1 BME O . -32.25 -23.59 22.18
C2 BME O . -30.93 -22.87 22.42
O1 BME O . -32.42 -24.56 23.21
S2 BME O . -31.20 -21.12 22.07
C1 BME P . 1.99 2.82 25.32
C2 BME P . 2.55 1.45 25.70
O1 BME P . 1.31 3.39 26.45
S2 BME P . 1.69 0.13 24.80
C1 GOL Q . -28.68 -1.90 12.67
O1 GOL Q . -27.48 -2.29 13.32
C2 GOL Q . -29.78 -2.79 13.23
O2 GOL Q . -29.19 -3.52 14.27
C3 GOL Q . -30.92 -1.95 13.84
O3 GOL Q . -30.72 -1.89 15.25
S SO4 R . -42.22 -10.64 9.42
O1 SO4 R . -42.01 -11.78 10.31
O2 SO4 R . -41.42 -9.51 9.88
O3 SO4 R . -41.80 -11.00 8.06
O4 SO4 R . -43.63 -10.27 9.41
C1 BME S . -4.25 -6.77 19.04
C1 BME S . -5.28 -6.81 19.29
C2 BME S . -5.70 -6.50 19.43
C2 BME S . -6.66 -6.29 18.91
O1 BME S . -3.81 -5.65 18.26
O1 BME S . -4.45 -6.87 18.12
S2 BME S . -6.73 -7.04 18.04
S2 BME S . -7.55 -5.71 20.38
C1 BME T . -18.36 -17.42 -8.60
C2 BME T . -17.44 -17.67 -7.43
O1 BME T . -17.51 -17.46 -9.75
S2 BME T . -18.35 -17.97 -5.89
FE FE U . -11.88 -6.64 22.14
C1 BME V . 14.76 20.02 -2.24
C2 BME V . 13.29 19.68 -2.52
O1 BME V . 14.77 21.01 -1.21
S2 BME V . 12.40 20.43 -1.14
C1 BME W . 18.78 35.36 22.68
C2 BME W . 19.03 35.25 21.18
O1 BME W . 19.39 34.24 23.34
S2 BME W . 17.56 34.54 20.39
C1 BME X . 14.40 14.81 -3.01
C1 BME X . 13.99 15.43 -2.83
C2 BME X . 13.96 16.13 -2.37
C2 BME X . 13.36 16.34 -1.78
O1 BME X . 13.37 13.83 -3.06
O1 BME X . 13.45 14.11 -2.73
S2 BME X . 13.12 15.82 -0.80
S2 BME X . 13.42 18.07 -2.34
FE FE Y . 13.43 22.35 -0.09
C1 BME Z . -11.04 -9.74 -20.29
C1 BME Z . -11.89 -8.85 -20.53
C2 BME Z . -11.05 -8.68 -19.22
C2 BME Z . -11.14 -8.60 -19.23
O1 BME Z . -11.08 -9.07 -21.55
O1 BME Z . -11.23 -8.16 -21.58
S2 BME Z . -11.20 -7.13 -20.14
S2 BME Z . -10.31 -10.14 -18.76
C1 BME AA . -8.55 -12.73 -17.65
C2 BME AA . -9.36 -13.37 -16.52
O1 BME AA . -9.35 -11.72 -18.27
S2 BME AA . -10.80 -14.23 -17.21
C1 BME BA . -6.86 -9.74 -16.46
C2 BME BA . -7.95 -8.86 -17.10
O1 BME BA . -7.23 -10.15 -15.16
S2 BME BA . -7.28 -7.42 -17.97
FE FE CA . -11.69 -7.00 -22.38
#